data_2L2F
#
_entry.id   2L2F
#
_entity_poly.entity_id   1
_entity_poly.type   'polypeptide(L)'
_entity_poly.pdbx_seq_one_letter_code
;MGNFHESSNNIWLEDGHILHAECGNGEGDYVESTLDLDYYIGNDDGSFSWGGENFSGSASNITLDIEGDDNIPVLRAELN
PMDGDPVEANVNLSERIGNDCGTLIFLA
;
_entity_poly.pdbx_strand_id   A
#
# COMPACT_ATOMS: atom_id res chain seq x y z
N MET A 1 -1.73 13.21 4.39
CA MET A 1 -2.13 11.79 4.44
C MET A 1 -2.36 11.23 3.04
N GLY A 2 -2.67 9.94 2.96
CA GLY A 2 -2.90 9.31 1.68
C GLY A 2 -4.35 9.32 1.28
N ASN A 3 -4.87 10.53 1.11
CA ASN A 3 -6.25 10.73 0.69
C ASN A 3 -6.51 10.11 -0.68
N PHE A 4 -5.43 9.80 -1.40
CA PHE A 4 -5.54 9.24 -2.74
C PHE A 4 -6.59 8.12 -2.79
N HIS A 5 -6.74 7.39 -1.69
CA HIS A 5 -7.70 6.31 -1.62
C HIS A 5 -9.13 6.85 -1.78
N GLU A 6 -9.36 8.04 -1.25
CA GLU A 6 -10.67 8.68 -1.32
C GLU A 6 -10.88 9.35 -2.68
N SER A 7 -9.78 9.67 -3.35
CA SER A 7 -9.84 10.32 -4.65
C SER A 7 -9.38 9.38 -5.77
N SER A 8 -9.30 8.09 -5.46
CA SER A 8 -8.87 7.10 -6.45
C SER A 8 -9.88 5.95 -6.54
N ASN A 9 -9.91 5.30 -7.69
CA ASN A 9 -10.81 4.18 -7.92
C ASN A 9 -10.03 2.92 -8.24
N ASN A 10 -10.68 1.77 -8.06
CA ASN A 10 -10.05 0.48 -8.31
C ASN A 10 -8.78 0.32 -7.49
N ILE A 11 -8.94 0.39 -6.17
CA ILE A 11 -7.80 0.24 -5.26
C ILE A 11 -7.66 -1.20 -4.80
N TRP A 12 -6.54 -1.82 -5.15
CA TRP A 12 -6.29 -3.21 -4.78
C TRP A 12 -4.80 -3.54 -4.90
N LEU A 13 -4.47 -4.82 -4.72
CA LEU A 13 -3.09 -5.27 -4.81
C LEU A 13 -2.97 -6.51 -5.70
N GLU A 14 -1.84 -6.60 -6.41
CA GLU A 14 -1.61 -7.73 -7.30
C GLU A 14 -0.35 -8.50 -6.87
N ASP A 15 -0.53 -9.77 -6.53
CA ASP A 15 0.58 -10.61 -6.10
C ASP A 15 1.24 -10.06 -4.83
N GLY A 16 0.54 -9.18 -4.13
CA GLY A 16 1.06 -8.60 -2.91
C GLY A 16 2.36 -7.84 -3.13
N HIS A 17 2.33 -6.86 -4.03
CA HIS A 17 3.52 -6.05 -4.32
C HIS A 17 3.20 -4.94 -5.32
N ILE A 18 2.26 -5.19 -6.22
CA ILE A 18 1.87 -4.19 -7.21
C ILE A 18 0.55 -3.52 -6.84
N LEU A 19 0.53 -2.20 -6.87
CA LEU A 19 -0.67 -1.43 -6.53
C LEU A 19 -1.25 -0.75 -7.76
N HIS A 20 -2.57 -0.75 -7.86
CA HIS A 20 -3.26 -0.12 -8.97
C HIS A 20 -4.40 0.75 -8.48
N ALA A 21 -4.52 1.95 -9.06
CA ALA A 21 -5.58 2.87 -8.66
C ALA A 21 -5.72 4.01 -9.68
N GLU A 22 -6.95 4.46 -9.88
CA GLU A 22 -7.23 5.54 -10.82
C GLU A 22 -7.40 6.87 -10.09
N CYS A 23 -6.32 7.66 -10.05
CA CYS A 23 -6.36 8.95 -9.38
C CYS A 23 -6.51 10.09 -10.38
N GLY A 24 -7.42 11.01 -10.09
CA GLY A 24 -7.66 12.13 -10.98
C GLY A 24 -6.58 13.20 -10.85
N ASN A 25 -6.73 14.28 -11.61
CA ASN A 25 -5.76 15.37 -11.58
C ASN A 25 -6.40 16.66 -11.06
N GLY A 26 -7.68 16.84 -11.36
CA GLY A 26 -8.39 18.02 -10.92
C GLY A 26 -9.33 18.57 -11.97
N GLU A 27 -9.02 18.29 -13.24
CA GLU A 27 -9.85 18.76 -14.35
C GLU A 27 -11.20 18.06 -14.35
N GLY A 28 -11.22 16.83 -13.83
CA GLY A 28 -12.46 16.07 -13.79
C GLY A 28 -12.32 14.67 -14.35
N ASP A 29 -11.12 14.36 -14.87
CA ASP A 29 -10.87 13.03 -15.44
C ASP A 29 -10.00 12.19 -14.49
N TYR A 30 -9.98 10.89 -14.73
CA TYR A 30 -9.19 9.98 -13.90
C TYR A 30 -7.94 9.53 -14.64
N VAL A 31 -6.93 9.11 -13.89
CA VAL A 31 -5.68 8.66 -14.46
C VAL A 31 -5.19 7.37 -13.82
N GLU A 32 -5.15 6.29 -14.59
CA GLU A 32 -4.72 5.00 -14.09
C GLU A 32 -3.24 5.03 -13.72
N SER A 33 -2.95 4.74 -12.46
CA SER A 33 -1.57 4.74 -11.98
C SER A 33 -1.32 3.51 -11.09
N THR A 34 -0.04 3.16 -10.92
CA THR A 34 0.33 2.02 -10.11
C THR A 34 1.61 2.30 -9.33
N LEU A 35 1.77 1.60 -8.21
CA LEU A 35 2.96 1.78 -7.37
C LEU A 35 3.49 0.44 -6.88
N ASP A 36 4.81 0.31 -6.84
CA ASP A 36 5.45 -0.92 -6.39
C ASP A 36 5.84 -0.82 -4.93
N LEU A 37 5.36 -1.75 -4.12
CA LEU A 37 5.65 -1.77 -2.70
C LEU A 37 6.92 -2.55 -2.43
N ASP A 38 7.20 -3.52 -3.30
CA ASP A 38 8.39 -4.35 -3.16
C ASP A 38 9.64 -3.50 -3.13
N TYR A 39 9.50 -2.23 -3.50
CA TYR A 39 10.63 -1.30 -3.51
C TYR A 39 10.31 -0.01 -2.74
N TYR A 40 9.13 0.04 -2.12
CA TYR A 40 8.72 1.20 -1.35
C TYR A 40 8.48 0.84 0.11
N ILE A 41 8.10 -0.41 0.36
CA ILE A 41 7.84 -0.89 1.71
C ILE A 41 8.74 -2.06 2.07
N GLY A 42 9.17 -2.11 3.33
CA GLY A 42 10.04 -3.18 3.79
C GLY A 42 9.54 -3.82 5.06
N ASN A 43 10.23 -4.86 5.51
CA ASN A 43 9.86 -5.56 6.73
C ASN A 43 10.74 -5.15 7.91
N ASP A 44 10.15 -4.43 8.87
CA ASP A 44 10.90 -3.98 10.04
C ASP A 44 10.42 -4.69 11.30
N ASP A 45 11.15 -5.73 11.69
CA ASP A 45 10.79 -6.50 12.88
C ASP A 45 9.41 -7.13 12.72
N GLY A 46 9.17 -7.74 11.56
CA GLY A 46 7.89 -8.38 11.30
C GLY A 46 6.76 -7.37 11.15
N SER A 47 7.12 -6.11 10.88
CA SER A 47 6.13 -5.06 10.72
C SER A 47 6.37 -4.30 9.41
N PHE A 48 5.35 -3.57 8.97
CA PHE A 48 5.44 -2.80 7.73
C PHE A 48 6.17 -1.49 7.96
N SER A 49 7.01 -1.10 6.99
CA SER A 49 7.77 0.13 7.10
C SER A 49 7.65 0.97 5.83
N TRP A 50 7.23 2.22 5.99
CA TRP A 50 7.07 3.12 4.84
C TRP A 50 8.43 3.59 4.33
N GLY A 51 8.72 3.27 3.07
CA GLY A 51 9.99 3.67 2.49
C GLY A 51 10.99 2.54 2.42
N GLY A 52 10.53 1.32 2.69
CA GLY A 52 11.41 0.16 2.65
C GLY A 52 11.36 -0.55 1.31
N GLU A 53 11.58 -1.86 1.34
CA GLU A 53 11.56 -2.66 0.12
C GLU A 53 11.80 -4.13 0.42
N ASN A 54 11.34 -5.00 -0.47
CA ASN A 54 11.51 -6.43 -0.31
C ASN A 54 10.73 -6.94 0.90
N PHE A 55 9.65 -6.25 1.25
CA PHE A 55 8.82 -6.62 2.38
C PHE A 55 8.27 -8.04 2.20
N SER A 56 7.86 -8.35 0.97
CA SER A 56 7.30 -9.67 0.67
C SER A 56 8.38 -10.74 0.74
N GLY A 57 9.64 -10.34 0.57
CA GLY A 57 10.74 -11.28 0.62
C GLY A 57 10.71 -12.15 1.87
N SER A 58 10.09 -11.63 2.93
CA SER A 58 10.00 -12.37 4.19
C SER A 58 8.56 -12.38 4.70
N ALA A 59 7.61 -12.32 3.77
CA ALA A 59 6.19 -12.33 4.13
C ALA A 59 5.45 -13.44 3.40
N SER A 60 4.21 -13.68 3.81
CA SER A 60 3.39 -14.73 3.20
C SER A 60 1.96 -14.26 3.02
N ASN A 61 1.28 -14.79 1.99
CA ASN A 61 -0.10 -14.45 1.70
C ASN A 61 -0.36 -12.95 1.90
N ILE A 62 0.30 -12.13 1.11
CA ILE A 62 0.13 -10.67 1.20
C ILE A 62 -1.03 -10.20 0.34
N THR A 63 -2.05 -9.64 0.99
CA THR A 63 -3.23 -9.15 0.27
C THR A 63 -3.73 -7.85 0.89
N LEU A 64 -4.51 -7.10 0.11
CA LEU A 64 -5.06 -5.84 0.57
C LEU A 64 -6.56 -5.94 0.81
N ASP A 65 -7.00 -5.50 1.99
CA ASP A 65 -8.40 -5.56 2.35
C ASP A 65 -8.90 -4.19 2.83
N ILE A 66 -10.19 -3.95 2.69
CA ILE A 66 -10.79 -2.69 3.11
C ILE A 66 -11.16 -2.74 4.59
N GLU A 67 -10.90 -1.64 5.29
CA GLU A 67 -11.19 -1.55 6.72
C GLU A 67 -11.68 -0.15 7.08
N GLY A 68 -12.81 -0.09 7.78
CA GLY A 68 -13.37 1.18 8.18
C GLY A 68 -14.56 1.58 7.35
N ASP A 69 -15.33 2.56 7.83
CA ASP A 69 -16.50 3.04 7.13
C ASP A 69 -16.12 3.96 5.97
N ASP A 70 -14.88 4.43 5.97
CA ASP A 70 -14.39 5.32 4.92
C ASP A 70 -13.75 4.53 3.77
N ASN A 71 -13.64 3.21 3.94
CA ASN A 71 -13.04 2.36 2.92
C ASN A 71 -11.57 2.69 2.75
N ILE A 72 -10.76 2.20 3.68
CA ILE A 72 -9.32 2.44 3.64
C ILE A 72 -8.57 1.17 3.27
N PRO A 73 -7.85 1.18 2.13
CA PRO A 73 -7.08 0.02 1.67
C PRO A 73 -5.96 -0.36 2.65
N VAL A 74 -6.20 -1.41 3.42
CA VAL A 74 -5.22 -1.88 4.40
C VAL A 74 -4.55 -3.16 3.94
N LEU A 75 -3.22 -3.16 3.90
CA LEU A 75 -2.46 -4.33 3.47
C LEU A 75 -2.07 -5.19 4.67
N ARG A 76 -2.57 -6.41 4.70
CA ARG A 76 -2.27 -7.33 5.80
C ARG A 76 -1.53 -8.56 5.30
N ALA A 77 -0.46 -8.92 6.00
CA ALA A 77 0.34 -10.09 5.63
C ALA A 77 1.28 -10.50 6.76
N GLU A 78 1.51 -11.80 6.88
CA GLU A 78 2.39 -12.32 7.92
C GLU A 78 3.86 -12.03 7.58
N LEU A 79 4.48 -11.16 8.38
CA LEU A 79 5.87 -10.79 8.17
C LEU A 79 6.79 -11.58 9.08
N ASN A 80 8.03 -11.80 8.63
CA ASN A 80 9.01 -12.54 9.41
C ASN A 80 9.99 -11.59 10.09
N PRO A 81 9.91 -11.45 11.41
CA PRO A 81 10.79 -10.57 12.17
C PRO A 81 12.20 -11.15 12.32
N MET A 82 13.13 -10.32 12.77
CA MET A 82 14.51 -10.74 12.97
C MET A 82 14.66 -11.54 14.26
N ASP A 83 13.72 -11.35 15.19
CA ASP A 83 13.76 -12.06 16.45
C ASP A 83 13.33 -13.51 16.28
N GLY A 84 12.29 -13.72 15.48
CA GLY A 84 11.80 -15.06 15.25
C GLY A 84 10.28 -15.14 15.26
N ASP A 85 9.74 -16.16 14.61
CA ASP A 85 8.30 -16.35 14.55
C ASP A 85 7.63 -15.19 13.81
N PRO A 86 7.02 -15.44 12.64
CA PRO A 86 6.35 -14.41 11.86
C PRO A 86 5.11 -13.86 12.56
N VAL A 87 4.88 -12.56 12.42
CA VAL A 87 3.73 -11.92 13.03
C VAL A 87 2.85 -11.24 11.99
N GLU A 88 1.54 -11.25 12.22
CA GLU A 88 0.60 -10.64 11.30
C GLU A 88 0.79 -9.12 11.26
N ALA A 89 1.22 -8.62 10.10
CA ALA A 89 1.43 -7.19 9.93
C ALA A 89 0.32 -6.56 9.10
N ASN A 90 -0.05 -5.33 9.44
CA ASN A 90 -1.10 -4.62 8.72
C ASN A 90 -0.75 -3.14 8.55
N VAL A 91 -0.71 -2.69 7.30
CA VAL A 91 -0.39 -1.30 7.01
C VAL A 91 -1.40 -0.69 6.05
N ASN A 92 -1.85 0.52 6.37
CA ASN A 92 -2.82 1.21 5.54
C ASN A 92 -2.11 2.06 4.48
N LEU A 93 -2.19 1.62 3.23
CA LEU A 93 -1.56 2.34 2.13
C LEU A 93 -1.88 3.83 2.17
N SER A 94 -3.13 4.13 2.52
CA SER A 94 -3.58 5.52 2.63
C SER A 94 -2.78 6.30 3.66
N GLU A 95 -2.02 5.58 4.49
CA GLU A 95 -1.21 6.22 5.52
C GLU A 95 -0.20 7.19 4.92
N ARG A 96 0.51 6.73 3.89
CA ARG A 96 1.52 7.57 3.23
C ARG A 96 1.50 7.39 1.72
N ILE A 97 0.30 7.29 1.15
CA ILE A 97 0.17 7.12 -0.30
C ILE A 97 -0.73 8.22 -0.87
N GLY A 98 -0.17 9.03 -1.75
CA GLY A 98 -0.93 10.10 -2.36
C GLY A 98 -1.03 9.98 -3.87
N ASN A 99 -1.67 10.96 -4.50
CA ASN A 99 -1.83 10.97 -5.94
C ASN A 99 -1.53 12.35 -6.52
N ASP A 100 -0.36 12.48 -7.13
CA ASP A 100 0.05 13.75 -7.73
C ASP A 100 -0.32 13.81 -9.20
N CYS A 101 -1.19 14.75 -9.55
CA CYS A 101 -1.63 14.93 -10.93
C CYS A 101 -2.19 13.62 -11.49
N GLY A 102 -2.78 12.81 -10.60
CA GLY A 102 -3.34 11.54 -11.02
C GLY A 102 -2.35 10.39 -10.91
N THR A 103 -1.08 10.72 -10.77
CA THR A 103 -0.04 9.71 -10.64
C THR A 103 0.13 9.27 -9.20
N LEU A 104 0.44 7.99 -9.00
CA LEU A 104 0.62 7.44 -7.67
C LEU A 104 1.94 7.92 -7.06
N ILE A 105 1.87 8.45 -5.84
CA ILE A 105 3.05 8.95 -5.16
C ILE A 105 3.07 8.51 -3.70
N PHE A 106 4.22 8.67 -3.05
CA PHE A 106 4.37 8.28 -1.65
C PHE A 106 4.71 9.50 -0.79
N LEU A 107 4.09 9.57 0.39
CA LEU A 107 4.33 10.67 1.30
C LEU A 107 5.74 10.63 1.86
N ALA A 108 6.58 11.54 1.39
CA ALA A 108 7.98 11.60 1.83
C ALA A 108 8.31 12.99 2.38
N MET A 1 -1.30 12.34 4.70
CA MET A 1 -2.69 11.86 4.49
C MET A 1 -2.86 11.27 3.09
N GLY A 2 -2.88 9.95 3.00
CA GLY A 2 -3.05 9.30 1.71
C GLY A 2 -4.49 9.31 1.25
N ASN A 3 -5.02 10.50 1.07
CA ASN A 3 -6.40 10.68 0.62
C ASN A 3 -6.61 10.06 -0.75
N PHE A 4 -5.50 9.73 -1.44
CA PHE A 4 -5.58 9.16 -2.78
C PHE A 4 -6.64 8.05 -2.85
N HIS A 5 -6.79 7.32 -1.76
CA HIS A 5 -7.75 6.24 -1.69
C HIS A 5 -9.18 6.77 -1.83
N GLU A 6 -9.43 7.94 -1.24
CA GLU A 6 -10.74 8.57 -1.30
C GLU A 6 -10.99 9.23 -2.65
N SER A 7 -9.91 9.60 -3.34
CA SER A 7 -10.02 10.25 -4.64
C SER A 7 -9.56 9.32 -5.76
N SER A 8 -9.49 8.02 -5.48
CA SER A 8 -9.07 7.04 -6.47
C SER A 8 -10.07 5.89 -6.57
N ASN A 9 -10.09 5.22 -7.71
CA ASN A 9 -10.98 4.09 -7.93
C ASN A 9 -10.19 2.83 -8.24
N ASN A 10 -10.83 1.68 -8.05
CA ASN A 10 -10.19 0.40 -8.31
C ASN A 10 -8.92 0.24 -7.48
N ILE A 11 -9.07 0.30 -6.16
CA ILE A 11 -7.93 0.16 -5.26
C ILE A 11 -7.77 -1.30 -4.82
N TRP A 12 -6.64 -1.91 -5.19
CA TRP A 12 -6.38 -3.30 -4.84
C TRP A 12 -4.89 -3.61 -4.94
N LEU A 13 -4.55 -4.89 -4.81
CA LEU A 13 -3.16 -5.32 -4.89
C LEU A 13 -3.01 -6.57 -5.75
N GLU A 14 -1.90 -6.66 -6.47
CA GLU A 14 -1.64 -7.80 -7.34
C GLU A 14 -0.40 -8.56 -6.86
N ASP A 15 -0.59 -9.85 -6.55
CA ASP A 15 0.51 -10.69 -6.08
C ASP A 15 1.11 -10.14 -4.80
N GLY A 16 0.38 -9.26 -4.11
CA GLY A 16 0.86 -8.69 -2.87
C GLY A 16 2.16 -7.92 -3.04
N HIS A 17 2.16 -6.93 -3.92
CA HIS A 17 3.36 -6.12 -4.15
C HIS A 17 3.08 -4.99 -5.14
N ILE A 18 2.15 -5.20 -6.06
CA ILE A 18 1.80 -4.19 -7.05
C ILE A 18 0.50 -3.49 -6.67
N LEU A 19 0.54 -2.15 -6.69
CA LEU A 19 -0.63 -1.34 -6.35
C LEU A 19 -1.21 -0.67 -7.58
N HIS A 20 -2.54 -0.63 -7.68
CA HIS A 20 -3.21 0.00 -8.81
C HIS A 20 -4.40 0.82 -8.34
N ALA A 21 -4.52 2.04 -8.86
CA ALA A 21 -5.61 2.93 -8.49
C ALA A 21 -5.75 4.07 -9.47
N GLU A 22 -6.99 4.40 -9.81
CA GLU A 22 -7.26 5.48 -10.76
C GLU A 22 -7.42 6.81 -10.02
N CYS A 23 -6.36 7.60 -9.98
CA CYS A 23 -6.39 8.88 -9.30
C CYS A 23 -6.53 10.03 -10.29
N GLY A 24 -7.42 10.96 -9.99
CA GLY A 24 -7.64 12.09 -10.88
C GLY A 24 -6.54 13.14 -10.75
N ASN A 25 -6.63 14.19 -11.56
CA ASN A 25 -5.63 15.25 -11.54
C ASN A 25 -6.25 16.55 -11.03
N GLY A 26 -7.54 16.73 -11.25
CA GLY A 26 -8.22 17.93 -10.81
C GLY A 26 -9.14 18.50 -11.88
N GLU A 27 -8.82 18.25 -13.14
CA GLU A 27 -9.62 18.73 -14.24
C GLU A 27 -10.98 18.05 -14.26
N GLY A 28 -11.05 16.85 -13.72
CA GLY A 28 -12.30 16.12 -13.68
C GLY A 28 -12.19 14.72 -14.27
N ASP A 29 -10.99 14.35 -14.70
CA ASP A 29 -10.77 13.04 -15.29
C ASP A 29 -9.90 12.17 -14.38
N TYR A 30 -9.93 10.87 -14.60
CA TYR A 30 -9.14 9.93 -13.80
C TYR A 30 -7.93 9.44 -14.57
N VAL A 31 -6.91 8.97 -13.85
CA VAL A 31 -5.70 8.48 -14.48
C VAL A 31 -5.24 7.17 -13.88
N GLU A 32 -5.05 6.16 -14.72
CA GLU A 32 -4.60 4.85 -14.28
C GLU A 32 -3.14 4.88 -13.84
N SER A 33 -2.89 4.64 -12.56
CA SER A 33 -1.54 4.64 -12.03
C SER A 33 -1.32 3.44 -11.12
N THR A 34 -0.06 3.15 -10.81
CA THR A 34 0.28 2.02 -9.95
C THR A 34 1.50 2.32 -9.09
N LEU A 35 1.60 1.65 -7.96
CA LEU A 35 2.72 1.84 -7.04
C LEU A 35 3.30 0.50 -6.60
N ASP A 36 4.62 0.40 -6.58
CA ASP A 36 5.29 -0.83 -6.18
C ASP A 36 5.71 -0.75 -4.71
N LEU A 37 5.24 -1.70 -3.93
CA LEU A 37 5.56 -1.76 -2.51
C LEU A 37 6.83 -2.54 -2.28
N ASP A 38 7.10 -3.50 -3.17
CA ASP A 38 8.29 -4.33 -3.07
C ASP A 38 9.54 -3.47 -3.05
N TYR A 39 9.38 -2.18 -3.41
CA TYR A 39 10.51 -1.26 -3.43
C TYR A 39 10.20 0.01 -2.62
N TYR A 40 9.04 0.04 -1.98
CA TYR A 40 8.63 1.19 -1.18
C TYR A 40 8.44 0.79 0.28
N ILE A 41 8.05 -0.46 0.52
CA ILE A 41 7.83 -0.97 1.86
C ILE A 41 8.76 -2.14 2.16
N GLY A 42 9.26 -2.21 3.39
CA GLY A 42 10.16 -3.29 3.76
C GLY A 42 9.72 -3.98 5.04
N ASN A 43 10.43 -5.05 5.40
CA ASN A 43 10.13 -5.82 6.60
C ASN A 43 10.92 -5.29 7.79
N ASP A 44 10.23 -4.60 8.69
CA ASP A 44 10.88 -4.06 9.89
C ASP A 44 10.37 -4.78 11.14
N ASP A 45 11.14 -5.75 11.61
CA ASP A 45 10.78 -6.50 12.79
C ASP A 45 9.39 -7.13 12.64
N GLY A 46 9.17 -7.76 11.49
CA GLY A 46 7.88 -8.39 11.23
C GLY A 46 6.76 -7.38 11.10
N SER A 47 7.12 -6.13 10.83
CA SER A 47 6.13 -5.07 10.68
C SER A 47 6.35 -4.28 9.39
N PHE A 48 5.31 -3.59 8.94
CA PHE A 48 5.40 -2.80 7.71
C PHE A 48 6.11 -1.48 7.97
N SER A 49 6.97 -1.08 7.04
CA SER A 49 7.72 0.17 7.17
C SER A 49 7.62 1.00 5.89
N TRP A 50 7.23 2.26 6.05
CA TRP A 50 7.10 3.17 4.92
C TRP A 50 8.46 3.66 4.45
N GLY A 51 8.83 3.30 3.22
CA GLY A 51 10.12 3.71 2.68
C GLY A 51 11.10 2.56 2.58
N GLY A 52 10.62 1.34 2.82
CA GLY A 52 11.49 0.18 2.75
C GLY A 52 11.38 -0.53 1.41
N GLU A 53 11.64 -1.83 1.41
CA GLU A 53 11.58 -2.62 0.18
C GLU A 53 11.87 -4.09 0.45
N ASN A 54 11.36 -4.95 -0.42
CA ASN A 54 11.56 -6.40 -0.28
C ASN A 54 10.79 -6.94 0.93
N PHE A 55 9.70 -6.27 1.28
CA PHE A 55 8.88 -6.70 2.41
C PHE A 55 8.33 -8.11 2.18
N SER A 56 7.85 -8.36 0.98
CA SER A 56 7.31 -9.68 0.63
C SER A 56 8.38 -10.76 0.72
N GLY A 57 9.65 -10.33 0.71
CA GLY A 57 10.75 -11.29 0.78
C GLY A 57 10.57 -12.31 1.89
N SER A 58 10.07 -11.86 3.04
CA SER A 58 9.84 -12.73 4.17
C SER A 58 8.38 -12.70 4.61
N ALA A 59 7.49 -12.50 3.65
CA ALA A 59 6.06 -12.44 3.93
C ALA A 59 5.31 -13.52 3.16
N SER A 60 4.11 -13.84 3.61
CA SER A 60 3.29 -14.85 2.96
C SER A 60 1.84 -14.39 2.83
N ASN A 61 1.16 -14.87 1.80
CA ASN A 61 -0.24 -14.53 1.54
C ASN A 61 -0.50 -13.05 1.79
N ILE A 62 0.18 -12.19 1.04
CA ILE A 62 0.02 -10.75 1.19
C ILE A 62 -1.15 -10.25 0.34
N THR A 63 -2.14 -9.64 0.98
CA THR A 63 -3.31 -9.13 0.28
C THR A 63 -3.79 -7.82 0.89
N LEU A 64 -4.53 -7.04 0.10
CA LEU A 64 -5.05 -5.75 0.55
C LEU A 64 -6.55 -5.85 0.81
N ASP A 65 -6.97 -5.38 1.97
CA ASP A 65 -8.38 -5.41 2.36
C ASP A 65 -8.85 -4.02 2.81
N ILE A 66 -10.14 -3.76 2.67
CA ILE A 66 -10.71 -2.49 3.07
C ILE A 66 -11.06 -2.49 4.56
N GLU A 67 -10.89 -1.35 5.20
CA GLU A 67 -11.18 -1.21 6.62
C GLU A 67 -11.67 0.19 6.95
N GLY A 68 -12.81 0.27 7.64
CA GLY A 68 -13.35 1.56 8.00
C GLY A 68 -14.51 1.98 7.10
N ASP A 69 -15.33 2.90 7.58
CA ASP A 69 -16.46 3.39 6.82
C ASP A 69 -16.02 4.26 5.64
N ASP A 70 -14.77 4.72 5.68
CA ASP A 70 -14.22 5.55 4.63
C ASP A 70 -13.59 4.71 3.51
N ASN A 71 -13.52 3.40 3.74
CA ASN A 71 -12.93 2.49 2.76
C ASN A 71 -11.45 2.77 2.59
N ILE A 72 -10.67 2.33 3.57
CA ILE A 72 -9.23 2.52 3.53
C ILE A 72 -8.50 1.23 3.15
N PRO A 73 -7.70 1.27 2.07
CA PRO A 73 -6.95 0.09 1.61
C PRO A 73 -5.86 -0.33 2.58
N VAL A 74 -6.13 -1.38 3.35
CA VAL A 74 -5.16 -1.87 4.33
C VAL A 74 -4.52 -3.17 3.86
N LEU A 75 -3.19 -3.21 3.86
CA LEU A 75 -2.46 -4.40 3.44
C LEU A 75 -2.07 -5.24 4.66
N ARG A 76 -2.60 -6.45 4.72
CA ARG A 76 -2.31 -7.36 5.84
C ARG A 76 -1.54 -8.58 5.35
N ALA A 77 -0.46 -8.91 6.05
CA ALA A 77 0.36 -10.06 5.70
C ALA A 77 1.31 -10.43 6.83
N GLU A 78 1.61 -11.72 6.96
CA GLU A 78 2.52 -12.19 8.01
C GLU A 78 3.97 -11.94 7.61
N LEU A 79 4.65 -11.12 8.39
CA LEU A 79 6.05 -10.79 8.11
C LEU A 79 6.99 -11.52 9.07
N ASN A 80 8.20 -11.81 8.59
CA ASN A 80 9.20 -12.50 9.40
C ASN A 80 10.10 -11.50 10.12
N PRO A 81 9.95 -11.36 11.45
CA PRO A 81 10.76 -10.43 12.24
C PRO A 81 12.18 -10.92 12.42
N MET A 82 13.05 -10.02 12.88
CA MET A 82 14.46 -10.36 13.11
C MET A 82 14.63 -11.18 14.37
N ASP A 83 13.66 -11.08 15.29
CA ASP A 83 13.71 -11.83 16.54
C ASP A 83 13.40 -13.30 16.31
N GLY A 84 12.30 -13.56 15.61
CA GLY A 84 11.91 -14.94 15.33
C GLY A 84 10.40 -15.10 15.22
N ASP A 85 9.98 -16.10 14.46
CA ASP A 85 8.56 -16.37 14.27
C ASP A 85 7.88 -15.19 13.55
N PRO A 86 7.21 -15.47 12.41
CA PRO A 86 6.52 -14.42 11.65
C PRO A 86 5.30 -13.87 12.39
N VAL A 87 5.04 -12.58 12.21
CA VAL A 87 3.90 -11.94 12.85
C VAL A 87 2.99 -11.27 11.82
N GLU A 88 1.70 -11.23 12.14
CA GLU A 88 0.72 -10.62 11.24
C GLU A 88 0.91 -9.10 11.19
N ALA A 89 1.31 -8.60 10.03
CA ALA A 89 1.53 -7.17 9.86
C ALA A 89 0.41 -6.55 9.02
N ASN A 90 0.00 -5.35 9.40
CA ASN A 90 -1.06 -4.65 8.69
C ASN A 90 -0.74 -3.17 8.53
N VAL A 91 -0.70 -2.70 7.29
CA VAL A 91 -0.41 -1.31 7.01
C VAL A 91 -1.42 -0.70 6.05
N ASN A 92 -1.88 0.51 6.36
CA ASN A 92 -2.85 1.19 5.52
C ASN A 92 -2.14 2.06 4.48
N LEU A 93 -2.20 1.64 3.22
CA LEU A 93 -1.56 2.38 2.14
C LEU A 93 -1.93 3.87 2.19
N SER A 94 -3.18 4.14 2.53
CA SER A 94 -3.66 5.52 2.63
C SER A 94 -2.88 6.30 3.69
N GLU A 95 -2.10 5.59 4.51
CA GLU A 95 -1.31 6.24 5.55
C GLU A 95 -0.30 7.21 4.96
N ARG A 96 0.42 6.77 3.93
CA ARG A 96 1.44 7.61 3.30
C ARG A 96 1.42 7.45 1.78
N ILE A 97 0.23 7.34 1.21
CA ILE A 97 0.09 7.18 -0.24
C ILE A 97 -0.80 8.26 -0.82
N GLY A 98 -0.25 9.10 -1.68
CA GLY A 98 -1.03 10.16 -2.29
C GLY A 98 -1.13 10.03 -3.79
N ASN A 99 -1.75 11.01 -4.43
CA ASN A 99 -1.92 11.02 -5.88
C ASN A 99 -1.59 12.38 -6.47
N ASP A 100 -0.42 12.50 -7.08
CA ASP A 100 0.01 13.76 -7.67
C ASP A 100 -0.33 13.79 -9.15
N CYS A 101 -1.19 14.73 -9.55
CA CYS A 101 -1.60 14.87 -10.94
C CYS A 101 -2.16 13.56 -11.48
N GLY A 102 -2.78 12.77 -10.59
CA GLY A 102 -3.35 11.51 -11.00
C GLY A 102 -2.38 10.35 -10.87
N THR A 103 -1.10 10.67 -10.69
CA THR A 103 -0.06 9.65 -10.55
C THR A 103 0.08 9.21 -9.10
N LEU A 104 0.36 7.92 -8.91
CA LEU A 104 0.51 7.36 -7.57
C LEU A 104 1.83 7.82 -6.95
N ILE A 105 1.75 8.45 -5.79
CA ILE A 105 2.94 8.93 -5.10
C ILE A 105 2.96 8.48 -3.65
N PHE A 106 4.11 8.69 -2.99
CA PHE A 106 4.26 8.30 -1.59
C PHE A 106 4.61 9.51 -0.74
N LEU A 107 4.01 9.60 0.44
CA LEU A 107 4.26 10.71 1.35
C LEU A 107 5.68 10.65 1.90
N ALA A 108 6.56 11.48 1.36
CA ALA A 108 7.96 11.52 1.79
C ALA A 108 8.34 12.92 2.28
N MET A 1 -1.04 12.53 4.59
CA MET A 1 -2.25 11.67 4.51
C MET A 1 -2.44 11.13 3.09
N GLY A 2 -2.77 9.85 2.99
CA GLY A 2 -2.97 9.24 1.69
C GLY A 2 -4.43 9.24 1.28
N ASN A 3 -4.98 10.43 1.16
CA ASN A 3 -6.37 10.61 0.75
C ASN A 3 -6.61 10.01 -0.63
N PHE A 4 -5.53 9.73 -1.36
CA PHE A 4 -5.64 9.18 -2.70
C PHE A 4 -6.67 8.05 -2.75
N HIS A 5 -6.78 7.29 -1.68
CA HIS A 5 -7.73 6.20 -1.62
C HIS A 5 -9.16 6.72 -1.76
N GLU A 6 -9.42 7.90 -1.21
CA GLU A 6 -10.74 8.50 -1.28
C GLU A 6 -10.96 9.20 -2.63
N SER A 7 -9.86 9.56 -3.28
CA SER A 7 -9.94 10.25 -4.57
C SER A 7 -9.45 9.34 -5.71
N SER A 8 -9.31 8.05 -5.43
CA SER A 8 -8.86 7.10 -6.44
C SER A 8 -9.87 5.98 -6.63
N ASN A 9 -9.82 5.34 -7.80
CA ASN A 9 -10.73 4.25 -8.10
C ASN A 9 -9.94 2.99 -8.45
N ASN A 10 -10.60 1.85 -8.35
CA ASN A 10 -9.96 0.56 -8.63
C ASN A 10 -8.73 0.36 -7.74
N ILE A 11 -8.94 0.40 -6.43
CA ILE A 11 -7.85 0.22 -5.47
C ILE A 11 -7.75 -1.24 -5.05
N TRP A 12 -6.62 -1.87 -5.37
CA TRP A 12 -6.40 -3.27 -5.02
C TRP A 12 -4.91 -3.62 -5.09
N LEU A 13 -4.60 -4.89 -4.89
CA LEU A 13 -3.21 -5.35 -4.93
C LEU A 13 -3.08 -6.62 -5.76
N GLU A 14 -1.97 -6.72 -6.50
CA GLU A 14 -1.72 -7.87 -7.34
C GLU A 14 -0.51 -8.65 -6.84
N ASP A 15 -0.74 -9.92 -6.49
CA ASP A 15 0.32 -10.77 -5.98
C ASP A 15 0.92 -10.21 -4.69
N GLY A 16 0.19 -9.30 -4.05
CA GLY A 16 0.67 -8.70 -2.81
C GLY A 16 1.98 -7.96 -2.98
N HIS A 17 2.01 -7.00 -3.89
CA HIS A 17 3.22 -6.21 -4.12
C HIS A 17 2.98 -5.10 -5.13
N ILE A 18 2.08 -5.34 -6.08
CA ILE A 18 1.77 -4.35 -7.11
C ILE A 18 0.46 -3.62 -6.80
N LEU A 19 0.50 -2.29 -6.84
CA LEU A 19 -0.68 -1.48 -6.56
C LEU A 19 -1.20 -0.82 -7.84
N HIS A 20 -2.52 -0.83 -8.00
CA HIS A 20 -3.14 -0.22 -9.18
C HIS A 20 -4.37 0.59 -8.78
N ALA A 21 -4.46 1.81 -9.28
CA ALA A 21 -5.58 2.68 -8.98
C ALA A 21 -5.57 3.90 -9.90
N GLU A 22 -6.75 4.40 -10.25
CA GLU A 22 -6.86 5.56 -11.12
C GLU A 22 -7.27 6.79 -10.34
N CYS A 23 -6.33 7.71 -10.14
CA CYS A 23 -6.59 8.94 -9.40
C CYS A 23 -6.70 10.14 -10.34
N GLY A 24 -7.46 11.14 -9.93
CA GLY A 24 -7.63 12.33 -10.75
C GLY A 24 -6.54 13.36 -10.50
N ASN A 25 -6.50 14.38 -11.35
CA ASN A 25 -5.49 15.43 -11.20
C ASN A 25 -6.14 16.75 -10.78
N GLY A 26 -7.32 17.03 -11.32
CA GLY A 26 -8.02 18.25 -10.99
C GLY A 26 -8.72 18.84 -12.20
N GLU A 27 -8.24 18.48 -13.38
CA GLU A 27 -8.81 18.97 -14.62
C GLU A 27 -10.25 18.49 -14.80
N GLY A 28 -10.54 17.32 -14.20
CA GLY A 28 -11.88 16.76 -14.30
C GLY A 28 -11.86 15.33 -14.80
N ASP A 29 -10.67 14.79 -15.05
CA ASP A 29 -10.54 13.42 -15.54
C ASP A 29 -9.68 12.59 -14.58
N TYR A 30 -9.75 11.27 -14.73
CA TYR A 30 -8.99 10.37 -13.88
C TYR A 30 -7.80 9.79 -14.63
N VAL A 31 -6.79 9.34 -13.89
CA VAL A 31 -5.58 8.77 -14.50
C VAL A 31 -5.18 7.46 -13.83
N GLU A 32 -5.16 6.38 -14.60
CA GLU A 32 -4.78 5.08 -14.08
C GLU A 32 -3.31 5.05 -13.69
N SER A 33 -3.05 4.80 -12.41
CA SER A 33 -1.68 4.74 -11.91
C SER A 33 -1.45 3.47 -11.09
N THR A 34 -0.18 3.13 -10.91
CA THR A 34 0.18 1.93 -10.14
C THR A 34 1.41 2.19 -9.28
N LEU A 35 1.45 1.57 -8.10
CA LEU A 35 2.57 1.74 -7.19
C LEU A 35 3.14 0.39 -6.76
N ASP A 36 4.46 0.30 -6.70
CA ASP A 36 5.14 -0.92 -6.29
C ASP A 36 5.57 -0.85 -4.84
N LEU A 37 5.10 -1.79 -4.03
CA LEU A 37 5.44 -1.83 -2.62
C LEU A 37 6.72 -2.62 -2.40
N ASP A 38 6.97 -3.57 -3.29
CA ASP A 38 8.17 -4.41 -3.20
C ASP A 38 9.43 -3.54 -3.21
N TYR A 39 9.26 -2.27 -3.55
CA TYR A 39 10.39 -1.34 -3.58
C TYR A 39 10.11 -0.08 -2.77
N TYR A 40 8.94 -0.01 -2.14
CA TYR A 40 8.56 1.15 -1.34
C TYR A 40 8.36 0.76 0.13
N ILE A 41 7.97 -0.49 0.36
CA ILE A 41 7.75 -0.98 1.72
C ILE A 41 8.68 -2.15 2.04
N GLY A 42 9.15 -2.19 3.29
CA GLY A 42 10.05 -3.26 3.69
C GLY A 42 9.60 -3.92 4.99
N ASN A 43 10.32 -4.96 5.39
CA ASN A 43 10.00 -5.69 6.62
C ASN A 43 10.81 -5.14 7.80
N ASP A 44 10.12 -4.46 8.71
CA ASP A 44 10.77 -3.89 9.88
C ASP A 44 10.32 -4.61 11.15
N ASP A 45 11.12 -5.56 11.61
CA ASP A 45 10.80 -6.32 12.81
C ASP A 45 9.44 -6.99 12.68
N GLY A 46 9.23 -7.70 11.58
CA GLY A 46 7.96 -8.37 11.35
C GLY A 46 6.81 -7.39 11.17
N SER A 47 7.13 -6.14 10.89
CA SER A 47 6.12 -5.11 10.70
C SER A 47 6.36 -4.36 9.40
N PHE A 48 5.33 -3.63 8.95
CA PHE A 48 5.43 -2.86 7.71
C PHE A 48 6.14 -1.54 7.95
N SER A 49 6.97 -1.14 6.98
CA SER A 49 7.73 0.10 7.09
C SER A 49 7.59 0.93 5.82
N TRP A 50 7.20 2.19 5.98
CA TRP A 50 7.03 3.09 4.85
C TRP A 50 8.38 3.59 4.34
N GLY A 51 8.70 3.25 3.09
CA GLY A 51 9.96 3.66 2.51
C GLY A 51 10.96 2.53 2.42
N GLY A 52 10.50 1.31 2.67
CA GLY A 52 11.38 0.15 2.60
C GLY A 52 11.28 -0.54 1.26
N GLU A 53 11.51 -1.86 1.25
CA GLU A 53 11.45 -2.64 0.03
C GLU A 53 11.73 -4.12 0.30
N ASN A 54 11.24 -4.98 -0.59
CA ASN A 54 11.44 -6.42 -0.45
C ASN A 54 10.71 -6.95 0.78
N PHE A 55 9.61 -6.29 1.14
CA PHE A 55 8.82 -6.70 2.30
C PHE A 55 8.29 -8.12 2.11
N SER A 56 7.84 -8.41 0.89
CA SER A 56 7.30 -9.73 0.57
C SER A 56 8.35 -10.81 0.74
N GLY A 57 9.62 -10.44 0.58
CA GLY A 57 10.70 -11.39 0.72
C GLY A 57 10.64 -12.16 2.02
N SER A 58 10.02 -11.55 3.03
CA SER A 58 9.89 -12.18 4.34
C SER A 58 8.44 -12.15 4.81
N ALA A 59 7.51 -12.17 3.86
CA ALA A 59 6.09 -12.15 4.19
C ALA A 59 5.34 -13.26 3.45
N SER A 60 4.14 -13.57 3.93
CA SER A 60 3.33 -14.61 3.31
C SER A 60 1.88 -14.16 3.15
N ASN A 61 1.19 -14.72 2.17
CA ASN A 61 -0.21 -14.38 1.89
C ASN A 61 -0.46 -12.89 2.04
N ILE A 62 0.21 -12.09 1.22
CA ILE A 62 0.06 -10.64 1.26
C ILE A 62 -1.12 -10.19 0.40
N THR A 63 -2.14 -9.64 1.04
CA THR A 63 -3.32 -9.17 0.31
C THR A 63 -3.85 -7.88 0.92
N LEU A 64 -4.62 -7.13 0.13
CA LEU A 64 -5.18 -5.86 0.59
C LEU A 64 -6.67 -6.00 0.89
N ASP A 65 -7.07 -5.54 2.07
CA ASP A 65 -8.47 -5.62 2.49
C ASP A 65 -8.97 -4.25 2.95
N ILE A 66 -10.28 -4.04 2.85
CA ILE A 66 -10.89 -2.78 3.26
C ILE A 66 -11.20 -2.80 4.75
N GLU A 67 -11.06 -1.64 5.39
CA GLU A 67 -11.33 -1.51 6.82
C GLU A 67 -11.87 -0.13 7.15
N GLY A 68 -12.89 -0.09 8.00
CA GLY A 68 -13.49 1.18 8.38
C GLY A 68 -14.66 1.57 7.51
N ASP A 69 -15.47 2.49 8.00
CA ASP A 69 -16.64 2.95 7.25
C ASP A 69 -16.24 3.88 6.11
N ASP A 70 -14.96 4.26 6.06
CA ASP A 70 -14.46 5.14 5.02
C ASP A 70 -13.83 4.36 3.87
N ASN A 71 -13.67 3.04 4.05
CA ASN A 71 -13.08 2.19 3.03
C ASN A 71 -11.61 2.53 2.84
N ILE A 72 -10.77 2.04 3.74
CA ILE A 72 -9.34 2.29 3.68
C ILE A 72 -8.58 1.02 3.30
N PRO A 73 -7.74 1.10 2.25
CA PRO A 73 -6.95 -0.04 1.79
C PRO A 73 -5.89 -0.47 2.80
N VAL A 74 -6.16 -1.54 3.53
CA VAL A 74 -5.23 -2.04 4.53
C VAL A 74 -4.58 -3.35 4.08
N LEU A 75 -3.25 -3.34 3.97
CA LEU A 75 -2.50 -4.51 3.54
C LEU A 75 -2.10 -5.36 4.74
N ARG A 76 -2.58 -6.61 4.76
CA ARG A 76 -2.28 -7.53 5.85
C ARG A 76 -1.48 -8.73 5.35
N ALA A 77 -0.42 -9.07 6.08
CA ALA A 77 0.42 -10.21 5.72
C ALA A 77 1.34 -10.60 6.86
N GLU A 78 1.60 -11.89 7.00
CA GLU A 78 2.48 -12.39 8.06
C GLU A 78 3.94 -12.08 7.74
N LEU A 79 4.50 -11.12 8.46
CA LEU A 79 5.88 -10.71 8.25
C LEU A 79 6.82 -11.48 9.17
N ASN A 80 8.06 -11.66 8.74
CA ASN A 80 9.06 -12.36 9.52
C ASN A 80 10.06 -11.38 10.12
N PRO A 81 10.04 -11.21 11.45
CA PRO A 81 10.94 -10.29 12.15
C PRO A 81 12.36 -10.82 12.23
N MET A 82 13.30 -9.96 12.61
CA MET A 82 14.70 -10.34 12.73
C MET A 82 14.93 -11.13 14.01
N ASP A 83 14.05 -10.95 14.99
CA ASP A 83 14.16 -11.66 16.26
C ASP A 83 13.73 -13.11 16.12
N GLY A 84 12.72 -13.35 15.29
CA GLY A 84 12.23 -14.69 15.07
C GLY A 84 10.72 -14.78 15.20
N ASP A 85 10.14 -15.84 14.64
CA ASP A 85 8.70 -16.06 14.69
C ASP A 85 7.97 -14.94 13.95
N PRO A 86 7.36 -15.24 12.78
CA PRO A 86 6.64 -14.25 11.99
C PRO A 86 5.36 -13.79 12.69
N VAL A 87 5.02 -12.52 12.51
CA VAL A 87 3.83 -11.95 13.13
C VAL A 87 2.94 -11.29 12.08
N GLU A 88 1.63 -11.30 12.33
CA GLU A 88 0.68 -10.70 11.42
C GLU A 88 0.86 -9.18 11.34
N ALA A 89 1.23 -8.69 10.17
CA ALA A 89 1.45 -7.26 9.97
C ALA A 89 0.32 -6.65 9.16
N ASN A 90 -0.04 -5.42 9.48
CA ASN A 90 -1.11 -4.71 8.78
C ASN A 90 -0.77 -3.24 8.59
N VAL A 91 -0.75 -2.80 7.34
CA VAL A 91 -0.43 -1.41 7.03
C VAL A 91 -1.44 -0.82 6.05
N ASN A 92 -1.88 0.40 6.33
CA ASN A 92 -2.84 1.08 5.47
C ASN A 92 -2.12 1.93 4.43
N LEU A 93 -2.17 1.50 3.17
CA LEU A 93 -1.52 2.22 2.09
C LEU A 93 -1.88 3.70 2.12
N SER A 94 -3.14 3.98 2.45
CA SER A 94 -3.63 5.35 2.52
C SER A 94 -2.87 6.15 3.58
N GLU A 95 -2.12 5.46 4.43
CA GLU A 95 -1.35 6.12 5.48
C GLU A 95 -0.34 7.11 4.90
N ARG A 96 0.40 6.67 3.89
CA ARG A 96 1.42 7.51 3.26
C ARG A 96 1.41 7.36 1.74
N ILE A 97 0.23 7.26 1.16
CA ILE A 97 0.10 7.11 -0.29
C ILE A 97 -0.79 8.20 -0.86
N GLY A 98 -0.22 9.04 -1.73
CA GLY A 98 -0.99 10.12 -2.33
C GLY A 98 -1.08 10.00 -3.84
N ASN A 99 -1.76 10.96 -4.45
CA ASN A 99 -1.92 10.97 -5.90
C ASN A 99 -1.60 12.35 -6.47
N ASP A 100 -0.39 12.48 -7.04
CA ASP A 100 0.05 13.74 -7.61
C ASP A 100 -0.29 13.81 -9.09
N CYS A 101 -1.14 14.76 -9.46
CA CYS A 101 -1.55 14.93 -10.86
C CYS A 101 -2.11 13.63 -11.42
N GLY A 102 -2.72 12.82 -10.56
CA GLY A 102 -3.28 11.57 -11.00
C GLY A 102 -2.31 10.41 -10.88
N THR A 103 -1.03 10.73 -10.69
CA THR A 103 0.00 9.71 -10.55
C THR A 103 0.13 9.25 -9.10
N LEU A 104 0.42 7.96 -8.92
CA LEU A 104 0.57 7.41 -7.59
C LEU A 104 1.88 7.85 -6.95
N ILE A 105 1.79 8.47 -5.78
CA ILE A 105 2.97 8.95 -5.07
C ILE A 105 2.98 8.48 -3.62
N PHE A 106 4.06 8.76 -2.91
CA PHE A 106 4.19 8.37 -1.52
C PHE A 106 4.45 9.59 -0.63
N LEU A 107 3.79 9.62 0.52
CA LEU A 107 3.96 10.73 1.46
C LEU A 107 5.36 10.74 2.06
N ALA A 108 6.23 11.60 1.54
CA ALA A 108 7.60 11.69 2.02
C ALA A 108 7.88 13.09 2.58
N MET A 1 -1.35 13.18 4.35
CA MET A 1 -1.98 11.84 4.42
C MET A 1 -2.22 11.26 3.03
N GLY A 2 -2.60 9.98 2.98
CA GLY A 2 -2.87 9.34 1.71
C GLY A 2 -4.32 9.36 1.33
N ASN A 3 -4.85 10.55 1.15
CA ASN A 3 -6.24 10.75 0.76
C ASN A 3 -6.51 10.13 -0.60
N PHE A 4 -5.44 9.82 -1.34
CA PHE A 4 -5.58 9.25 -2.68
C PHE A 4 -6.62 8.13 -2.70
N HIS A 5 -6.73 7.40 -1.60
CA HIS A 5 -7.68 6.31 -1.51
C HIS A 5 -9.12 6.84 -1.64
N GLU A 6 -9.35 8.02 -1.09
CA GLU A 6 -10.68 8.63 -1.14
C GLU A 6 -10.93 9.29 -2.50
N SER A 7 -9.85 9.66 -3.19
CA SER A 7 -9.97 10.30 -4.49
C SER A 7 -9.52 9.36 -5.62
N SER A 8 -9.43 8.07 -5.32
CA SER A 8 -9.01 7.09 -6.31
C SER A 8 -10.01 5.93 -6.38
N ASN A 9 -9.96 5.19 -7.48
CA ASN A 9 -10.84 4.05 -7.68
C ASN A 9 -10.05 2.80 -8.00
N ASN A 10 -10.67 1.64 -7.81
CA ASN A 10 -10.02 0.36 -8.07
C ASN A 10 -8.73 0.22 -7.26
N ILE A 11 -8.87 0.29 -5.94
CA ILE A 11 -7.71 0.17 -5.06
C ILE A 11 -7.54 -1.27 -4.59
N TRP A 12 -6.42 -1.88 -4.98
CA TRP A 12 -6.13 -3.26 -4.60
C TRP A 12 -4.65 -3.58 -4.78
N LEU A 13 -4.30 -4.86 -4.64
CA LEU A 13 -2.91 -5.29 -4.78
C LEU A 13 -2.81 -6.53 -5.66
N GLU A 14 -1.70 -6.64 -6.40
CA GLU A 14 -1.48 -7.77 -7.28
C GLU A 14 -0.23 -8.54 -6.86
N ASP A 15 -0.42 -9.82 -6.51
CA ASP A 15 0.70 -10.66 -6.09
C ASP A 15 1.35 -10.12 -4.82
N GLY A 16 0.64 -9.24 -4.12
CA GLY A 16 1.17 -8.66 -2.89
C GLY A 16 2.46 -7.88 -3.11
N HIS A 17 2.42 -6.90 -4.00
CA HIS A 17 3.60 -6.08 -4.28
C HIS A 17 3.29 -4.97 -5.28
N ILE A 18 2.37 -5.24 -6.21
CA ILE A 18 1.99 -4.25 -7.21
C ILE A 18 0.66 -3.58 -6.85
N LEU A 19 0.65 -2.25 -6.90
CA LEU A 19 -0.55 -1.49 -6.58
C LEU A 19 -1.12 -0.83 -7.83
N HIS A 20 -2.45 -0.79 -7.91
CA HIS A 20 -3.14 -0.17 -9.04
C HIS A 20 -4.32 0.64 -8.56
N ALA A 21 -4.46 1.86 -9.09
CA ALA A 21 -5.55 2.73 -8.70
C ALA A 21 -5.74 3.86 -9.72
N GLU A 22 -6.96 4.39 -9.77
CA GLU A 22 -7.27 5.48 -10.69
C GLU A 22 -7.43 6.79 -9.95
N CYS A 23 -6.37 7.60 -9.95
CA CYS A 23 -6.40 8.89 -9.26
C CYS A 23 -6.57 10.03 -10.27
N GLY A 24 -7.55 10.90 -9.99
CA GLY A 24 -7.80 12.02 -10.88
C GLY A 24 -6.81 13.13 -10.69
N ASN A 25 -6.94 14.18 -11.50
CA ASN A 25 -6.03 15.32 -11.43
C ASN A 25 -6.78 16.58 -10.97
N GLY A 26 -8.07 16.64 -11.27
CA GLY A 26 -8.88 17.78 -10.89
C GLY A 26 -9.75 18.27 -12.02
N GLU A 27 -9.31 18.06 -13.26
CA GLU A 27 -10.06 18.48 -14.42
C GLU A 27 -11.39 17.72 -14.52
N GLY A 28 -11.42 16.50 -14.00
CA GLY A 28 -12.63 15.71 -14.04
C GLY A 28 -12.40 14.32 -14.61
N ASP A 29 -11.17 14.03 -15.04
CA ASP A 29 -10.83 12.73 -15.59
C ASP A 29 -9.97 11.92 -14.63
N TYR A 30 -9.89 10.61 -14.88
CA TYR A 30 -9.11 9.72 -14.03
C TYR A 30 -7.79 9.36 -14.70
N VAL A 31 -6.81 8.96 -13.90
CA VAL A 31 -5.49 8.59 -14.43
C VAL A 31 -5.00 7.29 -13.81
N GLU A 32 -4.82 6.28 -14.64
CA GLU A 32 -4.35 4.98 -14.18
C GLU A 32 -2.90 5.07 -13.70
N SER A 33 -2.67 4.69 -12.44
CA SER A 33 -1.34 4.73 -11.86
C SER A 33 -1.08 3.49 -11.01
N THR A 34 0.18 3.08 -10.93
CA THR A 34 0.55 1.91 -10.14
C THR A 34 1.83 2.17 -9.36
N LEU A 35 1.93 1.57 -8.18
CA LEU A 35 3.10 1.74 -7.33
C LEU A 35 3.63 0.40 -6.84
N ASP A 36 4.95 0.24 -6.82
CA ASP A 36 5.58 -0.98 -6.37
C ASP A 36 5.97 -0.87 -4.89
N LEU A 37 5.47 -1.79 -4.09
CA LEU A 37 5.77 -1.79 -2.66
C LEU A 37 7.03 -2.59 -2.39
N ASP A 38 7.30 -3.56 -3.25
CA ASP A 38 8.49 -4.39 -3.09
C ASP A 38 9.75 -3.54 -3.08
N TYR A 39 9.61 -2.27 -3.46
CA TYR A 39 10.75 -1.37 -3.48
C TYR A 39 10.45 -0.06 -2.72
N TYR A 40 9.25 0.04 -2.14
CA TYR A 40 8.87 1.21 -1.38
C TYR A 40 8.58 0.87 0.08
N ILE A 41 8.23 -0.39 0.33
CA ILE A 41 7.94 -0.85 1.68
C ILE A 41 8.81 -2.04 2.07
N GLY A 42 9.24 -2.07 3.32
CA GLY A 42 10.08 -3.16 3.80
C GLY A 42 9.54 -3.80 5.06
N ASN A 43 10.23 -4.83 5.54
CA ASN A 43 9.81 -5.53 6.75
C ASN A 43 10.70 -5.14 7.93
N ASP A 44 10.12 -4.44 8.89
CA ASP A 44 10.85 -4.00 10.07
C ASP A 44 10.35 -4.72 11.33
N ASP A 45 11.07 -5.77 11.72
CA ASP A 45 10.69 -6.55 12.89
C ASP A 45 9.31 -7.16 12.72
N GLY A 46 9.07 -7.75 11.55
CA GLY A 46 7.79 -8.37 11.27
C GLY A 46 6.67 -7.34 11.11
N SER A 47 7.04 -6.09 10.87
CA SER A 47 6.07 -5.02 10.69
C SER A 47 6.32 -4.25 9.40
N PHE A 48 5.30 -3.58 8.91
CA PHE A 48 5.40 -2.80 7.68
C PHE A 48 6.17 -1.51 7.91
N SER A 49 6.99 -1.12 6.94
CA SER A 49 7.78 0.09 7.04
C SER A 49 7.66 0.94 5.79
N TRP A 50 7.24 2.19 5.95
CA TRP A 50 7.08 3.10 4.83
C TRP A 50 8.44 3.57 4.32
N GLY A 51 8.72 3.31 3.04
CA GLY A 51 9.98 3.72 2.46
C GLY A 51 11.00 2.60 2.43
N GLY A 52 10.55 1.37 2.67
CA GLY A 52 11.45 0.24 2.66
C GLY A 52 11.43 -0.50 1.34
N GLU A 53 11.64 -1.82 1.39
CA GLU A 53 11.64 -2.63 0.18
C GLU A 53 11.89 -4.10 0.52
N ASN A 54 11.46 -4.98 -0.38
CA ASN A 54 11.63 -6.42 -0.18
C ASN A 54 10.81 -6.91 1.01
N PHE A 55 9.71 -6.22 1.29
CA PHE A 55 8.84 -6.59 2.40
C PHE A 55 8.28 -8.00 2.20
N SER A 56 7.87 -8.29 0.97
CA SER A 56 7.31 -9.59 0.64
C SER A 56 8.37 -10.69 0.75
N GLY A 57 9.63 -10.30 0.64
CA GLY A 57 10.72 -11.25 0.74
C GLY A 57 10.61 -12.15 1.95
N SER A 58 9.95 -11.64 3.00
CA SER A 58 9.78 -12.40 4.23
C SER A 58 8.31 -12.41 4.65
N ALA A 59 7.42 -12.26 3.68
CA ALA A 59 5.99 -12.26 3.95
C ALA A 59 5.27 -13.32 3.13
N SER A 60 4.07 -13.70 3.56
CA SER A 60 3.29 -14.71 2.86
C SER A 60 1.83 -14.26 2.71
N ASN A 61 1.18 -14.75 1.65
CA ASN A 61 -0.22 -14.41 1.37
C ASN A 61 -0.52 -12.94 1.67
N ILE A 62 0.12 -12.05 0.92
CA ILE A 62 -0.08 -10.61 1.12
C ILE A 62 -1.23 -10.11 0.25
N THR A 63 -2.21 -9.49 0.88
CA THR A 63 -3.37 -8.96 0.16
C THR A 63 -3.86 -7.66 0.78
N LEU A 64 -4.60 -6.88 0.00
CA LEU A 64 -5.13 -5.61 0.47
C LEU A 64 -6.64 -5.69 0.71
N ASP A 65 -7.07 -5.29 1.90
CA ASP A 65 -8.49 -5.33 2.26
C ASP A 65 -8.96 -3.98 2.79
N ILE A 66 -10.25 -3.70 2.64
CA ILE A 66 -10.82 -2.45 3.10
C ILE A 66 -11.20 -2.55 4.59
N GLU A 67 -11.03 -1.45 5.31
CA GLU A 67 -11.34 -1.41 6.74
C GLU A 67 -11.79 -0.02 7.15
N GLY A 68 -12.88 0.04 7.92
CA GLY A 68 -13.40 1.32 8.38
C GLY A 68 -14.53 1.83 7.52
N ASP A 69 -15.32 2.76 8.06
CA ASP A 69 -16.44 3.33 7.34
C ASP A 69 -15.97 4.26 6.22
N ASP A 70 -14.70 4.64 6.27
CA ASP A 70 -14.13 5.54 5.26
C ASP A 70 -13.55 4.76 4.08
N ASN A 71 -13.48 3.44 4.22
CA ASN A 71 -12.94 2.59 3.16
C ASN A 71 -11.46 2.88 2.94
N ILE A 72 -10.63 2.39 3.86
CA ILE A 72 -9.21 2.60 3.77
C ILE A 72 -8.48 1.31 3.37
N PRO A 73 -7.84 1.30 2.19
CA PRO A 73 -7.11 0.12 1.70
C PRO A 73 -5.97 -0.29 2.63
N VAL A 74 -6.22 -1.33 3.42
CA VAL A 74 -5.22 -1.82 4.35
C VAL A 74 -4.56 -3.11 3.86
N LEU A 75 -3.24 -3.13 3.84
CA LEU A 75 -2.49 -4.30 3.39
C LEU A 75 -2.08 -5.16 4.58
N ARG A 76 -2.61 -6.38 4.63
CA ARG A 76 -2.31 -7.30 5.71
C ARG A 76 -1.55 -8.52 5.20
N ALA A 77 -0.50 -8.91 5.94
CA ALA A 77 0.30 -10.06 5.56
C ALA A 77 1.19 -10.51 6.73
N GLU A 78 1.48 -11.80 6.78
CA GLU A 78 2.31 -12.36 7.83
C GLU A 78 3.79 -12.08 7.55
N LEU A 79 4.36 -11.14 8.29
CA LEU A 79 5.76 -10.77 8.12
C LEU A 79 6.67 -11.57 9.05
N ASN A 80 7.91 -11.77 8.63
CA ASN A 80 8.88 -12.50 9.42
C ASN A 80 9.85 -11.54 10.10
N PRO A 81 9.78 -11.41 11.44
CA PRO A 81 10.66 -10.51 12.19
C PRO A 81 12.07 -11.07 12.33
N MET A 82 12.99 -10.22 12.77
CA MET A 82 14.38 -10.61 12.94
C MET A 82 14.56 -11.45 14.20
N ASP A 83 13.63 -11.32 15.15
CA ASP A 83 13.71 -12.07 16.40
C ASP A 83 13.29 -13.53 16.18
N GLY A 84 12.24 -13.72 15.38
CA GLY A 84 11.76 -15.06 15.10
C GLY A 84 10.25 -15.15 15.13
N ASP A 85 9.70 -16.16 14.46
CA ASP A 85 8.26 -16.36 14.41
C ASP A 85 7.57 -15.19 13.71
N PRO A 86 6.98 -15.43 12.53
CA PRO A 86 6.28 -14.38 11.77
C PRO A 86 5.03 -13.89 12.47
N VAL A 87 4.73 -12.61 12.31
CA VAL A 87 3.54 -12.02 12.93
C VAL A 87 2.67 -11.32 11.89
N GLU A 88 1.36 -11.31 12.15
CA GLU A 88 0.41 -10.67 11.24
C GLU A 88 0.65 -9.17 11.19
N ALA A 89 1.10 -8.68 10.03
CA ALA A 89 1.36 -7.26 9.86
C ALA A 89 0.27 -6.61 9.00
N ASN A 90 -0.09 -5.38 9.35
CA ASN A 90 -1.12 -4.66 8.61
C ASN A 90 -0.75 -3.19 8.46
N VAL A 91 -0.76 -2.69 7.23
CA VAL A 91 -0.43 -1.30 6.96
C VAL A 91 -1.44 -0.67 6.00
N ASN A 92 -1.89 0.52 6.34
CA ASN A 92 -2.86 1.24 5.52
C ASN A 92 -2.14 2.09 4.48
N LEU A 93 -2.21 1.67 3.22
CA LEU A 93 -1.56 2.39 2.13
C LEU A 93 -1.90 3.89 2.19
N SER A 94 -3.14 4.18 2.54
CA SER A 94 -3.60 5.57 2.64
C SER A 94 -2.79 6.34 3.68
N GLU A 95 -2.02 5.63 4.50
CA GLU A 95 -1.21 6.27 5.54
C GLU A 95 -0.19 7.22 4.92
N ARG A 96 0.51 6.75 3.89
CA ARG A 96 1.53 7.56 3.24
C ARG A 96 1.50 7.38 1.73
N ILE A 97 0.31 7.29 1.16
CA ILE A 97 0.16 7.13 -0.29
C ILE A 97 -0.73 8.22 -0.86
N GLY A 98 -0.16 9.04 -1.74
CA GLY A 98 -0.93 10.12 -2.34
C GLY A 98 -1.06 9.99 -3.84
N ASN A 99 -1.71 10.97 -4.46
CA ASN A 99 -1.89 10.98 -5.90
C ASN A 99 -1.59 12.36 -6.48
N ASP A 100 -0.39 12.52 -7.04
CA ASP A 100 0.02 13.79 -7.61
C ASP A 100 -0.33 13.86 -9.10
N CYS A 101 -1.20 14.79 -9.46
CA CYS A 101 -1.61 14.96 -10.85
C CYS A 101 -2.19 13.66 -11.41
N GLY A 102 -2.78 12.85 -10.52
CA GLY A 102 -3.36 11.60 -10.94
C GLY A 102 -2.37 10.44 -10.86
N THR A 103 -1.09 10.76 -10.68
CA THR A 103 -0.05 9.73 -10.59
C THR A 103 0.12 9.26 -9.16
N LEU A 104 0.44 7.99 -8.99
CA LEU A 104 0.63 7.40 -7.67
C LEU A 104 1.94 7.88 -7.05
N ILE A 105 1.85 8.41 -5.84
CA ILE A 105 3.03 8.91 -5.13
C ILE A 105 3.03 8.45 -3.67
N PHE A 106 4.11 8.72 -2.97
CA PHE A 106 4.23 8.34 -1.56
C PHE A 106 4.55 9.56 -0.70
N LEU A 107 3.91 9.65 0.46
CA LEU A 107 4.13 10.76 1.38
C LEU A 107 5.53 10.70 1.97
N ALA A 108 6.42 11.54 1.44
CA ALA A 108 7.80 11.60 1.92
C ALA A 108 8.15 12.98 2.46
N MET A 1 -1.78 13.18 4.41
CA MET A 1 -2.14 11.74 4.45
C MET A 1 -2.37 11.19 3.04
N GLY A 2 -2.69 9.91 2.96
CA GLY A 2 -2.92 9.28 1.67
C GLY A 2 -4.39 9.30 1.28
N ASN A 3 -4.92 10.50 1.15
CA ASN A 3 -6.29 10.70 0.75
C ASN A 3 -6.57 10.09 -0.63
N PHE A 4 -5.50 9.78 -1.37
CA PHE A 4 -5.63 9.22 -2.70
C PHE A 4 -6.67 8.11 -2.74
N HIS A 5 -6.80 7.37 -1.65
CA HIS A 5 -7.76 6.28 -1.56
C HIS A 5 -9.19 6.82 -1.70
N GLU A 6 -9.41 8.01 -1.14
CA GLU A 6 -10.73 8.63 -1.20
C GLU A 6 -10.95 9.33 -2.54
N SER A 7 -9.86 9.68 -3.22
CA SER A 7 -9.95 10.35 -4.51
C SER A 7 -9.53 9.41 -5.64
N SER A 8 -9.43 8.12 -5.35
CA SER A 8 -9.04 7.14 -6.36
C SER A 8 -10.05 6.00 -6.44
N ASN A 9 -10.11 5.35 -7.59
CA ASN A 9 -11.03 4.24 -7.80
C ASN A 9 -10.27 2.97 -8.14
N ASN A 10 -10.93 1.83 -7.95
CA ASN A 10 -10.31 0.53 -8.23
C ASN A 10 -9.03 0.36 -7.44
N ILE A 11 -9.13 0.40 -6.11
CA ILE A 11 -7.97 0.25 -5.24
C ILE A 11 -7.79 -1.21 -4.83
N TRP A 12 -6.68 -1.80 -5.24
CA TRP A 12 -6.39 -3.20 -4.91
C TRP A 12 -4.91 -3.50 -5.02
N LEU A 13 -4.55 -4.76 -4.88
CA LEU A 13 -3.15 -5.18 -4.96
C LEU A 13 -2.99 -6.42 -5.84
N GLU A 14 -1.89 -6.50 -6.56
CA GLU A 14 -1.62 -7.63 -7.45
C GLU A 14 -0.38 -8.39 -6.98
N ASP A 15 -0.55 -9.67 -6.68
CA ASP A 15 0.56 -10.51 -6.23
C ASP A 15 1.18 -9.96 -4.96
N GLY A 16 0.44 -9.10 -4.25
CA GLY A 16 0.94 -8.53 -3.02
C GLY A 16 2.24 -7.76 -3.20
N HIS A 17 2.22 -6.78 -4.10
CA HIS A 17 3.41 -5.96 -4.36
C HIS A 17 3.11 -4.84 -5.35
N ILE A 18 2.19 -5.10 -6.27
CA ILE A 18 1.81 -4.09 -7.28
C ILE A 18 0.47 -3.46 -6.94
N LEU A 19 0.44 -2.12 -6.92
CA LEU A 19 -0.77 -1.38 -6.61
C LEU A 19 -1.33 -0.70 -7.86
N HIS A 20 -2.65 -0.67 -7.96
CA HIS A 20 -3.30 -0.03 -9.10
C HIS A 20 -4.53 0.75 -8.63
N ALA A 21 -4.66 1.97 -9.11
CA ALA A 21 -5.79 2.82 -8.74
C ALA A 21 -5.95 3.99 -9.71
N GLU A 22 -7.19 4.42 -9.90
CA GLU A 22 -7.49 5.52 -10.80
C GLU A 22 -7.57 6.84 -10.04
N CYS A 23 -6.49 7.59 -10.05
CA CYS A 23 -6.44 8.87 -9.35
C CYS A 23 -6.53 10.04 -10.32
N GLY A 24 -7.40 10.99 -10.02
CA GLY A 24 -7.57 12.15 -10.87
C GLY A 24 -6.43 13.15 -10.73
N ASN A 25 -6.46 14.20 -11.53
CA ASN A 25 -5.42 15.23 -11.50
C ASN A 25 -5.99 16.57 -11.04
N GLY A 26 -7.21 16.86 -11.48
CA GLY A 26 -7.85 18.11 -11.12
C GLY A 26 -8.70 18.67 -12.23
N GLU A 27 -8.38 18.30 -13.46
CA GLU A 27 -9.12 18.77 -14.62
C GLU A 27 -10.56 18.26 -14.60
N GLY A 28 -10.76 17.11 -13.95
CA GLY A 28 -12.08 16.52 -13.87
C GLY A 28 -12.11 15.09 -14.38
N ASP A 29 -10.95 14.58 -14.80
CA ASP A 29 -10.86 13.22 -15.31
C ASP A 29 -10.01 12.35 -14.39
N TYR A 30 -10.11 11.03 -14.57
CA TYR A 30 -9.35 10.10 -13.76
C TYR A 30 -8.18 9.53 -14.53
N VAL A 31 -7.14 9.10 -13.81
CA VAL A 31 -5.95 8.54 -14.43
C VAL A 31 -5.53 7.24 -13.74
N GLU A 32 -5.24 6.22 -14.54
CA GLU A 32 -4.82 4.94 -14.00
C GLU A 32 -3.35 4.97 -13.59
N SER A 33 -3.11 4.85 -12.29
CA SER A 33 -1.74 4.88 -11.77
C SER A 33 -1.40 3.57 -11.07
N THR A 34 -0.12 3.39 -10.75
CA THR A 34 0.33 2.18 -10.08
C THR A 34 1.57 2.47 -9.22
N LEU A 35 1.76 1.68 -8.18
CA LEU A 35 2.90 1.84 -7.28
C LEU A 35 3.42 0.50 -6.81
N ASP A 36 4.75 0.37 -6.74
CA ASP A 36 5.39 -0.86 -6.31
C ASP A 36 5.78 -0.77 -4.84
N LEU A 37 5.29 -1.70 -4.04
CA LEU A 37 5.60 -1.73 -2.62
C LEU A 37 6.85 -2.53 -2.35
N ASP A 38 7.11 -3.51 -3.22
CA ASP A 38 8.29 -4.35 -3.09
C ASP A 38 9.55 -3.52 -3.11
N TYR A 39 9.42 -2.24 -3.47
CA TYR A 39 10.57 -1.34 -3.52
C TYR A 39 10.31 -0.06 -2.72
N TYR A 40 9.13 0.05 -2.14
CA TYR A 40 8.77 1.23 -1.35
C TYR A 40 8.51 0.87 0.12
N ILE A 41 8.17 -0.40 0.35
CA ILE A 41 7.90 -0.88 1.71
C ILE A 41 8.82 -2.05 2.06
N GLY A 42 9.29 -2.07 3.30
CA GLY A 42 10.17 -3.14 3.74
C GLY A 42 9.67 -3.82 4.99
N ASN A 43 10.42 -4.83 5.44
CA ASN A 43 10.06 -5.59 6.63
C ASN A 43 10.83 -5.08 7.85
N ASP A 44 10.12 -4.44 8.76
CA ASP A 44 10.74 -3.92 9.98
C ASP A 44 10.24 -4.68 11.20
N ASP A 45 11.03 -5.64 11.65
CA ASP A 45 10.67 -6.45 12.81
C ASP A 45 9.29 -7.08 12.64
N GLY A 46 9.07 -7.70 11.48
CA GLY A 46 7.80 -8.34 11.21
C GLY A 46 6.67 -7.33 11.04
N SER A 47 7.04 -6.07 10.82
CA SER A 47 6.06 -5.01 10.64
C SER A 47 6.35 -4.22 9.36
N PHE A 48 5.30 -3.64 8.79
CA PHE A 48 5.44 -2.85 7.56
C PHE A 48 6.18 -1.55 7.83
N SER A 49 7.02 -1.16 6.88
CA SER A 49 7.79 0.08 7.01
C SER A 49 7.68 0.94 5.75
N TRP A 50 7.23 2.18 5.92
CA TRP A 50 7.07 3.10 4.81
C TRP A 50 8.43 3.60 4.32
N GLY A 51 8.73 3.35 3.05
CA GLY A 51 9.99 3.79 2.49
C GLY A 51 11.03 2.67 2.43
N GLY A 52 10.57 1.43 2.65
CA GLY A 52 11.47 0.30 2.61
C GLY A 52 11.41 -0.44 1.29
N GLU A 53 11.64 -1.75 1.33
CA GLU A 53 11.60 -2.57 0.13
C GLU A 53 11.88 -4.04 0.45
N ASN A 54 11.47 -4.92 -0.46
CA ASN A 54 11.67 -6.35 -0.28
C ASN A 54 10.91 -6.87 0.94
N PHE A 55 9.81 -6.20 1.28
CA PHE A 55 8.99 -6.59 2.41
C PHE A 55 8.45 -8.02 2.21
N SER A 56 8.01 -8.31 0.99
CA SER A 56 7.48 -9.63 0.66
C SER A 56 8.55 -10.70 0.81
N GLY A 57 9.81 -10.28 0.84
CA GLY A 57 10.91 -11.22 0.98
C GLY A 57 10.68 -12.23 2.09
N SER A 58 10.13 -11.76 3.21
CA SER A 58 9.84 -12.64 4.35
C SER A 58 8.37 -12.61 4.70
N ALA A 59 7.52 -12.36 3.71
CA ALA A 59 6.09 -12.31 3.94
C ALA A 59 5.37 -13.34 3.07
N SER A 60 4.16 -13.72 3.49
CA SER A 60 3.37 -14.71 2.76
C SER A 60 1.93 -14.24 2.60
N ASN A 61 1.27 -14.72 1.55
CA ASN A 61 -0.13 -14.38 1.28
C ASN A 61 -0.40 -12.90 1.56
N ILE A 62 0.30 -12.02 0.85
CA ILE A 62 0.14 -10.58 1.02
C ILE A 62 -1.03 -10.07 0.19
N THR A 63 -2.07 -9.59 0.86
CA THR A 63 -3.25 -9.08 0.18
C THR A 63 -3.74 -7.79 0.83
N LEU A 64 -4.48 -6.99 0.06
CA LEU A 64 -5.01 -5.73 0.56
C LEU A 64 -6.51 -5.84 0.84
N ASP A 65 -6.92 -5.45 2.04
CA ASP A 65 -8.32 -5.50 2.43
C ASP A 65 -8.80 -4.15 2.97
N ILE A 66 -10.10 -3.90 2.85
CA ILE A 66 -10.68 -2.65 3.32
C ILE A 66 -11.02 -2.74 4.81
N GLU A 67 -10.78 -1.66 5.54
CA GLU A 67 -11.05 -1.62 6.96
C GLU A 67 -11.62 -0.26 7.37
N GLY A 68 -12.77 -0.29 8.03
CA GLY A 68 -13.40 0.94 8.47
C GLY A 68 -14.56 1.35 7.58
N ASP A 69 -15.42 2.22 8.09
CA ASP A 69 -16.58 2.68 7.34
C ASP A 69 -16.18 3.69 6.26
N ASP A 70 -14.92 4.10 6.27
CA ASP A 70 -14.42 5.05 5.28
C ASP A 70 -13.80 4.34 4.08
N ASN A 71 -13.68 3.02 4.17
CA ASN A 71 -13.09 2.23 3.08
C ASN A 71 -11.63 2.59 2.90
N ILE A 72 -10.78 2.07 3.77
CA ILE A 72 -9.35 2.34 3.71
C ILE A 72 -8.58 1.07 3.33
N PRO A 73 -7.84 1.12 2.20
CA PRO A 73 -7.05 -0.03 1.73
C PRO A 73 -5.95 -0.43 2.72
N VAL A 74 -6.18 -1.49 3.47
CA VAL A 74 -5.22 -1.96 4.46
C VAL A 74 -4.55 -3.25 4.00
N LEU A 75 -3.23 -3.22 3.88
CA LEU A 75 -2.47 -4.40 3.46
C LEU A 75 -2.08 -5.26 4.65
N ARG A 76 -2.55 -6.49 4.68
CA ARG A 76 -2.25 -7.41 5.77
C ARG A 76 -1.46 -8.62 5.26
N ALA A 77 -0.39 -8.95 5.97
CA ALA A 77 0.45 -10.08 5.61
C ALA A 77 1.40 -10.46 6.74
N GLU A 78 1.61 -11.76 6.93
CA GLU A 78 2.50 -12.25 7.97
C GLU A 78 3.95 -11.99 7.61
N LEU A 79 4.63 -11.16 8.41
CA LEU A 79 6.03 -10.83 8.15
C LEU A 79 6.96 -11.55 9.13
N ASN A 80 8.16 -11.87 8.67
CA ASN A 80 9.15 -12.53 9.52
C ASN A 80 10.02 -11.51 10.23
N PRO A 81 9.83 -11.32 11.54
CA PRO A 81 10.62 -10.36 12.33
C PRO A 81 12.03 -10.85 12.59
N MET A 82 12.89 -9.93 13.04
CA MET A 82 14.27 -10.26 13.34
C MET A 82 14.38 -11.03 14.65
N ASP A 83 13.38 -10.87 15.51
CA ASP A 83 13.36 -11.56 16.80
C ASP A 83 13.05 -13.05 16.61
N GLY A 84 12.09 -13.34 15.75
CA GLY A 84 11.73 -14.72 15.50
C GLY A 84 10.21 -14.93 15.45
N ASP A 85 9.78 -15.96 14.74
CA ASP A 85 8.37 -16.27 14.62
C ASP A 85 7.63 -15.18 13.85
N PRO A 86 7.02 -15.52 12.69
CA PRO A 86 6.29 -14.56 11.88
C PRO A 86 5.17 -13.88 12.65
N VAL A 87 4.84 -12.65 12.27
CA VAL A 87 3.78 -11.90 12.93
C VAL A 87 2.86 -11.22 11.92
N GLU A 88 1.57 -11.23 12.20
CA GLU A 88 0.59 -10.63 11.31
C GLU A 88 0.78 -9.11 11.25
N ALA A 89 1.20 -8.63 10.09
CA ALA A 89 1.44 -7.21 9.90
C ALA A 89 0.33 -6.58 9.06
N ASN A 90 -0.09 -5.38 9.42
CA ASN A 90 -1.13 -4.67 8.70
C ASN A 90 -0.78 -3.20 8.52
N VAL A 91 -0.73 -2.75 7.27
CA VAL A 91 -0.41 -1.37 6.97
C VAL A 91 -1.43 -0.76 6.03
N ASN A 92 -1.87 0.46 6.34
CA ASN A 92 -2.84 1.16 5.51
C ASN A 92 -2.13 2.02 4.47
N LEU A 93 -2.18 1.59 3.21
CA LEU A 93 -1.54 2.33 2.12
C LEU A 93 -1.90 3.81 2.17
N SER A 94 -3.15 4.09 2.52
CA SER A 94 -3.63 5.46 2.62
C SER A 94 -2.83 6.26 3.65
N GLU A 95 -2.06 5.56 4.48
CA GLU A 95 -1.26 6.21 5.51
C GLU A 95 -0.24 7.17 4.89
N ARG A 96 0.47 6.70 3.87
CA ARG A 96 1.48 7.52 3.21
C ARG A 96 1.46 7.33 1.69
N ILE A 97 0.26 7.24 1.13
CA ILE A 97 0.11 7.07 -0.31
C ILE A 97 -0.77 8.17 -0.90
N GLY A 98 -0.20 8.97 -1.78
CA GLY A 98 -0.96 10.05 -2.39
C GLY A 98 -1.07 9.92 -3.89
N ASN A 99 -1.73 10.88 -4.52
CA ASN A 99 -1.91 10.88 -5.96
C ASN A 99 -1.56 12.25 -6.56
N ASP A 100 -0.36 12.36 -7.12
CA ASP A 100 0.10 13.61 -7.72
C ASP A 100 -0.21 13.65 -9.20
N CYS A 101 -1.04 14.61 -9.61
CA CYS A 101 -1.42 14.76 -11.01
C CYS A 101 -2.03 13.48 -11.56
N GLY A 102 -2.68 12.71 -10.67
CA GLY A 102 -3.29 11.47 -11.09
C GLY A 102 -2.34 10.28 -11.00
N THR A 103 -1.06 10.57 -10.78
CA THR A 103 -0.05 9.52 -10.67
C THR A 103 0.08 9.05 -9.22
N LEU A 104 0.41 7.78 -9.05
CA LEU A 104 0.57 7.20 -7.72
C LEU A 104 1.89 7.64 -7.09
N ILE A 105 1.81 8.20 -5.88
CA ILE A 105 3.00 8.67 -5.18
C ILE A 105 2.96 8.25 -3.72
N PHE A 106 4.08 8.44 -3.01
CA PHE A 106 4.17 8.08 -1.61
C PHE A 106 4.63 9.29 -0.78
N LEU A 107 4.02 9.46 0.38
CA LEU A 107 4.36 10.58 1.26
C LEU A 107 5.76 10.40 1.84
N ALA A 108 6.73 11.11 1.28
CA ALA A 108 8.11 11.02 1.73
C ALA A 108 8.59 12.36 2.28
N MET A 1 -1.74 13.16 4.44
CA MET A 1 -2.27 11.78 4.50
C MET A 1 -2.49 11.21 3.10
N GLY A 2 -2.72 9.91 3.02
CA GLY A 2 -2.95 9.27 1.75
C GLY A 2 -4.40 9.27 1.35
N ASN A 3 -4.95 10.46 1.20
CA ASN A 3 -6.33 10.64 0.80
C ASN A 3 -6.59 10.04 -0.58
N PHE A 4 -5.50 9.76 -1.31
CA PHE A 4 -5.62 9.21 -2.65
C PHE A 4 -6.65 8.08 -2.72
N HIS A 5 -6.76 7.33 -1.63
CA HIS A 5 -7.72 6.23 -1.58
C HIS A 5 -9.15 6.75 -1.73
N GLU A 6 -9.40 7.95 -1.20
CA GLU A 6 -10.72 8.55 -1.28
C GLU A 6 -10.94 9.23 -2.62
N SER A 7 -9.84 9.60 -3.28
CA SER A 7 -9.91 10.27 -4.57
C SER A 7 -9.42 9.36 -5.69
N SER A 8 -9.29 8.07 -5.42
CA SER A 8 -8.83 7.12 -6.42
C SER A 8 -9.84 5.98 -6.59
N ASN A 9 -9.82 5.36 -7.77
CA ASN A 9 -10.71 4.26 -8.06
C ASN A 9 -9.92 3.00 -8.40
N ASN A 10 -10.57 1.86 -8.29
CA ASN A 10 -9.93 0.58 -8.55
C ASN A 10 -8.67 0.41 -7.69
N ILE A 11 -8.87 0.44 -6.37
CA ILE A 11 -7.77 0.29 -5.44
C ILE A 11 -7.61 -1.17 -5.01
N TRP A 12 -6.46 -1.76 -5.35
CA TRP A 12 -6.19 -3.15 -5.01
C TRP A 12 -4.70 -3.46 -5.09
N LEU A 13 -4.36 -4.73 -4.92
CA LEU A 13 -2.96 -5.15 -4.97
C LEU A 13 -2.81 -6.45 -5.75
N GLU A 14 -1.76 -6.53 -6.56
CA GLU A 14 -1.49 -7.72 -7.36
C GLU A 14 -0.28 -8.48 -6.81
N ASP A 15 -0.51 -9.73 -6.42
CA ASP A 15 0.56 -10.56 -5.88
C ASP A 15 1.15 -9.95 -4.61
N GLY A 16 0.41 -9.03 -4.00
CA GLY A 16 0.88 -8.38 -2.78
C GLY A 16 2.19 -7.64 -2.97
N HIS A 17 2.21 -6.71 -3.91
CA HIS A 17 3.41 -5.92 -4.18
C HIS A 17 3.16 -4.86 -5.25
N ILE A 18 2.28 -5.17 -6.20
CA ILE A 18 1.95 -4.24 -7.27
C ILE A 18 0.58 -3.61 -7.04
N LEU A 19 0.57 -2.30 -6.84
CA LEU A 19 -0.67 -1.57 -6.61
C LEU A 19 -1.15 -0.87 -7.88
N HIS A 20 -2.46 -0.85 -8.07
CA HIS A 20 -3.05 -0.22 -9.25
C HIS A 20 -4.29 0.57 -8.86
N ALA A 21 -4.40 1.79 -9.38
CA ALA A 21 -5.54 2.64 -9.08
C ALA A 21 -5.57 3.85 -10.01
N GLU A 22 -6.77 4.34 -10.31
CA GLU A 22 -6.91 5.50 -11.19
C GLU A 22 -7.35 6.73 -10.41
N CYS A 23 -6.45 7.71 -10.31
CA CYS A 23 -6.74 8.93 -9.57
C CYS A 23 -6.93 10.11 -10.54
N GLY A 24 -7.73 11.09 -10.12
CA GLY A 24 -7.98 12.25 -10.96
C GLY A 24 -6.98 13.36 -10.71
N ASN A 25 -7.00 14.37 -11.57
CA ASN A 25 -6.08 15.50 -11.43
C ASN A 25 -6.84 16.77 -11.04
N GLY A 26 -8.02 16.94 -11.61
CA GLY A 26 -8.84 18.11 -11.32
C GLY A 26 -9.53 18.65 -12.55
N GLU A 27 -8.98 18.31 -13.72
CA GLU A 27 -9.54 18.76 -14.99
C GLU A 27 -10.92 18.15 -15.22
N GLY A 28 -11.16 17.00 -14.60
CA GLY A 28 -12.45 16.33 -14.75
C GLY A 28 -12.31 14.90 -15.24
N ASP A 29 -11.07 14.46 -15.42
CA ASP A 29 -10.81 13.10 -15.88
C ASP A 29 -9.93 12.34 -14.88
N TYR A 30 -9.89 11.02 -15.02
CA TYR A 30 -9.10 10.19 -14.12
C TYR A 30 -7.85 9.66 -14.83
N VAL A 31 -6.84 9.30 -14.05
CA VAL A 31 -5.59 8.79 -14.60
C VAL A 31 -5.15 7.52 -13.88
N GLU A 32 -4.87 6.47 -14.64
CA GLU A 32 -4.44 5.20 -14.09
C GLU A 32 -3.00 5.29 -13.58
N SER A 33 -2.79 4.79 -12.36
CA SER A 33 -1.46 4.82 -11.75
C SER A 33 -1.19 3.52 -10.99
N THR A 34 0.09 3.20 -10.81
CA THR A 34 0.47 1.99 -10.09
C THR A 34 1.72 2.24 -9.25
N LEU A 35 1.76 1.60 -8.08
CA LEU A 35 2.89 1.75 -7.17
C LEU A 35 3.41 0.38 -6.70
N ASP A 36 4.73 0.25 -6.66
CA ASP A 36 5.36 -0.99 -6.22
C ASP A 36 5.81 -0.88 -4.78
N LEU A 37 5.34 -1.81 -3.96
CA LEU A 37 5.70 -1.83 -2.54
C LEU A 37 6.97 -2.63 -2.32
N ASP A 38 7.21 -3.59 -3.20
CA ASP A 38 8.39 -4.44 -3.11
C ASP A 38 9.66 -3.59 -3.11
N TYR A 39 9.50 -2.31 -3.45
CA TYR A 39 10.65 -1.40 -3.49
C TYR A 39 10.37 -0.12 -2.69
N TYR A 40 9.20 -0.05 -2.06
CA TYR A 40 8.83 1.12 -1.26
C TYR A 40 8.58 0.74 0.19
N ILE A 41 8.26 -0.54 0.43
CA ILE A 41 8.00 -1.03 1.78
C ILE A 41 8.87 -2.24 2.10
N GLY A 42 9.32 -2.32 3.35
CA GLY A 42 10.15 -3.43 3.78
C GLY A 42 9.66 -4.07 5.05
N ASN A 43 10.38 -5.10 5.49
CA ASN A 43 10.02 -5.82 6.72
C ASN A 43 10.84 -5.31 7.90
N ASP A 44 10.18 -4.61 8.82
CA ASP A 44 10.85 -4.08 10.00
C ASP A 44 10.36 -4.79 11.25
N ASP A 45 11.13 -5.77 11.72
CA ASP A 45 10.77 -6.53 12.91
C ASP A 45 9.38 -7.14 12.78
N GLY A 46 9.14 -7.80 11.64
CA GLY A 46 7.85 -8.41 11.40
C GLY A 46 6.74 -7.39 11.24
N SER A 47 7.10 -6.15 10.97
CA SER A 47 6.13 -5.08 10.79
C SER A 47 6.37 -4.34 9.47
N PHE A 48 5.36 -3.59 9.03
CA PHE A 48 5.46 -2.84 7.79
C PHE A 48 6.17 -1.51 8.01
N SER A 49 7.02 -1.13 7.06
CA SER A 49 7.77 0.13 7.16
C SER A 49 7.65 0.93 5.87
N TRP A 50 7.29 2.20 6.01
CA TRP A 50 7.15 3.08 4.86
C TRP A 50 8.51 3.55 4.36
N GLY A 51 8.85 3.16 3.13
CA GLY A 51 10.12 3.55 2.56
C GLY A 51 11.10 2.38 2.47
N GLY A 52 10.61 1.17 2.74
CA GLY A 52 11.48 0.01 2.69
C GLY A 52 11.41 -0.69 1.34
N GLU A 53 11.62 -2.01 1.35
CA GLU A 53 11.59 -2.78 0.11
C GLU A 53 11.83 -4.26 0.40
N ASN A 54 11.35 -5.11 -0.51
CA ASN A 54 11.51 -6.56 -0.36
C ASN A 54 10.76 -7.06 0.87
N PHE A 55 9.69 -6.36 1.23
CA PHE A 55 8.88 -6.73 2.39
C PHE A 55 8.30 -8.14 2.21
N SER A 56 7.86 -8.43 0.99
CA SER A 56 7.28 -9.73 0.68
C SER A 56 8.32 -10.84 0.82
N GLY A 57 9.59 -10.48 0.66
CA GLY A 57 10.67 -11.45 0.77
C GLY A 57 10.57 -12.28 2.05
N SER A 58 9.96 -11.70 3.07
CA SER A 58 9.80 -12.39 4.35
C SER A 58 8.35 -12.33 4.82
N ALA A 59 7.43 -12.30 3.87
CA ALA A 59 6.01 -12.24 4.18
C ALA A 59 5.23 -13.33 3.45
N SER A 60 4.03 -13.63 3.93
CA SER A 60 3.19 -14.66 3.32
C SER A 60 1.78 -14.15 3.10
N ASN A 61 1.12 -14.69 2.07
CA ASN A 61 -0.25 -14.30 1.74
C ASN A 61 -0.49 -12.81 1.94
N ILE A 62 0.22 -12.00 1.15
CA ILE A 62 0.09 -10.55 1.23
C ILE A 62 -1.05 -10.05 0.34
N THR A 63 -2.06 -9.45 0.96
CA THR A 63 -3.21 -8.93 0.22
C THR A 63 -3.72 -7.64 0.86
N LEU A 64 -4.47 -6.86 0.07
CA LEU A 64 -5.03 -5.61 0.55
C LEU A 64 -6.52 -5.74 0.80
N ASP A 65 -6.95 -5.34 2.00
CA ASP A 65 -8.36 -5.41 2.37
C ASP A 65 -8.86 -4.08 2.90
N ILE A 66 -10.16 -3.84 2.77
CA ILE A 66 -10.76 -2.59 3.24
C ILE A 66 -11.11 -2.69 4.72
N GLU A 67 -10.85 -1.62 5.46
CA GLU A 67 -11.13 -1.58 6.88
C GLU A 67 -11.66 -0.20 7.30
N GLY A 68 -12.68 -0.19 8.15
CA GLY A 68 -13.25 1.05 8.61
C GLY A 68 -14.47 1.46 7.82
N ASP A 69 -15.22 2.43 8.33
CA ASP A 69 -16.42 2.91 7.66
C ASP A 69 -16.07 3.87 6.53
N ASP A 70 -14.82 4.28 6.45
CA ASP A 70 -14.37 5.20 5.41
C ASP A 70 -13.77 4.45 4.22
N ASN A 71 -13.66 3.12 4.34
CA ASN A 71 -13.10 2.30 3.27
C ASN A 71 -11.64 2.66 3.04
N ILE A 72 -10.78 2.14 3.91
CA ILE A 72 -9.35 2.41 3.80
C ILE A 72 -8.58 1.14 3.40
N PRO A 73 -7.86 1.19 2.26
CA PRO A 73 -7.08 0.04 1.77
C PRO A 73 -5.95 -0.33 2.71
N VAL A 74 -6.16 -1.39 3.48
CA VAL A 74 -5.16 -1.86 4.44
C VAL A 74 -4.52 -3.17 3.98
N LEU A 75 -3.19 -3.19 3.95
CA LEU A 75 -2.45 -4.37 3.53
C LEU A 75 -2.07 -5.22 4.74
N ARG A 76 -2.57 -6.45 4.77
CA ARG A 76 -2.29 -7.37 5.87
C ARG A 76 -1.56 -8.61 5.38
N ALA A 77 -0.49 -8.98 6.07
CA ALA A 77 0.30 -10.16 5.70
C ALA A 77 1.25 -10.55 6.81
N GLU A 78 1.40 -11.86 7.02
CA GLU A 78 2.30 -12.37 8.06
C GLU A 78 3.75 -12.05 7.72
N LEU A 79 4.34 -11.11 8.45
CA LEU A 79 5.72 -10.72 8.23
C LEU A 79 6.67 -11.53 9.10
N ASN A 80 7.89 -11.74 8.60
CA ASN A 80 8.90 -12.49 9.33
C ASN A 80 9.92 -11.54 9.97
N PRO A 81 9.89 -11.42 11.31
CA PRO A 81 10.81 -10.53 12.03
C PRO A 81 12.22 -11.11 12.09
N MET A 82 13.18 -10.28 12.49
CA MET A 82 14.57 -10.70 12.60
C MET A 82 14.79 -11.55 13.84
N ASP A 83 13.91 -11.39 14.83
CA ASP A 83 14.01 -12.15 16.08
C ASP A 83 13.53 -13.58 15.88
N GLY A 84 12.44 -13.73 15.13
CA GLY A 84 11.89 -15.05 14.89
C GLY A 84 10.39 -15.09 15.08
N ASP A 85 9.76 -16.16 14.58
CA ASP A 85 8.32 -16.32 14.70
C ASP A 85 7.58 -15.19 14.00
N PRO A 86 7.12 -15.42 12.76
CA PRO A 86 6.40 -14.42 11.98
C PRO A 86 5.21 -13.85 12.73
N VAL A 87 4.83 -12.62 12.41
CA VAL A 87 3.71 -11.96 13.06
C VAL A 87 2.81 -11.26 12.04
N GLU A 88 1.51 -11.27 12.30
CA GLU A 88 0.54 -10.64 11.41
C GLU A 88 0.75 -9.13 11.35
N ALA A 89 1.17 -8.63 10.20
CA ALA A 89 1.42 -7.20 10.02
C ALA A 89 0.30 -6.58 9.19
N ASN A 90 -0.05 -5.33 9.52
CA ASN A 90 -1.09 -4.62 8.79
C ASN A 90 -0.73 -3.15 8.61
N VAL A 91 -0.69 -2.70 7.37
CA VAL A 91 -0.35 -1.32 7.06
C VAL A 91 -1.37 -0.70 6.11
N ASN A 92 -1.82 0.51 6.44
CA ASN A 92 -2.80 1.20 5.61
C ASN A 92 -2.08 2.04 4.54
N LEU A 93 -2.19 1.60 3.28
CA LEU A 93 -1.55 2.31 2.18
C LEU A 93 -1.88 3.80 2.23
N SER A 94 -3.12 4.11 2.58
CA SER A 94 -3.58 5.49 2.68
C SER A 94 -2.77 6.27 3.71
N GLU A 95 -2.01 5.55 4.53
CA GLU A 95 -1.19 6.20 5.57
C GLU A 95 -0.19 7.16 4.96
N ARG A 96 0.52 6.72 3.92
CA ARG A 96 1.52 7.56 3.26
C ARG A 96 1.49 7.39 1.75
N ILE A 97 0.29 7.28 1.19
CA ILE A 97 0.14 7.13 -0.26
C ILE A 97 -0.77 8.21 -0.82
N GLY A 98 -0.21 9.04 -1.71
CA GLY A 98 -0.99 10.11 -2.29
C GLY A 98 -1.11 9.99 -3.80
N ASN A 99 -1.77 10.96 -4.42
CA ASN A 99 -1.95 10.98 -5.86
C ASN A 99 -1.66 12.35 -6.44
N ASP A 100 -0.50 12.50 -7.07
CA ASP A 100 -0.10 13.77 -7.66
C ASP A 100 -0.48 13.84 -9.13
N CYS A 101 -1.36 14.77 -9.48
CA CYS A 101 -1.79 14.94 -10.87
C CYS A 101 -2.33 13.63 -11.43
N GLY A 102 -2.91 12.81 -10.57
CA GLY A 102 -3.45 11.54 -11.00
C GLY A 102 -2.46 10.40 -10.86
N THR A 103 -1.18 10.74 -10.71
CA THR A 103 -0.13 9.74 -10.57
C THR A 103 0.02 9.33 -9.10
N LEU A 104 0.34 8.06 -8.89
CA LEU A 104 0.51 7.52 -7.54
C LEU A 104 1.83 8.01 -6.93
N ILE A 105 1.75 8.58 -5.73
CA ILE A 105 2.94 9.07 -5.05
C ILE A 105 2.97 8.59 -3.60
N PHE A 106 4.08 8.86 -2.92
CA PHE A 106 4.24 8.46 -1.53
C PHE A 106 4.53 9.67 -0.65
N LEU A 107 3.90 9.69 0.53
CA LEU A 107 4.09 10.79 1.46
C LEU A 107 5.51 10.79 2.03
N ALA A 108 6.34 11.70 1.53
CA ALA A 108 7.73 11.81 1.98
C ALA A 108 8.02 13.20 2.51
N MET A 1 -1.92 13.14 4.42
CA MET A 1 -2.50 11.77 4.47
C MET A 1 -2.71 11.22 3.06
N GLY A 2 -2.82 9.89 2.97
CA GLY A 2 -3.02 9.26 1.67
C GLY A 2 -4.46 9.27 1.23
N ASN A 3 -4.99 10.47 1.08
CA ASN A 3 -6.36 10.67 0.64
C ASN A 3 -6.57 10.07 -0.75
N PHE A 4 -5.48 9.77 -1.46
CA PHE A 4 -5.57 9.23 -2.80
C PHE A 4 -6.63 8.13 -2.90
N HIS A 5 -6.79 7.38 -1.81
CA HIS A 5 -7.77 6.29 -1.78
C HIS A 5 -9.18 6.84 -1.92
N GLU A 6 -9.41 8.02 -1.34
CA GLU A 6 -10.73 8.65 -1.39
C GLU A 6 -10.96 9.33 -2.73
N SER A 7 -9.88 9.69 -3.41
CA SER A 7 -9.97 10.35 -4.70
C SER A 7 -9.52 9.44 -5.84
N SER A 8 -9.48 8.13 -5.56
CA SER A 8 -9.07 7.16 -6.57
C SER A 8 -10.06 6.00 -6.64
N ASN A 9 -10.03 5.28 -7.76
CA ASN A 9 -10.94 4.15 -7.97
C ASN A 9 -10.14 2.88 -8.29
N ASN A 10 -10.78 1.74 -8.09
CA ASN A 10 -10.15 0.46 -8.35
C ASN A 10 -8.87 0.29 -7.53
N ILE A 11 -9.02 0.36 -6.21
CA ILE A 11 -7.88 0.23 -5.31
C ILE A 11 -7.72 -1.22 -4.86
N TRP A 12 -6.60 -1.83 -5.21
CA TRP A 12 -6.33 -3.23 -4.84
C TRP A 12 -4.85 -3.55 -4.96
N LEU A 13 -4.50 -4.82 -4.77
CA LEU A 13 -3.11 -5.25 -4.86
C LEU A 13 -2.98 -6.46 -5.78
N GLU A 14 -1.84 -6.55 -6.46
CA GLU A 14 -1.58 -7.66 -7.38
C GLU A 14 -0.33 -8.43 -6.95
N ASP A 15 -0.52 -9.71 -6.64
CA ASP A 15 0.59 -10.56 -6.22
C ASP A 15 1.23 -10.03 -4.92
N GLY A 16 0.51 -9.16 -4.21
CA GLY A 16 1.03 -8.61 -2.98
C GLY A 16 2.32 -7.84 -3.16
N HIS A 17 2.29 -6.83 -4.03
CA HIS A 17 3.48 -6.01 -4.29
C HIS A 17 3.17 -4.87 -5.25
N ILE A 18 2.25 -5.12 -6.19
CA ILE A 18 1.88 -4.11 -7.17
C ILE A 18 0.55 -3.46 -6.79
N LEU A 19 0.50 -2.13 -6.88
CA LEU A 19 -0.70 -1.38 -6.55
C LEU A 19 -1.29 -0.70 -7.79
N HIS A 20 -2.62 -0.66 -7.86
CA HIS A 20 -3.30 -0.04 -8.99
C HIS A 20 -4.45 0.83 -8.49
N ALA A 21 -4.58 2.02 -9.06
CA ALA A 21 -5.64 2.94 -8.66
C ALA A 21 -5.78 4.08 -9.66
N GLU A 22 -7.03 4.48 -9.93
CA GLU A 22 -7.30 5.55 -10.86
C GLU A 22 -7.40 6.89 -10.13
N CYS A 23 -6.31 7.64 -10.13
CA CYS A 23 -6.28 8.94 -9.46
C CYS A 23 -6.43 10.08 -10.47
N GLY A 24 -7.34 10.99 -10.18
CA GLY A 24 -7.57 12.12 -11.07
C GLY A 24 -6.49 13.17 -10.96
N ASN A 25 -6.59 14.21 -11.78
CA ASN A 25 -5.61 15.29 -11.77
C ASN A 25 -6.23 16.59 -11.28
N GLY A 26 -7.53 16.74 -11.52
CA GLY A 26 -8.23 17.95 -11.11
C GLY A 26 -9.17 18.47 -12.17
N GLU A 27 -8.85 18.20 -13.43
CA GLU A 27 -9.67 18.65 -14.55
C GLU A 27 -11.04 17.98 -14.51
N GLY A 28 -11.10 16.77 -13.96
CA GLY A 28 -12.35 16.05 -13.87
C GLY A 28 -12.25 14.62 -14.38
N ASP A 29 -11.08 14.26 -14.91
CA ASP A 29 -10.87 12.91 -15.42
C ASP A 29 -9.96 12.10 -14.50
N TYR A 30 -9.95 10.79 -14.68
CA TYR A 30 -9.13 9.91 -13.86
C TYR A 30 -7.90 9.45 -14.63
N VAL A 31 -6.88 9.03 -13.89
CA VAL A 31 -5.63 8.57 -14.50
C VAL A 31 -5.14 7.28 -13.86
N GLU A 32 -5.09 6.22 -14.66
CA GLU A 32 -4.65 4.92 -14.18
C GLU A 32 -3.16 4.94 -13.84
N SER A 33 -2.83 4.64 -12.59
CA SER A 33 -1.44 4.62 -12.14
C SER A 33 -1.19 3.40 -11.26
N THR A 34 0.09 3.15 -10.97
CA THR A 34 0.46 2.02 -10.13
C THR A 34 1.74 2.30 -9.35
N LEU A 35 1.90 1.65 -8.20
CA LEU A 35 3.07 1.83 -7.37
C LEU A 35 3.61 0.49 -6.89
N ASP A 36 4.93 0.38 -6.83
CA ASP A 36 5.58 -0.85 -6.38
C ASP A 36 5.94 -0.74 -4.91
N LEU A 37 5.42 -1.66 -4.11
CA LEU A 37 5.70 -1.67 -2.68
C LEU A 37 6.95 -2.49 -2.39
N ASP A 38 7.21 -3.47 -3.24
CA ASP A 38 8.38 -4.33 -3.09
C ASP A 38 9.66 -3.50 -3.08
N TYR A 39 9.54 -2.22 -3.45
CA TYR A 39 10.70 -1.34 -3.47
C TYR A 39 10.44 -0.05 -2.68
N TYR A 40 9.24 0.08 -2.12
CA TYR A 40 8.90 1.26 -1.33
C TYR A 40 8.56 0.89 0.11
N ILE A 41 8.24 -0.38 0.35
CA ILE A 41 7.91 -0.85 1.69
C ILE A 41 8.78 -2.04 2.08
N GLY A 42 9.19 -2.08 3.34
CA GLY A 42 10.02 -3.17 3.82
C GLY A 42 9.49 -3.78 5.10
N ASN A 43 10.19 -4.80 5.60
CA ASN A 43 9.79 -5.48 6.82
C ASN A 43 10.71 -5.11 7.97
N ASP A 44 10.15 -4.39 8.95
CA ASP A 44 10.92 -3.96 10.12
C ASP A 44 10.44 -4.69 11.38
N ASP A 45 11.14 -5.74 11.75
CA ASP A 45 10.79 -6.52 12.94
C ASP A 45 9.38 -7.10 12.80
N GLY A 46 9.11 -7.69 11.65
CA GLY A 46 7.80 -8.28 11.42
C GLY A 46 6.70 -7.24 11.30
N SER A 47 7.11 -5.98 11.04
CA SER A 47 6.15 -4.89 10.90
C SER A 47 6.38 -4.12 9.60
N PHE A 48 5.31 -3.59 9.03
CA PHE A 48 5.39 -2.83 7.80
C PHE A 48 6.16 -1.52 8.02
N SER A 49 6.97 -1.14 7.04
CA SER A 49 7.75 0.09 7.13
C SER A 49 7.60 0.92 5.87
N TRP A 50 7.19 2.18 6.03
CA TRP A 50 7.01 3.09 4.90
C TRP A 50 8.36 3.57 4.38
N GLY A 51 8.64 3.28 3.12
CA GLY A 51 9.90 3.70 2.52
C GLY A 51 10.93 2.58 2.48
N GLY A 52 10.47 1.35 2.73
CA GLY A 52 11.38 0.22 2.71
C GLY A 52 11.38 -0.50 1.37
N GLU A 53 11.57 -1.81 1.39
CA GLU A 53 11.58 -2.61 0.18
C GLU A 53 11.84 -4.07 0.48
N ASN A 54 11.38 -4.95 -0.42
CA ASN A 54 11.56 -6.39 -0.25
C ASN A 54 10.75 -6.89 0.94
N PHE A 55 9.65 -6.21 1.25
CA PHE A 55 8.81 -6.60 2.36
C PHE A 55 8.23 -8.00 2.15
N SER A 56 7.84 -8.28 0.92
CA SER A 56 7.27 -9.59 0.57
C SER A 56 8.32 -10.68 0.68
N GLY A 57 9.58 -10.30 0.52
CA GLY A 57 10.66 -11.28 0.59
C GLY A 57 10.60 -12.13 1.85
N SER A 58 9.99 -11.58 2.89
CA SER A 58 9.86 -12.29 4.16
C SER A 58 8.41 -12.28 4.64
N ALA A 59 7.47 -12.24 3.69
CA ALA A 59 6.05 -12.22 4.01
C ALA A 59 5.31 -13.33 3.27
N SER A 60 4.10 -13.62 3.71
CA SER A 60 3.29 -14.66 3.09
C SER A 60 1.86 -14.19 2.88
N ASN A 61 1.21 -14.73 1.84
CA ASN A 61 -0.17 -14.38 1.51
C ASN A 61 -0.47 -12.91 1.76
N ILE A 62 0.22 -12.04 1.02
CA ILE A 62 0.03 -10.60 1.16
C ILE A 62 -1.16 -10.12 0.32
N THR A 63 -2.17 -9.58 1.00
CA THR A 63 -3.36 -9.09 0.32
C THR A 63 -3.85 -7.79 0.93
N LEU A 64 -4.63 -7.03 0.17
CA LEU A 64 -5.16 -5.75 0.64
C LEU A 64 -6.65 -5.88 0.97
N ASP A 65 -7.02 -5.41 2.17
CA ASP A 65 -8.40 -5.47 2.61
C ASP A 65 -8.87 -4.11 3.09
N ILE A 66 -10.18 -3.87 3.01
CA ILE A 66 -10.76 -2.61 3.45
C ILE A 66 -11.04 -2.62 4.95
N GLU A 67 -10.82 -1.49 5.59
CA GLU A 67 -11.05 -1.37 7.04
C GLU A 67 -11.63 0.00 7.38
N GLY A 68 -12.63 0.00 8.26
CA GLY A 68 -13.25 1.25 8.65
C GLY A 68 -14.46 1.60 7.81
N ASP A 69 -15.21 2.61 8.23
CA ASP A 69 -16.40 3.04 7.50
C ASP A 69 -16.04 3.95 6.34
N ASP A 70 -14.79 4.42 6.31
CA ASP A 70 -14.34 5.31 5.24
C ASP A 70 -13.76 4.51 4.08
N ASN A 71 -13.62 3.20 4.25
CA ASN A 71 -13.07 2.33 3.21
C ASN A 71 -11.62 2.67 2.94
N ILE A 72 -10.76 2.24 3.85
CA ILE A 72 -9.33 2.49 3.72
C ILE A 72 -8.57 1.20 3.35
N PRO A 73 -7.79 1.22 2.26
CA PRO A 73 -7.03 0.06 1.81
C PRO A 73 -5.97 -0.37 2.83
N VAL A 74 -6.27 -1.43 3.57
CA VAL A 74 -5.35 -1.95 4.58
C VAL A 74 -4.68 -3.23 4.11
N LEU A 75 -3.35 -3.18 3.98
CA LEU A 75 -2.59 -4.34 3.54
C LEU A 75 -2.18 -5.20 4.73
N ARG A 76 -2.65 -6.45 4.74
CA ARG A 76 -2.34 -7.38 5.83
C ARG A 76 -1.58 -8.59 5.30
N ALA A 77 -0.53 -8.97 6.02
CA ALA A 77 0.29 -10.12 5.64
C ALA A 77 1.20 -10.55 6.78
N GLU A 78 1.49 -11.84 6.84
CA GLU A 78 2.37 -12.38 7.88
C GLU A 78 3.83 -12.06 7.59
N LEU A 79 4.39 -11.15 8.37
CA LEU A 79 5.79 -10.75 8.18
C LEU A 79 6.72 -11.56 9.08
N ASN A 80 7.96 -11.72 8.64
CA ASN A 80 8.95 -12.47 9.39
C ASN A 80 9.93 -11.51 10.09
N PRO A 81 9.87 -11.41 11.43
CA PRO A 81 10.74 -10.53 12.20
C PRO A 81 12.17 -11.06 12.30
N MET A 82 13.08 -10.22 12.75
CA MET A 82 14.48 -10.60 12.91
C MET A 82 14.67 -11.44 14.17
N ASP A 83 13.76 -11.31 15.12
CA ASP A 83 13.83 -12.05 16.38
C ASP A 83 13.47 -13.51 16.16
N GLY A 84 12.38 -13.74 15.42
CA GLY A 84 11.94 -15.10 15.16
C GLY A 84 10.43 -15.23 15.13
N ASP A 85 9.94 -16.23 14.41
CA ASP A 85 8.50 -16.46 14.31
C ASP A 85 7.81 -15.29 13.60
N PRO A 86 7.17 -15.55 12.45
CA PRO A 86 6.47 -14.50 11.69
C PRO A 86 5.20 -14.02 12.39
N VAL A 87 4.88 -12.75 12.22
CA VAL A 87 3.70 -12.17 12.84
C VAL A 87 2.84 -11.45 11.82
N GLU A 88 1.53 -11.46 12.03
CA GLU A 88 0.59 -10.81 11.13
C GLU A 88 0.76 -9.29 11.16
N ALA A 89 1.21 -8.73 10.03
CA ALA A 89 1.42 -7.30 9.92
C ALA A 89 0.31 -6.64 9.11
N ASN A 90 -0.07 -5.43 9.48
CA ASN A 90 -1.12 -4.70 8.78
C ASN A 90 -0.78 -3.23 8.65
N VAL A 91 -0.76 -2.73 7.41
CA VAL A 91 -0.44 -1.33 7.15
C VAL A 91 -1.42 -0.74 6.14
N ASN A 92 -1.96 0.42 6.46
CA ASN A 92 -2.90 1.10 5.58
C ASN A 92 -2.15 1.94 4.54
N LEU A 93 -2.31 1.60 3.27
CA LEU A 93 -1.65 2.32 2.19
C LEU A 93 -1.98 3.81 2.25
N SER A 94 -3.22 4.13 2.59
CA SER A 94 -3.65 5.52 2.69
C SER A 94 -2.83 6.29 3.73
N GLU A 95 -2.08 5.57 4.56
CA GLU A 95 -1.27 6.21 5.58
C GLU A 95 -0.26 7.17 4.98
N ARG A 96 0.43 6.71 3.93
CA ARG A 96 1.45 7.54 3.28
C ARG A 96 1.43 7.35 1.77
N ILE A 97 0.23 7.26 1.19
CA ILE A 97 0.10 7.09 -0.24
C ILE A 97 -0.79 8.18 -0.84
N GLY A 98 -0.21 8.99 -1.72
CA GLY A 98 -0.97 10.06 -2.33
C GLY A 98 -1.04 9.94 -3.85
N ASN A 99 -1.65 10.93 -4.49
CA ASN A 99 -1.78 10.94 -5.94
C ASN A 99 -1.44 12.31 -6.50
N ASP A 100 -0.28 12.42 -7.14
CA ASP A 100 0.16 13.68 -7.73
C ASP A 100 -0.18 13.73 -9.22
N CYS A 101 -1.03 14.67 -9.59
CA CYS A 101 -1.43 14.83 -10.99
C CYS A 101 -1.99 13.52 -11.55
N GLY A 102 -2.62 12.74 -10.68
CA GLY A 102 -3.19 11.47 -11.11
C GLY A 102 -2.22 10.31 -10.95
N THR A 103 -0.94 10.62 -10.77
CA THR A 103 0.08 9.59 -10.62
C THR A 103 0.21 9.16 -9.16
N LEU A 104 0.49 7.89 -8.95
CA LEU A 104 0.64 7.36 -7.59
C LEU A 104 1.95 7.83 -6.97
N ILE A 105 1.85 8.38 -5.76
CA ILE A 105 3.03 8.87 -5.06
C ILE A 105 3.02 8.44 -3.60
N PHE A 106 4.10 8.73 -2.88
CA PHE A 106 4.22 8.38 -1.47
C PHE A 106 4.54 9.61 -0.63
N LEU A 107 3.89 9.70 0.53
CA LEU A 107 4.12 10.84 1.43
C LEU A 107 5.52 10.80 2.01
N ALA A 108 6.42 11.58 1.42
CA ALA A 108 7.81 11.64 1.89
C ALA A 108 8.20 13.05 2.27
N MET A 1 -1.61 13.19 4.22
CA MET A 1 -2.51 12.01 4.31
C MET A 1 -2.72 11.37 2.95
N GLY A 2 -2.74 10.04 2.92
CA GLY A 2 -2.94 9.34 1.66
C GLY A 2 -4.39 9.33 1.23
N ASN A 3 -4.90 10.52 0.97
CA ASN A 3 -6.27 10.70 0.52
C ASN A 3 -6.50 10.03 -0.83
N PHE A 4 -5.40 9.69 -1.52
CA PHE A 4 -5.49 9.08 -2.84
C PHE A 4 -6.55 7.97 -2.88
N HIS A 5 -6.71 7.28 -1.76
CA HIS A 5 -7.70 6.21 -1.67
C HIS A 5 -9.11 6.77 -1.81
N GLU A 6 -9.34 7.94 -1.22
CA GLU A 6 -10.64 8.57 -1.27
C GLU A 6 -10.89 9.23 -2.63
N SER A 7 -9.81 9.58 -3.32
CA SER A 7 -9.91 10.21 -4.63
C SER A 7 -9.53 9.23 -5.75
N SER A 8 -9.52 7.94 -5.43
CA SER A 8 -9.18 6.92 -6.41
C SER A 8 -10.17 5.76 -6.36
N ASN A 9 -10.31 5.05 -7.47
CA ASN A 9 -11.22 3.92 -7.55
C ASN A 9 -10.48 2.65 -7.96
N ASN A 10 -11.05 1.50 -7.65
CA ASN A 10 -10.44 0.23 -7.97
C ASN A 10 -9.08 0.09 -7.30
N ILE A 11 -9.07 0.21 -5.97
CA ILE A 11 -7.84 0.10 -5.20
C ILE A 11 -7.63 -1.34 -4.72
N TRP A 12 -6.54 -1.96 -5.19
CA TRP A 12 -6.24 -3.33 -4.82
C TRP A 12 -4.75 -3.62 -4.99
N LEU A 13 -4.36 -4.87 -4.80
CA LEU A 13 -2.97 -5.28 -4.93
C LEU A 13 -2.84 -6.53 -5.79
N GLU A 14 -1.75 -6.62 -6.54
CA GLU A 14 -1.50 -7.77 -7.41
C GLU A 14 -0.25 -8.53 -6.96
N ASP A 15 -0.42 -9.81 -6.67
CA ASP A 15 0.69 -10.65 -6.23
C ASP A 15 1.31 -10.11 -4.94
N GLY A 16 0.58 -9.25 -4.24
CA GLY A 16 1.07 -8.69 -3.01
C GLY A 16 2.34 -7.88 -3.18
N HIS A 17 2.31 -6.90 -4.08
CA HIS A 17 3.48 -6.06 -4.31
C HIS A 17 3.16 -4.94 -5.30
N ILE A 18 2.27 -5.21 -6.26
CA ILE A 18 1.90 -4.21 -7.25
C ILE A 18 0.54 -3.59 -6.91
N LEU A 19 0.51 -2.26 -6.85
CA LEU A 19 -0.71 -1.54 -6.53
C LEU A 19 -1.28 -0.84 -7.76
N HIS A 20 -2.60 -0.82 -7.87
CA HIS A 20 -3.28 -0.19 -8.99
C HIS A 20 -4.47 0.64 -8.50
N ALA A 21 -4.59 1.85 -9.02
CA ALA A 21 -5.68 2.73 -8.63
C ALA A 21 -5.81 3.91 -9.59
N GLU A 22 -7.05 4.30 -9.88
CA GLU A 22 -7.31 5.41 -10.78
C GLU A 22 -7.50 6.71 -10.00
N CYS A 23 -6.44 7.50 -9.91
CA CYS A 23 -6.50 8.77 -9.18
C CYS A 23 -6.70 9.94 -10.14
N GLY A 24 -7.56 10.87 -9.76
CA GLY A 24 -7.83 12.03 -10.59
C GLY A 24 -6.75 13.09 -10.46
N ASN A 25 -6.84 14.12 -11.28
CA ASN A 25 -5.87 15.22 -11.25
C ASN A 25 -6.51 16.51 -10.77
N GLY A 26 -7.81 16.65 -11.01
CA GLY A 26 -8.52 17.84 -10.59
C GLY A 26 -9.31 18.48 -11.72
N GLU A 27 -8.88 18.22 -12.95
CA GLU A 27 -9.54 18.77 -14.13
C GLU A 27 -10.93 18.16 -14.30
N GLY A 28 -11.09 16.93 -13.81
CA GLY A 28 -12.38 16.26 -13.92
C GLY A 28 -12.26 14.85 -14.49
N ASP A 29 -11.04 14.46 -14.85
CA ASP A 29 -10.80 13.12 -15.38
C ASP A 29 -9.97 12.28 -14.42
N TYR A 30 -9.99 10.97 -14.63
CA TYR A 30 -9.23 10.06 -13.77
C TYR A 30 -8.01 9.51 -14.50
N VAL A 31 -6.99 9.12 -13.74
CA VAL A 31 -5.76 8.59 -14.31
C VAL A 31 -5.38 7.27 -13.64
N GLU A 32 -5.11 6.26 -14.47
CA GLU A 32 -4.72 4.95 -13.96
C GLU A 32 -3.22 4.91 -13.65
N SER A 33 -2.90 4.67 -12.38
CA SER A 33 -1.51 4.61 -11.94
C SER A 33 -1.27 3.39 -11.06
N THR A 34 0.00 3.11 -10.78
CA THR A 34 0.36 1.97 -9.95
C THR A 34 1.57 2.29 -9.09
N LEU A 35 1.69 1.58 -7.96
CA LEU A 35 2.81 1.78 -7.05
C LEU A 35 3.38 0.45 -6.59
N ASP A 36 4.70 0.33 -6.60
CA ASP A 36 5.38 -0.88 -6.19
C ASP A 36 5.78 -0.81 -4.72
N LEU A 37 5.33 -1.77 -3.94
CA LEU A 37 5.65 -1.82 -2.53
C LEU A 37 6.93 -2.59 -2.29
N ASP A 38 7.19 -3.55 -3.18
CA ASP A 38 8.39 -4.38 -3.09
C ASP A 38 9.64 -3.50 -3.10
N TYR A 39 9.47 -2.23 -3.44
CA TYR A 39 10.60 -1.30 -3.47
C TYR A 39 10.32 -0.04 -2.64
N TYR A 40 9.13 0.04 -2.04
CA TYR A 40 8.76 1.19 -1.22
C TYR A 40 8.50 0.78 0.23
N ILE A 41 8.18 -0.50 0.43
CA ILE A 41 7.91 -1.01 1.78
C ILE A 41 8.81 -2.20 2.09
N GLY A 42 9.29 -2.26 3.34
CA GLY A 42 10.15 -3.34 3.75
C GLY A 42 9.68 -4.02 5.03
N ASN A 43 10.39 -5.05 5.45
CA ASN A 43 10.04 -5.79 6.66
C ASN A 43 10.84 -5.28 7.85
N ASP A 44 10.18 -4.59 8.76
CA ASP A 44 10.84 -4.05 9.95
C ASP A 44 10.34 -4.76 11.20
N ASP A 45 11.10 -5.74 11.67
CA ASP A 45 10.74 -6.49 12.86
C ASP A 45 9.35 -7.12 12.71
N GLY A 46 9.11 -7.76 11.57
CA GLY A 46 7.83 -8.38 11.33
C GLY A 46 6.71 -7.37 11.18
N SER A 47 7.07 -6.11 10.90
CA SER A 47 6.09 -5.05 10.73
C SER A 47 6.33 -4.30 9.42
N PHE A 48 5.33 -3.53 9.00
CA PHE A 48 5.43 -2.77 7.76
C PHE A 48 6.15 -1.45 8.00
N SER A 49 7.01 -1.07 7.05
CA SER A 49 7.76 0.17 7.16
C SER A 49 7.66 0.99 5.87
N TRP A 50 7.29 2.25 6.02
CA TRP A 50 7.16 3.15 4.87
C TRP A 50 8.52 3.60 4.38
N GLY A 51 8.85 3.24 3.14
CA GLY A 51 10.13 3.62 2.57
C GLY A 51 11.10 2.45 2.48
N GLY A 52 10.62 1.25 2.76
CA GLY A 52 11.47 0.08 2.69
C GLY A 52 11.40 -0.62 1.35
N GLU A 53 11.64 -1.92 1.35
CA GLU A 53 11.61 -2.71 0.12
C GLU A 53 11.87 -4.19 0.41
N ASN A 54 11.43 -5.04 -0.50
CA ASN A 54 11.62 -6.48 -0.36
C ASN A 54 10.83 -7.01 0.84
N PHE A 55 9.75 -6.33 1.18
CA PHE A 55 8.91 -6.75 2.30
C PHE A 55 8.35 -8.15 2.07
N SER A 56 7.89 -8.40 0.85
CA SER A 56 7.33 -9.70 0.50
C SER A 56 8.37 -10.80 0.61
N GLY A 57 9.64 -10.43 0.44
CA GLY A 57 10.71 -11.41 0.53
C GLY A 57 10.67 -12.20 1.82
N SER A 58 10.09 -11.62 2.86
CA SER A 58 9.99 -12.28 4.16
C SER A 58 8.54 -12.29 4.65
N ALA A 59 7.60 -12.29 3.71
CA ALA A 59 6.18 -12.31 4.05
C ALA A 59 5.44 -13.42 3.31
N SER A 60 4.19 -13.65 3.68
CA SER A 60 3.38 -14.68 3.04
C SER A 60 1.95 -14.21 2.86
N ASN A 61 1.29 -14.71 1.82
CA ASN A 61 -0.10 -14.35 1.51
C ASN A 61 -0.36 -12.86 1.74
N ILE A 62 0.32 -12.03 0.97
CA ILE A 62 0.17 -10.59 1.08
C ILE A 62 -0.99 -10.08 0.21
N THR A 63 -1.99 -9.50 0.85
CA THR A 63 -3.16 -8.98 0.12
C THR A 63 -3.66 -7.68 0.75
N LEU A 64 -4.40 -6.91 -0.04
CA LEU A 64 -4.95 -5.64 0.43
C LEU A 64 -6.45 -5.76 0.70
N ASP A 65 -6.87 -5.28 1.87
CA ASP A 65 -8.28 -5.34 2.25
C ASP A 65 -8.77 -3.96 2.70
N ILE A 66 -10.08 -3.74 2.56
CA ILE A 66 -10.67 -2.46 2.95
C ILE A 66 -11.02 -2.48 4.44
N GLU A 67 -10.80 -1.33 5.09
CA GLU A 67 -11.09 -1.20 6.51
C GLU A 67 -11.51 0.23 6.85
N GLY A 68 -12.60 0.35 7.61
CA GLY A 68 -13.08 1.66 7.98
C GLY A 68 -14.25 2.12 7.13
N ASP A 69 -15.10 2.95 7.71
CA ASP A 69 -16.27 3.46 7.01
C ASP A 69 -15.87 4.29 5.79
N ASP A 70 -14.64 4.80 5.79
CA ASP A 70 -14.14 5.61 4.68
C ASP A 70 -13.53 4.73 3.59
N ASN A 71 -13.48 3.42 3.82
CA ASN A 71 -12.92 2.50 2.85
C ASN A 71 -11.44 2.74 2.66
N ILE A 72 -10.65 2.31 3.63
CA ILE A 72 -9.21 2.49 3.59
C ILE A 72 -8.51 1.18 3.22
N PRO A 73 -7.65 1.20 2.18
CA PRO A 73 -6.92 0.02 1.74
C PRO A 73 -5.80 -0.37 2.70
N VAL A 74 -6.07 -1.39 3.51
CA VAL A 74 -5.09 -1.86 4.48
C VAL A 74 -4.43 -3.17 4.01
N LEU A 75 -3.12 -3.13 3.84
CA LEU A 75 -2.37 -4.31 3.41
C LEU A 75 -2.02 -5.19 4.60
N ARG A 76 -2.52 -6.42 4.60
CA ARG A 76 -2.26 -7.36 5.69
C ARG A 76 -1.52 -8.59 5.17
N ALA A 77 -0.45 -8.96 5.88
CA ALA A 77 0.34 -10.12 5.50
C ALA A 77 1.28 -10.55 6.63
N GLU A 78 1.49 -11.85 6.76
CA GLU A 78 2.37 -12.38 7.80
C GLU A 78 3.82 -12.05 7.50
N LEU A 79 4.41 -11.19 8.33
CA LEU A 79 5.80 -10.78 8.15
C LEU A 79 6.72 -11.57 9.09
N ASN A 80 7.97 -11.76 8.65
CA ASN A 80 8.95 -12.48 9.45
C ASN A 80 9.89 -11.50 10.17
N PRO A 81 9.76 -11.37 11.49
CA PRO A 81 10.61 -10.47 12.28
C PRO A 81 12.02 -11.02 12.49
N MET A 82 12.92 -10.16 12.96
CA MET A 82 14.29 -10.56 13.21
C MET A 82 14.41 -11.31 14.55
N ASP A 83 13.44 -11.11 15.42
CA ASP A 83 13.42 -11.77 16.72
C ASP A 83 13.09 -13.26 16.58
N GLY A 84 12.11 -13.55 15.74
CA GLY A 84 11.71 -14.94 15.53
C GLY A 84 10.20 -15.10 15.42
N ASP A 85 9.77 -16.08 14.65
CA ASP A 85 8.34 -16.35 14.46
C ASP A 85 7.67 -15.20 13.71
N PRO A 86 7.03 -15.48 12.55
CA PRO A 86 6.36 -14.46 11.76
C PRO A 86 5.10 -13.93 12.45
N VAL A 87 4.84 -12.63 12.30
CA VAL A 87 3.67 -12.01 12.89
C VAL A 87 2.81 -11.31 11.85
N GLU A 88 1.51 -11.38 12.01
CA GLU A 88 0.58 -10.75 11.08
C GLU A 88 0.72 -9.23 11.11
N ALA A 89 1.18 -8.65 10.01
CA ALA A 89 1.36 -7.21 9.92
C ALA A 89 0.27 -6.58 9.06
N ASN A 90 -0.13 -5.37 9.43
CA ASN A 90 -1.16 -4.65 8.70
C ASN A 90 -0.81 -3.17 8.56
N VAL A 91 -0.75 -2.69 7.32
CA VAL A 91 -0.41 -1.30 7.06
C VAL A 91 -1.43 -0.67 6.12
N ASN A 92 -1.84 0.56 6.43
CA ASN A 92 -2.80 1.28 5.61
C ASN A 92 -2.09 2.14 4.57
N LEU A 93 -2.16 1.71 3.31
CA LEU A 93 -1.51 2.44 2.22
C LEU A 93 -1.86 3.92 2.26
N SER A 94 -3.12 4.22 2.60
CA SER A 94 -3.57 5.60 2.69
C SER A 94 -2.77 6.40 3.72
N GLU A 95 -2.01 5.70 4.55
CA GLU A 95 -1.20 6.35 5.57
C GLU A 95 -0.18 7.30 4.95
N ARG A 96 0.53 6.82 3.93
CA ARG A 96 1.54 7.63 3.26
C ARG A 96 1.51 7.43 1.74
N ILE A 97 0.31 7.32 1.18
CA ILE A 97 0.17 7.14 -0.25
C ILE A 97 -0.73 8.21 -0.85
N GLY A 98 -0.19 9.02 -1.74
CA GLY A 98 -0.97 10.08 -2.35
C GLY A 98 -1.08 9.94 -3.86
N ASN A 99 -1.73 10.90 -4.50
CA ASN A 99 -1.90 10.88 -5.95
C ASN A 99 -1.60 12.26 -6.54
N ASP A 100 -0.44 12.40 -7.16
CA ASP A 100 -0.04 13.66 -7.76
C ASP A 100 -0.42 13.71 -9.24
N CYS A 101 -1.30 14.64 -9.59
CA CYS A 101 -1.75 14.80 -10.97
C CYS A 101 -2.29 13.48 -11.52
N GLY A 102 -2.87 12.67 -10.64
CA GLY A 102 -3.42 11.39 -11.05
C GLY A 102 -2.42 10.25 -10.91
N THR A 103 -1.14 10.60 -10.76
CA THR A 103 -0.09 9.60 -10.62
C THR A 103 0.08 9.19 -9.17
N LEU A 104 0.40 7.91 -8.95
CA LEU A 104 0.58 7.40 -7.60
C LEU A 104 1.88 7.90 -7.00
N ILE A 105 1.81 8.45 -5.80
CA ILE A 105 2.98 8.98 -5.11
C ILE A 105 3.03 8.51 -3.67
N PHE A 106 4.13 8.82 -2.98
CA PHE A 106 4.29 8.42 -1.59
C PHE A 106 4.58 9.65 -0.72
N LEU A 107 3.97 9.68 0.46
CA LEU A 107 4.15 10.78 1.39
C LEU A 107 5.57 10.81 1.94
N ALA A 108 6.39 11.74 1.44
CA ALA A 108 7.77 11.86 1.87
C ALA A 108 8.05 13.26 2.40
N MET A 1 -0.69 12.36 4.44
CA MET A 1 -2.09 11.90 4.28
C MET A 1 -2.32 11.30 2.89
N GLY A 2 -2.61 10.00 2.86
CA GLY A 2 -2.86 9.33 1.60
C GLY A 2 -4.31 9.33 1.21
N ASN A 3 -4.84 10.53 1.02
CA ASN A 3 -6.23 10.72 0.61
C ASN A 3 -6.49 10.10 -0.75
N PHE A 4 -5.41 9.77 -1.47
CA PHE A 4 -5.54 9.19 -2.81
C PHE A 4 -6.59 8.09 -2.84
N HIS A 5 -6.72 7.35 -1.74
CA HIS A 5 -7.70 6.29 -1.66
C HIS A 5 -9.11 6.84 -1.79
N GLU A 6 -9.35 8.01 -1.21
CA GLU A 6 -10.66 8.65 -1.26
C GLU A 6 -10.90 9.31 -2.61
N SER A 7 -9.81 9.67 -3.29
CA SER A 7 -9.91 10.32 -4.60
C SER A 7 -9.49 9.37 -5.72
N SER A 8 -9.44 8.07 -5.42
CA SER A 8 -9.06 7.08 -6.41
C SER A 8 -10.05 5.92 -6.44
N ASN A 9 -10.11 5.22 -7.56
CA ASN A 9 -11.01 4.09 -7.72
C ASN A 9 -10.23 2.84 -8.08
N ASN A 10 -10.84 1.68 -7.84
CA ASN A 10 -10.20 0.40 -8.13
C ASN A 10 -8.91 0.24 -7.34
N ILE A 11 -9.02 0.27 -6.01
CA ILE A 11 -7.87 0.12 -5.15
C ILE A 11 -7.70 -1.33 -4.72
N TRP A 12 -6.59 -1.95 -5.12
CA TRP A 12 -6.32 -3.33 -4.78
C TRP A 12 -4.83 -3.64 -4.90
N LEU A 13 -4.48 -4.92 -4.73
CA LEU A 13 -3.08 -5.35 -4.82
C LEU A 13 -2.94 -6.56 -5.74
N GLU A 14 -1.80 -6.65 -6.42
CA GLU A 14 -1.53 -7.76 -7.32
C GLU A 14 -0.30 -8.53 -6.89
N ASP A 15 -0.48 -9.80 -6.57
CA ASP A 15 0.62 -10.65 -6.13
C ASP A 15 1.24 -10.14 -4.83
N GLY A 16 0.53 -9.25 -4.14
CA GLY A 16 1.02 -8.70 -2.89
C GLY A 16 2.31 -7.92 -3.05
N HIS A 17 2.29 -6.92 -3.94
CA HIS A 17 3.47 -6.09 -4.17
C HIS A 17 3.18 -4.96 -5.14
N ILE A 18 2.30 -5.22 -6.11
CA ILE A 18 1.93 -4.21 -7.09
C ILE A 18 0.62 -3.53 -6.72
N LEU A 19 0.62 -2.20 -6.75
CA LEU A 19 -0.57 -1.42 -6.42
C LEU A 19 -1.13 -0.74 -7.65
N HIS A 20 -2.46 -0.73 -7.76
CA HIS A 20 -3.13 -0.10 -8.89
C HIS A 20 -4.32 0.71 -8.42
N ALA A 21 -4.45 1.93 -8.92
CA ALA A 21 -5.55 2.81 -8.53
C ALA A 21 -5.72 3.95 -9.53
N GLU A 22 -6.98 4.30 -9.80
CA GLU A 22 -7.29 5.38 -10.74
C GLU A 22 -7.48 6.70 -9.99
N CYS A 23 -6.43 7.51 -9.97
CA CYS A 23 -6.48 8.80 -9.29
C CYS A 23 -6.65 9.93 -10.29
N GLY A 24 -7.46 10.93 -9.91
CA GLY A 24 -7.70 12.07 -10.79
C GLY A 24 -6.57 13.07 -10.75
N ASN A 25 -6.71 14.14 -11.53
CA ASN A 25 -5.69 15.19 -11.58
C ASN A 25 -6.24 16.51 -11.04
N GLY A 26 -7.51 16.77 -11.32
CA GLY A 26 -8.13 17.99 -10.85
C GLY A 26 -9.23 18.47 -11.77
N GLU A 27 -9.11 18.13 -13.06
CA GLU A 27 -10.09 18.53 -14.05
C GLU A 27 -11.42 17.84 -13.79
N GLY A 28 -11.37 16.64 -13.22
CA GLY A 28 -12.58 15.90 -12.93
C GLY A 28 -12.51 14.46 -13.44
N ASP A 29 -11.45 14.14 -14.17
CA ASP A 29 -11.29 12.80 -14.70
C ASP A 29 -10.31 11.98 -13.85
N TYR A 30 -10.30 10.67 -14.07
CA TYR A 30 -9.43 9.78 -13.32
C TYR A 30 -8.25 9.31 -14.18
N VAL A 31 -7.17 8.93 -13.52
CA VAL A 31 -5.97 8.47 -14.22
C VAL A 31 -5.41 7.21 -13.58
N GLU A 32 -5.45 6.11 -14.33
CA GLU A 32 -4.95 4.83 -13.84
C GLU A 32 -3.45 4.90 -13.55
N SER A 33 -3.08 4.59 -12.32
CA SER A 33 -1.69 4.60 -11.91
C SER A 33 -1.37 3.39 -11.04
N THR A 34 -0.09 3.15 -10.78
CA THR A 34 0.33 2.03 -9.97
C THR A 34 1.56 2.36 -9.14
N LEU A 35 1.74 1.62 -8.04
CA LEU A 35 2.88 1.84 -7.16
C LEU A 35 3.45 0.50 -6.69
N ASP A 36 4.78 0.40 -6.70
CA ASP A 36 5.45 -0.83 -6.28
C ASP A 36 5.86 -0.73 -4.81
N LEU A 37 5.37 -1.67 -4.01
CA LEU A 37 5.68 -1.70 -2.59
C LEU A 37 6.94 -2.50 -2.34
N ASP A 38 7.21 -3.47 -3.21
CA ASP A 38 8.39 -4.31 -3.09
C ASP A 38 9.65 -3.45 -3.09
N TYR A 39 9.50 -2.17 -3.45
CA TYR A 39 10.64 -1.27 -3.49
C TYR A 39 10.37 0.02 -2.70
N TYR A 40 9.19 0.08 -2.07
CA TYR A 40 8.82 1.26 -1.28
C TYR A 40 8.57 0.89 0.18
N ILE A 41 8.20 -0.36 0.42
CA ILE A 41 7.93 -0.84 1.77
C ILE A 41 8.82 -2.02 2.13
N GLY A 42 9.25 -2.08 3.38
CA GLY A 42 10.10 -3.17 3.84
C GLY A 42 9.58 -3.81 5.11
N ASN A 43 10.23 -4.89 5.54
CA ASN A 43 9.83 -5.59 6.75
C ASN A 43 10.70 -5.18 7.93
N ASP A 44 10.10 -4.47 8.88
CA ASP A 44 10.83 -4.01 10.07
C ASP A 44 10.32 -4.72 11.32
N ASP A 45 11.04 -5.76 11.73
CA ASP A 45 10.66 -6.52 12.91
C ASP A 45 9.27 -7.13 12.76
N GLY A 46 9.03 -7.77 11.61
CA GLY A 46 7.75 -8.38 11.35
C GLY A 46 6.65 -7.35 11.18
N SER A 47 7.03 -6.11 10.91
CA SER A 47 6.06 -5.03 10.73
C SER A 47 6.32 -4.29 9.42
N PHE A 48 5.32 -3.55 8.95
CA PHE A 48 5.45 -2.78 7.72
C PHE A 48 6.16 -1.46 7.97
N SER A 49 7.02 -1.07 7.03
CA SER A 49 7.76 0.18 7.16
C SER A 49 7.67 1.00 5.88
N TRP A 50 7.29 2.27 6.02
CA TRP A 50 7.16 3.16 4.87
C TRP A 50 8.53 3.63 4.40
N GLY A 51 8.86 3.28 3.15
CA GLY A 51 10.14 3.67 2.60
C GLY A 51 11.12 2.51 2.50
N GLY A 52 10.64 1.30 2.78
CA GLY A 52 11.49 0.13 2.71
C GLY A 52 11.43 -0.56 1.37
N GLU A 53 11.63 -1.88 1.37
CA GLU A 53 11.59 -2.66 0.14
C GLU A 53 11.82 -4.14 0.42
N ASN A 54 11.35 -4.99 -0.48
CA ASN A 54 11.51 -6.44 -0.33
C ASN A 54 10.73 -6.94 0.89
N PHE A 55 9.67 -6.23 1.24
CA PHE A 55 8.83 -6.62 2.37
C PHE A 55 8.29 -8.03 2.20
N SER A 56 7.89 -8.36 0.97
CA SER A 56 7.34 -9.68 0.66
C SER A 56 8.43 -10.75 0.74
N GLY A 57 9.69 -10.33 0.58
CA GLY A 57 10.79 -11.27 0.63
C GLY A 57 10.76 -12.15 1.86
N SER A 58 10.13 -11.65 2.93
CA SER A 58 10.03 -12.41 4.17
C SER A 58 8.59 -12.42 4.69
N ALA A 59 7.63 -12.36 3.76
CA ALA A 59 6.22 -12.36 4.12
C ALA A 59 5.48 -13.48 3.41
N SER A 60 4.21 -13.68 3.78
CA SER A 60 3.40 -14.72 3.17
C SER A 60 1.95 -14.24 3.00
N ASN A 61 1.28 -14.77 1.98
CA ASN A 61 -0.11 -14.41 1.69
C ASN A 61 -0.36 -12.93 1.90
N ILE A 62 0.28 -12.10 1.07
CA ILE A 62 0.13 -10.65 1.17
C ILE A 62 -1.01 -10.17 0.29
N THR A 63 -1.99 -9.51 0.89
CA THR A 63 -3.14 -8.99 0.15
C THR A 63 -3.63 -7.68 0.75
N LEU A 64 -4.31 -6.88 -0.06
CA LEU A 64 -4.84 -5.59 0.38
C LEU A 64 -6.36 -5.67 0.57
N ASP A 65 -6.81 -5.26 1.75
CA ASP A 65 -8.24 -5.28 2.05
C ASP A 65 -8.71 -3.92 2.57
N ILE A 66 -9.99 -3.63 2.38
CA ILE A 66 -10.56 -2.37 2.83
C ILE A 66 -10.98 -2.45 4.30
N GLU A 67 -10.83 -1.35 5.02
CA GLU A 67 -11.18 -1.30 6.44
C GLU A 67 -11.72 0.09 6.81
N GLY A 68 -12.79 0.10 7.59
CA GLY A 68 -13.38 1.35 8.01
C GLY A 68 -14.51 1.80 7.11
N ASP A 69 -15.24 2.82 7.53
CA ASP A 69 -16.35 3.35 6.75
C ASP A 69 -15.87 4.23 5.61
N ASP A 70 -14.63 4.71 5.71
CA ASP A 70 -14.05 5.55 4.68
C ASP A 70 -13.43 4.74 3.56
N ASN A 71 -13.36 3.42 3.75
CA ASN A 71 -12.78 2.52 2.75
C ASN A 71 -11.30 2.79 2.59
N ILE A 72 -10.53 2.36 3.58
CA ILE A 72 -9.08 2.54 3.55
C ILE A 72 -8.37 1.25 3.17
N PRO A 73 -7.70 1.22 2.00
CA PRO A 73 -6.97 0.04 1.53
C PRO A 73 -5.81 -0.33 2.45
N VAL A 74 -6.01 -1.35 3.27
CA VAL A 74 -4.98 -1.80 4.21
C VAL A 74 -4.36 -3.11 3.76
N LEU A 75 -3.03 -3.13 3.69
CA LEU A 75 -2.31 -4.33 3.28
C LEU A 75 -1.96 -5.19 4.48
N ARG A 76 -2.50 -6.40 4.51
CA ARG A 76 -2.25 -7.32 5.62
C ARG A 76 -1.51 -8.56 5.14
N ALA A 77 -0.46 -8.94 5.88
CA ALA A 77 0.33 -10.11 5.53
C ALA A 77 1.23 -10.53 6.69
N GLU A 78 1.54 -11.82 6.77
CA GLU A 78 2.39 -12.34 7.82
C GLU A 78 3.86 -12.03 7.54
N LEU A 79 4.44 -11.16 8.35
CA LEU A 79 5.83 -10.77 8.18
C LEU A 79 6.74 -11.55 9.14
N ASN A 80 7.97 -11.80 8.71
CA ASN A 80 8.94 -12.53 9.52
C ASN A 80 9.88 -11.56 10.23
N PRO A 81 9.76 -11.41 11.55
CA PRO A 81 10.60 -10.50 12.34
C PRO A 81 12.01 -11.04 12.52
N MET A 82 12.91 -10.18 12.99
CA MET A 82 14.30 -10.57 13.22
C MET A 82 14.43 -11.42 14.47
N ASP A 83 13.47 -11.28 15.38
CA ASP A 83 13.49 -12.04 16.63
C ASP A 83 13.08 -13.49 16.37
N GLY A 84 12.05 -13.68 15.56
CA GLY A 84 11.58 -15.02 15.25
C GLY A 84 10.08 -15.12 15.25
N ASP A 85 9.55 -16.15 14.60
CA ASP A 85 8.11 -16.36 14.52
C ASP A 85 7.43 -15.20 13.79
N PRO A 86 6.94 -15.45 12.55
CA PRO A 86 6.27 -14.41 11.76
C PRO A 86 4.94 -13.98 12.39
N VAL A 87 4.65 -12.68 12.27
CA VAL A 87 3.41 -12.14 12.81
C VAL A 87 2.61 -11.39 11.76
N GLU A 88 1.28 -11.43 11.89
CA GLU A 88 0.41 -10.76 10.94
C GLU A 88 0.60 -9.25 10.99
N ALA A 89 1.11 -8.68 9.91
CA ALA A 89 1.34 -7.24 9.84
C ALA A 89 0.29 -6.57 8.95
N ASN A 90 -0.10 -5.36 9.32
CA ASN A 90 -1.09 -4.61 8.56
C ASN A 90 -0.69 -3.15 8.40
N VAL A 91 -0.73 -2.66 7.17
CA VAL A 91 -0.36 -1.27 6.90
C VAL A 91 -1.36 -0.62 5.94
N ASN A 92 -1.84 0.56 6.31
CA ASN A 92 -2.80 1.28 5.49
C ASN A 92 -2.08 2.14 4.45
N LEU A 93 -2.13 1.71 3.19
CA LEU A 93 -1.49 2.44 2.10
C LEU A 93 -1.84 3.92 2.15
N SER A 94 -3.09 4.21 2.50
CA SER A 94 -3.56 5.59 2.60
C SER A 94 -2.76 6.39 3.63
N GLU A 95 -1.99 5.68 4.45
CA GLU A 95 -1.18 6.34 5.47
C GLU A 95 -0.16 7.27 4.86
N ARG A 96 0.54 6.81 3.83
CA ARG A 96 1.56 7.60 3.16
C ARG A 96 1.53 7.41 1.65
N ILE A 97 0.34 7.30 1.08
CA ILE A 97 0.20 7.12 -0.36
C ILE A 97 -0.70 8.20 -0.95
N GLY A 98 -0.15 9.02 -1.84
CA GLY A 98 -0.92 10.08 -2.44
C GLY A 98 -1.05 9.94 -3.95
N ASN A 99 -1.69 10.91 -4.58
CA ASN A 99 -1.87 10.91 -6.02
C ASN A 99 -1.55 12.27 -6.62
N ASP A 100 -0.38 12.38 -7.23
CA ASP A 100 0.05 13.63 -7.85
C ASP A 100 -0.30 13.66 -9.33
N CYS A 101 -1.17 14.60 -9.72
CA CYS A 101 -1.59 14.75 -11.10
C CYS A 101 -2.17 13.43 -11.63
N GLY A 102 -2.77 12.65 -10.74
CA GLY A 102 -3.34 11.38 -11.13
C GLY A 102 -2.38 10.22 -10.97
N THR A 103 -1.09 10.54 -10.83
CA THR A 103 -0.06 9.52 -10.67
C THR A 103 0.09 9.13 -9.20
N LEU A 104 0.40 7.86 -8.95
CA LEU A 104 0.58 7.37 -7.60
C LEU A 104 1.89 7.87 -7.00
N ILE A 105 1.80 8.45 -5.81
CA ILE A 105 2.99 8.96 -5.13
C ILE A 105 3.00 8.55 -3.66
N PHE A 106 4.11 8.82 -2.98
CA PHE A 106 4.25 8.48 -1.57
C PHE A 106 4.56 9.72 -0.74
N LEU A 107 3.93 9.82 0.42
CA LEU A 107 4.14 10.96 1.31
C LEU A 107 5.57 10.95 1.88
N ALA A 108 6.43 11.77 1.31
CA ALA A 108 7.82 11.87 1.75
C ALA A 108 8.13 13.26 2.28
N MET A 1 -2.07 13.13 4.43
CA MET A 1 -2.27 11.66 4.44
C MET A 1 -2.47 11.12 3.03
N GLY A 2 -2.76 9.83 2.92
CA GLY A 2 -2.97 9.21 1.62
C GLY A 2 -4.42 9.26 1.20
N ASN A 3 -4.92 10.47 1.07
CA ASN A 3 -6.29 10.71 0.64
C ASN A 3 -6.55 10.11 -0.74
N PHE A 4 -5.46 9.78 -1.45
CA PHE A 4 -5.57 9.24 -2.80
C PHE A 4 -6.64 8.15 -2.88
N HIS A 5 -6.81 7.40 -1.79
CA HIS A 5 -7.79 6.34 -1.74
C HIS A 5 -9.20 6.89 -1.86
N GLU A 6 -9.42 8.07 -1.26
CA GLU A 6 -10.74 8.70 -1.30
C GLU A 6 -10.98 9.39 -2.65
N SER A 7 -9.90 9.74 -3.32
CA SER A 7 -9.99 10.41 -4.62
C SER A 7 -9.57 9.48 -5.75
N SER A 8 -9.57 8.17 -5.48
CA SER A 8 -9.18 7.19 -6.49
C SER A 8 -10.18 6.04 -6.54
N ASN A 9 -10.27 5.39 -7.70
CA ASN A 9 -11.17 4.27 -7.89
C ASN A 9 -10.40 3.01 -8.25
N ASN A 10 -11.03 1.86 -8.04
CA ASN A 10 -10.40 0.58 -8.35
C ASN A 10 -9.10 0.41 -7.56
N ILE A 11 -9.21 0.49 -6.23
CA ILE A 11 -8.04 0.35 -5.37
C ILE A 11 -7.87 -1.10 -4.93
N TRP A 12 -6.74 -1.69 -5.29
CA TRP A 12 -6.44 -3.07 -4.94
C TRP A 12 -4.96 -3.37 -5.08
N LEU A 13 -4.58 -4.63 -4.87
CA LEU A 13 -3.18 -5.03 -4.98
C LEU A 13 -3.05 -6.33 -5.78
N GLU A 14 -1.94 -6.47 -6.50
CA GLU A 14 -1.70 -7.66 -7.30
C GLU A 14 -0.45 -8.40 -6.80
N ASP A 15 -0.64 -9.66 -6.42
CA ASP A 15 0.47 -10.48 -5.92
C ASP A 15 1.11 -9.85 -4.69
N GLY A 16 0.39 -8.94 -4.04
CA GLY A 16 0.90 -8.30 -2.85
C GLY A 16 2.20 -7.55 -3.10
N HIS A 17 2.19 -6.63 -4.05
CA HIS A 17 3.38 -5.84 -4.37
C HIS A 17 3.07 -4.79 -5.43
N ILE A 18 2.15 -5.09 -6.33
CA ILE A 18 1.76 -4.16 -7.38
C ILE A 18 0.41 -3.51 -7.07
N LEU A 19 0.43 -2.19 -6.90
CA LEU A 19 -0.79 -1.45 -6.59
C LEU A 19 -1.35 -0.77 -7.82
N HIS A 20 -2.67 -0.76 -7.94
CA HIS A 20 -3.34 -0.12 -9.08
C HIS A 20 -4.53 0.69 -8.60
N ALA A 21 -4.63 1.92 -9.10
CA ALA A 21 -5.72 2.81 -8.72
C ALA A 21 -5.86 3.97 -9.69
N GLU A 22 -7.10 4.39 -9.92
CA GLU A 22 -7.37 5.49 -10.83
C GLU A 22 -7.51 6.80 -10.06
N CYS A 23 -6.43 7.58 -10.01
CA CYS A 23 -6.43 8.85 -9.30
C CYS A 23 -6.62 10.02 -10.27
N GLY A 24 -7.44 10.98 -9.86
CA GLY A 24 -7.69 12.13 -10.71
C GLY A 24 -6.62 13.20 -10.57
N ASN A 25 -6.75 14.27 -11.35
CA ASN A 25 -5.77 15.36 -11.31
C ASN A 25 -6.41 16.63 -10.75
N GLY A 26 -7.71 16.77 -10.96
CA GLY A 26 -8.42 17.95 -10.48
C GLY A 26 -9.29 18.60 -11.55
N GLU A 27 -8.91 18.38 -12.81
CA GLU A 27 -9.66 18.95 -13.92
C GLU A 27 -11.03 18.29 -14.06
N GLY A 28 -11.12 17.03 -13.63
CA GLY A 28 -12.37 16.31 -13.71
C GLY A 28 -12.22 14.91 -14.30
N ASP A 29 -11.01 14.59 -14.76
CA ASP A 29 -10.73 13.29 -15.36
C ASP A 29 -9.92 12.42 -14.40
N TYR A 30 -10.02 11.11 -14.58
CA TYR A 30 -9.29 10.17 -13.74
C TYR A 30 -8.07 9.62 -14.48
N VAL A 31 -7.06 9.22 -13.72
CA VAL A 31 -5.83 8.67 -14.30
C VAL A 31 -5.45 7.36 -13.62
N GLU A 32 -5.20 6.34 -14.44
CA GLU A 32 -4.81 5.03 -13.93
C GLU A 32 -3.32 4.97 -13.65
N SER A 33 -2.96 4.75 -12.39
CA SER A 33 -1.56 4.68 -11.99
C SER A 33 -1.31 3.44 -11.13
N THR A 34 -0.04 3.14 -10.89
CA THR A 34 0.33 1.99 -10.07
C THR A 34 1.57 2.28 -9.24
N LEU A 35 1.71 1.56 -8.13
CA LEU A 35 2.86 1.73 -7.25
C LEU A 35 3.36 0.39 -6.73
N ASP A 36 4.67 0.20 -6.77
CA ASP A 36 5.28 -1.04 -6.30
C ASP A 36 5.72 -0.91 -4.85
N LEU A 37 5.24 -1.82 -4.01
CA LEU A 37 5.59 -1.81 -2.60
C LEU A 37 6.85 -2.62 -2.36
N ASP A 38 7.09 -3.60 -3.22
CA ASP A 38 8.26 -4.45 -3.11
C ASP A 38 9.53 -3.61 -3.15
N TYR A 39 9.40 -2.34 -3.50
CA TYR A 39 10.56 -1.45 -3.56
C TYR A 39 10.32 -0.16 -2.77
N TYR A 40 9.14 -0.04 -2.16
CA TYR A 40 8.81 1.14 -1.37
C TYR A 40 8.49 0.78 0.08
N ILE A 41 8.29 -0.51 0.35
CA ILE A 41 7.98 -0.98 1.69
C ILE A 41 8.85 -2.17 2.07
N GLY A 42 9.31 -2.20 3.31
CA GLY A 42 10.15 -3.31 3.76
C GLY A 42 9.65 -3.92 5.06
N ASN A 43 10.31 -4.98 5.50
CA ASN A 43 9.93 -5.66 6.73
C ASN A 43 10.83 -5.23 7.89
N ASP A 44 10.25 -4.51 8.84
CA ASP A 44 10.99 -4.03 10.00
C ASP A 44 10.50 -4.72 11.28
N ASP A 45 11.23 -5.74 11.70
CA ASP A 45 10.88 -6.49 12.90
C ASP A 45 9.49 -7.11 12.77
N GLY A 46 9.23 -7.74 11.63
CA GLY A 46 7.94 -8.36 11.40
C GLY A 46 6.83 -7.35 11.24
N SER A 47 7.19 -6.10 10.96
CA SER A 47 6.20 -5.04 10.78
C SER A 47 6.43 -4.30 9.47
N PHE A 48 5.42 -3.57 9.03
CA PHE A 48 5.49 -2.81 7.78
C PHE A 48 6.21 -1.48 8.00
N SER A 49 7.06 -1.10 7.05
CA SER A 49 7.79 0.15 7.13
C SER A 49 7.68 0.94 5.84
N TRP A 50 7.27 2.20 5.96
CA TRP A 50 7.12 3.08 4.81
C TRP A 50 8.48 3.54 4.29
N GLY A 51 8.80 3.18 3.06
CA GLY A 51 10.07 3.58 2.48
C GLY A 51 11.05 2.42 2.40
N GLY A 52 10.58 1.21 2.68
CA GLY A 52 11.44 0.04 2.62
C GLY A 52 11.36 -0.66 1.29
N GLU A 53 11.59 -1.97 1.29
CA GLU A 53 11.53 -2.76 0.06
C GLU A 53 11.78 -4.24 0.36
N ASN A 54 11.31 -5.09 -0.55
CA ASN A 54 11.48 -6.54 -0.40
C ASN A 54 10.72 -7.04 0.83
N PHE A 55 9.64 -6.35 1.18
CA PHE A 55 8.83 -6.73 2.32
C PHE A 55 8.26 -8.13 2.14
N SER A 56 7.88 -8.46 0.91
CA SER A 56 7.31 -9.76 0.59
C SER A 56 8.38 -10.85 0.70
N GLY A 57 9.64 -10.47 0.53
CA GLY A 57 10.72 -11.43 0.62
C GLY A 57 10.66 -12.27 1.88
N SER A 58 10.11 -11.69 2.95
CA SER A 58 9.99 -12.38 4.22
C SER A 58 8.55 -12.35 4.72
N ALA A 59 7.61 -12.27 3.78
CA ALA A 59 6.20 -12.24 4.12
C ALA A 59 5.44 -13.38 3.44
N SER A 60 4.20 -13.61 3.89
CA SER A 60 3.38 -14.67 3.33
C SER A 60 1.94 -14.20 3.17
N ASN A 61 1.25 -14.78 2.18
CA ASN A 61 -0.15 -14.42 1.90
C ASN A 61 -0.40 -12.93 2.05
N ILE A 62 0.21 -12.13 1.17
CA ILE A 62 0.06 -10.69 1.20
C ILE A 62 -1.12 -10.25 0.33
N THR A 63 -2.06 -9.52 0.94
CA THR A 63 -3.23 -9.05 0.20
C THR A 63 -3.71 -7.70 0.75
N LEU A 64 -4.48 -7.00 -0.06
CA LEU A 64 -5.02 -5.69 0.32
C LEU A 64 -6.50 -5.79 0.66
N ASP A 65 -6.88 -5.27 1.83
CA ASP A 65 -8.28 -5.32 2.26
C ASP A 65 -8.77 -3.94 2.67
N ILE A 66 -10.08 -3.73 2.56
CA ILE A 66 -10.68 -2.46 2.93
C ILE A 66 -11.14 -2.49 4.38
N GLU A 67 -10.82 -1.43 5.12
CA GLU A 67 -11.20 -1.32 6.53
C GLU A 67 -11.70 0.07 6.86
N GLY A 68 -12.72 0.15 7.70
CA GLY A 68 -13.28 1.43 8.08
C GLY A 68 -14.42 1.87 7.19
N ASP A 69 -15.26 2.77 7.69
CA ASP A 69 -16.40 3.27 6.93
C ASP A 69 -15.93 4.16 5.78
N ASP A 70 -14.66 4.54 5.79
CA ASP A 70 -14.12 5.40 4.74
C ASP A 70 -13.50 4.56 3.61
N ASN A 71 -13.39 3.26 3.83
CA ASN A 71 -12.81 2.36 2.82
C ASN A 71 -11.34 2.64 2.63
N ILE A 72 -10.53 2.19 3.57
CA ILE A 72 -9.09 2.39 3.52
C ILE A 72 -8.36 1.11 3.14
N PRO A 73 -7.71 1.09 1.96
CA PRO A 73 -6.96 -0.09 1.49
C PRO A 73 -5.80 -0.45 2.41
N VAL A 74 -6.00 -1.48 3.22
CA VAL A 74 -4.97 -1.92 4.16
C VAL A 74 -4.40 -3.28 3.77
N LEU A 75 -3.08 -3.34 3.62
CA LEU A 75 -2.40 -4.58 3.24
C LEU A 75 -2.04 -5.40 4.48
N ARG A 76 -2.24 -6.70 4.40
CA ARG A 76 -1.93 -7.60 5.52
C ARG A 76 -1.07 -8.76 5.06
N ALA A 77 -0.06 -9.09 5.86
CA ALA A 77 0.84 -10.19 5.54
C ALA A 77 1.68 -10.60 6.74
N GLU A 78 1.90 -11.90 6.90
CA GLU A 78 2.71 -12.40 8.00
C GLU A 78 4.18 -12.14 7.75
N LEU A 79 4.73 -11.17 8.45
CA LEU A 79 6.14 -10.80 8.28
C LEU A 79 7.03 -11.56 9.25
N ASN A 80 8.25 -11.85 8.80
CA ASN A 80 9.22 -12.57 9.62
C ASN A 80 10.15 -11.60 10.33
N PRO A 81 9.97 -11.41 11.65
CA PRO A 81 10.82 -10.49 12.43
C PRO A 81 12.20 -11.07 12.71
N MET A 82 13.10 -10.21 13.19
CA MET A 82 14.46 -10.62 13.50
C MET A 82 14.50 -11.37 14.83
N ASP A 83 13.50 -11.13 15.68
CA ASP A 83 13.44 -11.77 16.99
C ASP A 83 13.09 -13.26 16.84
N GLY A 84 12.08 -13.54 16.03
CA GLY A 84 11.66 -14.91 15.81
C GLY A 84 10.15 -15.06 15.80
N ASP A 85 9.66 -16.08 15.09
CA ASP A 85 8.24 -16.34 15.00
C ASP A 85 7.53 -15.22 14.22
N PRO A 86 7.18 -15.48 12.95
CA PRO A 86 6.49 -14.48 12.12
C PRO A 86 5.26 -13.89 12.80
N VAL A 87 4.96 -12.64 12.49
CA VAL A 87 3.80 -11.96 13.09
C VAL A 87 2.95 -11.31 12.00
N GLU A 88 1.63 -11.36 12.20
CA GLU A 88 0.70 -10.78 11.25
C GLU A 88 0.84 -9.25 11.20
N ALA A 89 1.32 -8.75 10.07
CA ALA A 89 1.51 -7.31 9.90
C ALA A 89 0.42 -6.72 9.01
N ASN A 90 -0.02 -5.51 9.34
CA ASN A 90 -1.05 -4.83 8.57
C ASN A 90 -0.75 -3.34 8.43
N VAL A 91 -0.65 -2.87 7.20
CA VAL A 91 -0.37 -1.46 6.95
C VAL A 91 -1.37 -0.87 5.97
N ASN A 92 -1.83 0.34 6.26
CA ASN A 92 -2.79 1.02 5.40
C ASN A 92 -2.07 1.90 4.37
N LEU A 93 -2.14 1.49 3.11
CA LEU A 93 -1.48 2.23 2.04
C LEU A 93 -1.85 3.71 2.09
N SER A 94 -3.09 3.99 2.43
CA SER A 94 -3.57 5.37 2.53
C SER A 94 -2.77 6.16 3.58
N GLU A 95 -2.02 5.45 4.40
CA GLU A 95 -1.22 6.10 5.44
C GLU A 95 -0.23 7.08 4.84
N ARG A 96 0.49 6.65 3.81
CA ARG A 96 1.48 7.50 3.17
C ARG A 96 1.46 7.33 1.64
N ILE A 97 0.26 7.23 1.08
CA ILE A 97 0.12 7.08 -0.37
C ILE A 97 -0.77 8.17 -0.93
N GLY A 98 -0.22 9.00 -1.81
CA GLY A 98 -0.99 10.07 -2.40
C GLY A 98 -1.12 9.94 -3.90
N ASN A 99 -1.71 10.95 -4.53
CA ASN A 99 -1.90 10.95 -5.98
C ASN A 99 -1.51 12.31 -6.57
N ASP A 100 -0.34 12.37 -7.18
CA ASP A 100 0.14 13.61 -7.79
C ASP A 100 -0.26 13.69 -9.25
N CYS A 101 -1.08 14.67 -9.59
CA CYS A 101 -1.54 14.86 -10.97
C CYS A 101 -2.17 13.57 -11.50
N GLY A 102 -2.76 12.79 -10.61
CA GLY A 102 -3.38 11.54 -11.01
C GLY A 102 -2.44 10.36 -10.90
N THR A 103 -1.15 10.63 -10.78
CA THR A 103 -0.14 9.58 -10.67
C THR A 103 0.03 9.14 -9.22
N LEU A 104 0.33 7.86 -9.02
CA LEU A 104 0.51 7.32 -7.68
C LEU A 104 1.83 7.80 -7.08
N ILE A 105 1.76 8.36 -5.88
CA ILE A 105 2.95 8.84 -5.20
C ILE A 105 2.96 8.41 -3.73
N PHE A 106 4.05 8.72 -3.04
CA PHE A 106 4.19 8.36 -1.63
C PHE A 106 4.48 9.60 -0.79
N LEU A 107 3.84 9.68 0.39
CA LEU A 107 4.03 10.81 1.28
C LEU A 107 5.44 10.82 1.86
N ALA A 108 6.26 11.75 1.37
CA ALA A 108 7.63 11.87 1.84
C ALA A 108 7.92 13.26 2.39
N MET A 1 -1.72 12.99 4.55
CA MET A 1 -2.31 11.62 4.58
C MET A 1 -2.53 11.08 3.17
N GLY A 2 -2.76 9.78 3.06
CA GLY A 2 -2.97 9.16 1.77
C GLY A 2 -4.43 9.18 1.35
N ASN A 3 -4.96 10.38 1.22
CA ASN A 3 -6.33 10.59 0.82
C ASN A 3 -6.57 10.03 -0.59
N PHE A 4 -5.48 9.74 -1.31
CA PHE A 4 -5.59 9.22 -2.67
C PHE A 4 -6.63 8.12 -2.78
N HIS A 5 -6.78 7.35 -1.71
CA HIS A 5 -7.74 6.26 -1.70
C HIS A 5 -9.17 6.79 -1.80
N GLU A 6 -9.41 7.94 -1.19
CA GLU A 6 -10.73 8.56 -1.21
C GLU A 6 -10.98 9.29 -2.53
N SER A 7 -9.91 9.63 -3.22
CA SER A 7 -10.02 10.34 -4.50
C SER A 7 -9.56 9.46 -5.66
N SER A 8 -9.51 8.15 -5.43
CA SER A 8 -9.08 7.21 -6.47
C SER A 8 -10.05 6.03 -6.57
N ASN A 9 -10.08 5.41 -7.74
CA ASN A 9 -10.96 4.27 -7.98
C ASN A 9 -10.15 3.04 -8.35
N ASN A 10 -10.75 1.87 -8.19
CA ASN A 10 -10.09 0.61 -8.50
C ASN A 10 -8.83 0.43 -7.65
N ILE A 11 -9.01 0.47 -6.33
CA ILE A 11 -7.90 0.31 -5.41
C ILE A 11 -7.77 -1.15 -4.97
N TRP A 12 -6.64 -1.76 -5.31
CA TRP A 12 -6.40 -3.16 -4.96
C TRP A 12 -4.91 -3.49 -5.03
N LEU A 13 -4.58 -4.77 -4.83
CA LEU A 13 -3.20 -5.22 -4.88
C LEU A 13 -3.06 -6.45 -5.76
N GLU A 14 -1.96 -6.51 -6.51
CA GLU A 14 -1.71 -7.64 -7.41
C GLU A 14 -0.44 -8.39 -6.99
N ASP A 15 -0.58 -9.69 -6.75
CA ASP A 15 0.54 -10.52 -6.34
C ASP A 15 1.12 -10.04 -5.01
N GLY A 16 0.35 -9.25 -4.28
CA GLY A 16 0.80 -8.74 -3.00
C GLY A 16 2.09 -7.94 -3.10
N HIS A 17 2.11 -6.96 -4.00
CA HIS A 17 3.30 -6.11 -4.16
C HIS A 17 3.04 -4.97 -5.15
N ILE A 18 2.14 -5.17 -6.11
CA ILE A 18 1.81 -4.15 -7.09
C ILE A 18 0.51 -3.44 -6.75
N LEU A 19 0.52 -2.12 -6.85
CA LEU A 19 -0.65 -1.31 -6.54
C LEU A 19 -1.20 -0.63 -7.80
N HIS A 20 -2.52 -0.55 -7.90
CA HIS A 20 -3.17 0.08 -9.04
C HIS A 20 -4.37 0.89 -8.57
N ALA A 21 -4.47 2.12 -9.06
CA ALA A 21 -5.57 3.01 -8.70
C ALA A 21 -5.74 4.13 -9.71
N GLU A 22 -6.98 4.60 -9.85
CA GLU A 22 -7.28 5.68 -10.79
C GLU A 22 -7.44 7.01 -10.05
N CYS A 23 -6.37 7.80 -10.04
CA CYS A 23 -6.38 9.09 -9.36
C CYS A 23 -6.56 10.23 -10.37
N GLY A 24 -7.51 11.11 -10.10
CA GLY A 24 -7.76 12.23 -11.00
C GLY A 24 -6.71 13.32 -10.86
N ASN A 25 -6.82 14.34 -11.71
CA ASN A 25 -5.86 15.45 -11.68
C ASN A 25 -6.55 16.75 -11.28
N GLY A 26 -7.84 16.86 -11.60
CA GLY A 26 -8.59 18.06 -11.28
C GLY A 26 -9.35 18.61 -12.47
N GLU A 27 -8.87 18.31 -13.66
CA GLU A 27 -9.51 18.78 -14.89
C GLU A 27 -10.90 18.17 -15.04
N GLY A 28 -11.08 16.98 -14.47
CA GLY A 28 -12.36 16.30 -14.55
C GLY A 28 -12.24 14.87 -15.06
N ASP A 29 -11.01 14.45 -15.34
CA ASP A 29 -10.78 13.09 -15.83
C ASP A 29 -9.96 12.29 -14.83
N TYR A 30 -9.96 10.97 -14.99
CA TYR A 30 -9.21 10.09 -14.10
C TYR A 30 -7.95 9.57 -14.78
N VAL A 31 -6.93 9.26 -13.97
CA VAL A 31 -5.68 8.77 -14.49
C VAL A 31 -5.29 7.43 -13.84
N GLU A 32 -4.95 6.46 -14.66
CA GLU A 32 -4.57 5.14 -14.18
C GLU A 32 -3.08 5.11 -13.83
N SER A 33 -2.78 4.80 -12.57
CA SER A 33 -1.40 4.73 -12.12
C SER A 33 -1.17 3.51 -11.23
N THR A 34 0.09 3.22 -10.93
CA THR A 34 0.43 2.07 -10.10
C THR A 34 1.68 2.36 -9.26
N LEU A 35 1.82 1.62 -8.17
CA LEU A 35 2.97 1.79 -7.28
C LEU A 35 3.46 0.45 -6.77
N ASP A 36 4.78 0.27 -6.78
CA ASP A 36 5.39 -0.97 -6.31
C ASP A 36 5.79 -0.87 -4.85
N LEU A 37 5.28 -1.78 -4.04
CA LEU A 37 5.60 -1.80 -2.61
C LEU A 37 6.85 -2.61 -2.35
N ASP A 38 7.08 -3.60 -3.20
CA ASP A 38 8.25 -4.46 -3.07
C ASP A 38 9.52 -3.65 -3.10
N TYR A 39 9.40 -2.37 -3.48
CA TYR A 39 10.57 -1.50 -3.54
C TYR A 39 10.34 -0.20 -2.77
N TYR A 40 9.15 -0.05 -2.19
CA TYR A 40 8.83 1.14 -1.41
C TYR A 40 8.55 0.79 0.05
N ILE A 41 8.20 -0.46 0.30
CA ILE A 41 7.90 -0.93 1.66
C ILE A 41 8.77 -2.13 2.03
N GLY A 42 9.23 -2.16 3.27
CA GLY A 42 10.06 -3.26 3.72
C GLY A 42 9.57 -3.87 5.01
N ASN A 43 10.24 -4.93 5.46
CA ASN A 43 9.87 -5.62 6.69
C ASN A 43 10.76 -5.18 7.84
N ASP A 44 10.18 -4.46 8.80
CA ASP A 44 10.93 -4.00 9.96
C ASP A 44 10.47 -4.71 11.23
N ASP A 45 11.22 -5.73 11.63
CA ASP A 45 10.89 -6.49 12.83
C ASP A 45 9.52 -7.14 12.69
N GLY A 46 9.27 -7.75 11.53
CA GLY A 46 7.99 -8.40 11.30
C GLY A 46 6.86 -7.42 11.13
N SER A 47 7.19 -6.16 10.86
CA SER A 47 6.20 -5.12 10.68
C SER A 47 6.43 -4.35 9.38
N PHE A 48 5.39 -3.68 8.90
CA PHE A 48 5.48 -2.91 7.67
C PHE A 48 6.24 -1.60 7.90
N SER A 49 7.06 -1.22 6.92
CA SER A 49 7.84 0.00 7.02
C SER A 49 7.69 0.85 5.75
N TRP A 50 7.28 2.10 5.93
CA TRP A 50 7.10 3.02 4.82
C TRP A 50 8.45 3.52 4.30
N GLY A 51 8.74 3.22 3.05
CA GLY A 51 10.00 3.64 2.46
C GLY A 51 11.02 2.51 2.39
N GLY A 52 10.58 1.29 2.63
CA GLY A 52 11.47 0.15 2.58
C GLY A 52 11.40 -0.59 1.26
N GLU A 53 11.60 -1.89 1.31
CA GLU A 53 11.56 -2.72 0.10
C GLU A 53 11.80 -4.19 0.42
N ASN A 54 11.37 -5.06 -0.48
CA ASN A 54 11.54 -6.49 -0.29
C ASN A 54 10.73 -7.00 0.90
N PHE A 55 9.63 -6.31 1.20
CA PHE A 55 8.78 -6.69 2.32
C PHE A 55 8.22 -8.10 2.12
N SER A 56 7.84 -8.41 0.89
CA SER A 56 7.29 -9.72 0.56
C SER A 56 8.37 -10.80 0.69
N GLY A 57 9.63 -10.38 0.69
CA GLY A 57 10.73 -11.33 0.81
C GLY A 57 10.52 -12.32 1.94
N SER A 58 10.00 -11.83 3.07
CA SER A 58 9.75 -12.70 4.22
C SER A 58 8.29 -12.58 4.67
N ALA A 59 7.40 -12.42 3.69
CA ALA A 59 5.97 -12.31 3.99
C ALA A 59 5.19 -13.41 3.29
N SER A 60 3.97 -13.67 3.78
CA SER A 60 3.12 -14.70 3.21
C SER A 60 1.70 -14.19 3.04
N ASN A 61 1.00 -14.74 2.04
CA ASN A 61 -0.38 -14.36 1.75
C ASN A 61 -0.61 -12.85 1.91
N ILE A 62 0.10 -12.07 1.10
CA ILE A 62 -0.02 -10.62 1.15
C ILE A 62 -1.20 -10.15 0.31
N THR A 63 -2.20 -9.58 0.97
CA THR A 63 -3.39 -9.09 0.27
C THR A 63 -3.88 -7.78 0.87
N LEU A 64 -4.61 -7.01 0.06
CA LEU A 64 -5.14 -5.72 0.50
C LEU A 64 -6.64 -5.82 0.76
N ASP A 65 -7.06 -5.41 1.95
CA ASP A 65 -8.46 -5.45 2.33
C ASP A 65 -8.94 -4.10 2.83
N ILE A 66 -10.24 -3.85 2.69
CA ILE A 66 -10.83 -2.59 3.13
C ILE A 66 -11.17 -2.64 4.61
N GLU A 67 -10.98 -1.51 5.29
CA GLU A 67 -11.27 -1.42 6.72
C GLU A 67 -11.73 -0.02 7.09
N GLY A 68 -12.81 0.05 7.86
CA GLY A 68 -13.34 1.34 8.27
C GLY A 68 -14.51 1.78 7.43
N ASP A 69 -15.35 2.65 7.98
CA ASP A 69 -16.52 3.16 7.26
C ASP A 69 -16.10 4.04 6.08
N ASP A 70 -14.84 4.44 6.05
CA ASP A 70 -14.33 5.28 4.97
C ASP A 70 -13.74 4.44 3.84
N ASN A 71 -13.53 3.15 4.11
CA ASN A 71 -12.96 2.24 3.11
C ASN A 71 -11.50 2.57 2.89
N ILE A 72 -10.66 2.15 3.83
CA ILE A 72 -9.23 2.38 3.75
C ILE A 72 -8.47 1.11 3.38
N PRO A 73 -7.68 1.14 2.29
CA PRO A 73 -6.92 -0.03 1.84
C PRO A 73 -5.88 -0.48 2.86
N VAL A 74 -6.19 -1.55 3.59
CA VAL A 74 -5.29 -2.08 4.60
C VAL A 74 -4.61 -3.36 4.13
N LEU A 75 -3.29 -3.33 4.04
CA LEU A 75 -2.52 -4.50 3.60
C LEU A 75 -2.09 -5.34 4.80
N ARG A 76 -2.52 -6.61 4.80
CA ARG A 76 -2.19 -7.51 5.88
C ARG A 76 -1.42 -8.74 5.38
N ALA A 77 -0.34 -9.07 6.07
CA ALA A 77 0.49 -10.22 5.69
C ALA A 77 1.45 -10.59 6.83
N GLU A 78 1.64 -11.89 7.03
CA GLU A 78 2.54 -12.37 8.07
C GLU A 78 4.00 -12.07 7.71
N LEU A 79 4.63 -11.20 8.49
CA LEU A 79 6.02 -10.83 8.24
C LEU A 79 6.97 -11.58 9.17
N ASN A 80 8.19 -11.82 8.68
CA ASN A 80 9.20 -12.53 9.46
C ASN A 80 10.12 -11.52 10.16
N PRO A 81 9.98 -11.37 11.49
CA PRO A 81 10.81 -10.45 12.27
C PRO A 81 12.23 -10.96 12.46
N MET A 82 13.13 -10.06 12.87
CA MET A 82 14.52 -10.43 13.09
C MET A 82 14.70 -11.14 14.42
N ASP A 83 13.72 -10.98 15.32
CA ASP A 83 13.77 -11.62 16.63
C ASP A 83 13.42 -13.09 16.53
N GLY A 84 12.46 -13.41 15.67
CA GLY A 84 12.05 -14.80 15.51
C GLY A 84 10.54 -14.95 15.46
N ASP A 85 10.07 -16.00 14.80
CA ASP A 85 8.64 -16.26 14.69
C ASP A 85 7.94 -15.15 13.93
N PRO A 86 7.27 -15.48 12.81
CA PRO A 86 6.55 -14.48 12.01
C PRO A 86 5.34 -13.91 12.73
N VAL A 87 5.02 -12.64 12.46
CA VAL A 87 3.89 -11.99 13.09
C VAL A 87 2.99 -11.32 12.05
N GLU A 88 1.69 -11.35 12.30
CA GLU A 88 0.72 -10.75 11.39
C GLU A 88 0.91 -9.24 11.34
N ALA A 89 1.33 -8.72 10.19
CA ALA A 89 1.54 -7.30 10.01
C ALA A 89 0.42 -6.68 9.18
N ASN A 90 0.00 -5.48 9.55
CA ASN A 90 -1.06 -4.79 8.83
C ASN A 90 -0.72 -3.31 8.64
N VAL A 91 -0.69 -2.86 7.40
CA VAL A 91 -0.39 -1.47 7.10
C VAL A 91 -1.39 -0.90 6.11
N ASN A 92 -1.86 0.31 6.39
CA ASN A 92 -2.82 0.98 5.53
C ASN A 92 -2.10 1.84 4.50
N LEU A 93 -2.23 1.47 3.23
CA LEU A 93 -1.58 2.21 2.15
C LEU A 93 -1.91 3.70 2.23
N SER A 94 -3.15 4.01 2.59
CA SER A 94 -3.58 5.40 2.71
C SER A 94 -2.76 6.15 3.75
N GLU A 95 -2.01 5.42 4.56
CA GLU A 95 -1.19 6.04 5.60
C GLU A 95 -0.20 7.03 5.01
N ARG A 96 0.51 6.61 3.95
CA ARG A 96 1.50 7.45 3.31
C ARG A 96 1.47 7.29 1.79
N ILE A 97 0.27 7.20 1.23
CA ILE A 97 0.13 7.05 -0.22
C ILE A 97 -0.76 8.15 -0.78
N GLY A 98 -0.20 8.98 -1.65
CA GLY A 98 -0.98 10.06 -2.23
C GLY A 98 -1.06 9.97 -3.74
N ASN A 99 -1.68 10.97 -4.37
CA ASN A 99 -1.84 11.00 -5.81
C ASN A 99 -1.54 12.41 -6.35
N ASP A 100 -0.39 12.56 -6.98
CA ASP A 100 0.01 13.85 -7.53
C ASP A 100 -0.34 13.93 -9.03
N CYS A 101 -1.22 14.86 -9.37
CA CYS A 101 -1.64 15.05 -10.75
C CYS A 101 -2.20 13.75 -11.34
N GLY A 102 -2.80 12.94 -10.48
CA GLY A 102 -3.37 11.68 -10.92
C GLY A 102 -2.38 10.52 -10.83
N THR A 103 -1.10 10.85 -10.67
CA THR A 103 -0.06 9.83 -10.56
C THR A 103 0.09 9.36 -9.12
N LEU A 104 0.40 8.08 -8.95
CA LEU A 104 0.57 7.52 -7.61
C LEU A 104 1.89 7.98 -7.00
N ILE A 105 1.82 8.47 -5.76
CA ILE A 105 3.01 8.95 -5.06
C ILE A 105 3.03 8.45 -3.62
N PHE A 106 4.12 8.74 -2.92
CA PHE A 106 4.26 8.32 -1.53
C PHE A 106 4.55 9.52 -0.64
N LEU A 107 3.93 9.54 0.54
CA LEU A 107 4.11 10.62 1.49
C LEU A 107 5.53 10.61 2.06
N ALA A 108 6.38 11.50 1.55
CA ALA A 108 7.76 11.58 2.01
C ALA A 108 8.06 12.97 2.57
N MET A 1 -1.13 12.52 4.58
CA MET A 1 -2.49 11.93 4.43
C MET A 1 -2.68 11.33 3.05
N GLY A 2 -2.73 10.00 2.97
CA GLY A 2 -2.91 9.33 1.70
C GLY A 2 -4.36 9.34 1.26
N ASN A 3 -4.88 10.54 1.05
CA ASN A 3 -6.25 10.74 0.60
C ASN A 3 -6.47 10.10 -0.76
N PHE A 4 -5.38 9.78 -1.46
CA PHE A 4 -5.47 9.20 -2.79
C PHE A 4 -6.52 8.10 -2.86
N HIS A 5 -6.69 7.37 -1.76
CA HIS A 5 -7.67 6.30 -1.70
C HIS A 5 -9.09 6.86 -1.84
N GLU A 6 -9.31 8.03 -1.25
CA GLU A 6 -10.61 8.68 -1.30
C GLU A 6 -10.85 9.34 -2.66
N SER A 7 -9.77 9.70 -3.34
CA SER A 7 -9.87 10.34 -4.65
C SER A 7 -9.47 9.38 -5.77
N SER A 8 -9.46 8.08 -5.46
CA SER A 8 -9.12 7.06 -6.45
C SER A 8 -10.10 5.90 -6.41
N ASN A 9 -10.23 5.20 -7.53
CA ASN A 9 -11.14 4.06 -7.62
C ASN A 9 -10.38 2.80 -8.02
N ASN A 10 -10.98 1.65 -7.74
CA ASN A 10 -10.35 0.37 -8.07
C ASN A 10 -9.02 0.21 -7.35
N ILE A 11 -9.05 0.33 -6.01
CA ILE A 11 -7.85 0.20 -5.20
C ILE A 11 -7.67 -1.24 -4.73
N TRP A 12 -6.59 -1.87 -5.16
CA TRP A 12 -6.31 -3.25 -4.79
C TRP A 12 -4.82 -3.56 -4.90
N LEU A 13 -4.47 -4.83 -4.72
CA LEU A 13 -3.08 -5.25 -4.82
C LEU A 13 -2.96 -6.52 -5.66
N GLU A 14 -1.87 -6.61 -6.42
CA GLU A 14 -1.62 -7.77 -7.26
C GLU A 14 -0.39 -8.55 -6.78
N ASP A 15 -0.60 -9.82 -6.46
CA ASP A 15 0.49 -10.66 -5.98
C ASP A 15 1.12 -10.10 -4.71
N GLY A 16 0.39 -9.21 -4.04
CA GLY A 16 0.89 -8.62 -2.81
C GLY A 16 2.21 -7.87 -3.00
N HIS A 17 2.20 -6.90 -3.92
CA HIS A 17 3.41 -6.12 -4.18
C HIS A 17 3.13 -4.99 -5.19
N ILE A 18 2.20 -5.25 -6.11
CA ILE A 18 1.86 -4.25 -7.12
C ILE A 18 0.54 -3.56 -6.77
N LEU A 19 0.54 -2.24 -6.84
CA LEU A 19 -0.65 -1.45 -6.53
C LEU A 19 -1.21 -0.79 -7.79
N HIS A 20 -2.54 -0.75 -7.88
CA HIS A 20 -3.20 -0.13 -9.03
C HIS A 20 -4.39 0.69 -8.58
N ALA A 21 -4.50 1.91 -9.10
CA ALA A 21 -5.59 2.80 -8.74
C ALA A 21 -5.71 3.95 -9.73
N GLU A 22 -6.93 4.45 -9.90
CA GLU A 22 -7.18 5.55 -10.82
C GLU A 22 -7.40 6.85 -10.05
N CYS A 23 -6.35 7.67 -9.97
CA CYS A 23 -6.43 8.94 -9.26
C CYS A 23 -6.65 10.10 -10.22
N GLY A 24 -7.53 11.02 -9.84
CA GLY A 24 -7.82 12.16 -10.68
C GLY A 24 -6.77 13.25 -10.56
N ASN A 25 -6.89 14.27 -11.40
CA ASN A 25 -5.94 15.39 -11.38
C ASN A 25 -6.62 16.68 -10.93
N GLY A 26 -7.93 16.77 -11.15
CA GLY A 26 -8.67 17.95 -10.75
C GLY A 26 -9.50 18.52 -11.90
N GLU A 27 -9.07 18.27 -13.12
CA GLU A 27 -9.78 18.75 -14.30
C GLU A 27 -11.17 18.13 -14.39
N GLY A 28 -11.31 16.93 -13.85
CA GLY A 28 -12.59 16.24 -13.88
C GLY A 28 -12.48 14.82 -14.38
N ASP A 29 -11.28 14.40 -14.78
CA ASP A 29 -11.06 13.05 -15.27
C ASP A 29 -10.14 12.27 -14.35
N TYR A 30 -10.14 10.95 -14.49
CA TYR A 30 -9.31 10.08 -13.66
C TYR A 30 -8.11 9.57 -14.45
N VAL A 31 -7.04 9.23 -13.73
CA VAL A 31 -5.83 8.73 -14.38
C VAL A 31 -5.36 7.42 -13.74
N GLU A 32 -5.10 6.43 -14.59
CA GLU A 32 -4.64 5.14 -14.12
C GLU A 32 -3.18 5.20 -13.68
N SER A 33 -2.89 4.66 -12.50
CA SER A 33 -1.53 4.66 -11.97
C SER A 33 -1.29 3.44 -11.09
N THR A 34 -0.02 3.10 -10.92
CA THR A 34 0.35 1.95 -10.10
C THR A 34 1.61 2.24 -9.29
N LEU A 35 1.73 1.59 -8.14
CA LEU A 35 2.88 1.77 -7.27
C LEU A 35 3.42 0.43 -6.79
N ASP A 36 4.75 0.31 -6.76
CA ASP A 36 5.39 -0.92 -6.31
C ASP A 36 5.80 -0.80 -4.85
N LEU A 37 5.32 -1.74 -4.04
CA LEU A 37 5.64 -1.75 -2.62
C LEU A 37 6.91 -2.55 -2.37
N ASP A 38 7.16 -3.52 -3.23
CA ASP A 38 8.35 -4.36 -3.12
C ASP A 38 9.61 -3.50 -3.13
N TYR A 39 9.47 -2.24 -3.49
CA TYR A 39 10.61 -1.33 -3.54
C TYR A 39 10.33 -0.03 -2.77
N TYR A 40 9.14 0.07 -2.16
CA TYR A 40 8.78 1.24 -1.40
C TYR A 40 8.53 0.89 0.08
N ILE A 41 8.16 -0.36 0.34
CA ILE A 41 7.89 -0.81 1.70
C ILE A 41 8.78 -2.01 2.05
N GLY A 42 9.23 -2.04 3.31
CA GLY A 42 10.08 -3.12 3.76
C GLY A 42 9.57 -3.76 5.04
N ASN A 43 10.23 -4.83 5.47
CA ASN A 43 9.85 -5.53 6.69
C ASN A 43 10.73 -5.11 7.85
N ASP A 44 10.13 -4.41 8.82
CA ASP A 44 10.87 -3.95 10.00
C ASP A 44 10.37 -4.68 11.25
N ASP A 45 11.11 -5.71 11.65
CA ASP A 45 10.75 -6.48 12.83
C ASP A 45 9.38 -7.12 12.66
N GLY A 46 9.15 -7.73 11.50
CA GLY A 46 7.88 -8.36 11.24
C GLY A 46 6.74 -7.36 11.08
N SER A 47 7.09 -6.10 10.82
CA SER A 47 6.10 -5.05 10.65
C SER A 47 6.35 -4.26 9.37
N PHE A 48 5.32 -3.59 8.88
CA PHE A 48 5.41 -2.81 7.66
C PHE A 48 6.17 -1.51 7.90
N SER A 49 7.01 -1.12 6.94
CA SER A 49 7.80 0.10 7.05
C SER A 49 7.67 0.95 5.79
N TRP A 50 7.26 2.21 5.97
CA TRP A 50 7.11 3.13 4.85
C TRP A 50 8.46 3.62 4.35
N GLY A 51 8.75 3.33 3.09
CA GLY A 51 10.02 3.74 2.51
C GLY A 51 11.03 2.60 2.44
N GLY A 52 10.57 1.38 2.68
CA GLY A 52 11.45 0.24 2.63
C GLY A 52 11.40 -0.48 1.30
N GLU A 53 11.61 -1.79 1.33
CA GLU A 53 11.57 -2.59 0.10
C GLU A 53 11.83 -4.06 0.41
N ASN A 54 11.35 -4.93 -0.48
CA ASN A 54 11.51 -6.37 -0.31
C ASN A 54 10.73 -6.87 0.90
N PHE A 55 9.64 -6.18 1.22
CA PHE A 55 8.81 -6.57 2.35
C PHE A 55 8.28 -7.99 2.19
N SER A 56 7.90 -8.33 0.97
CA SER A 56 7.38 -9.66 0.66
C SER A 56 8.46 -10.73 0.84
N GLY A 57 9.72 -10.31 0.71
CA GLY A 57 10.82 -11.25 0.85
C GLY A 57 10.72 -12.07 2.13
N SER A 58 10.08 -11.51 3.14
CA SER A 58 9.91 -12.20 4.41
C SER A 58 8.44 -12.26 4.81
N ALA A 59 7.56 -12.19 3.82
CA ALA A 59 6.12 -12.24 4.06
C ALA A 59 5.45 -13.31 3.20
N SER A 60 4.27 -13.75 3.62
CA SER A 60 3.53 -14.77 2.88
C SER A 60 2.06 -14.38 2.74
N ASN A 61 1.43 -14.88 1.67
CA ASN A 61 0.02 -14.59 1.41
C ASN A 61 -0.33 -13.14 1.70
N ILE A 62 0.32 -12.22 1.00
CA ILE A 62 0.08 -10.79 1.19
C ILE A 62 -1.09 -10.32 0.32
N THR A 63 -2.10 -9.73 0.96
CA THR A 63 -3.27 -9.25 0.25
C THR A 63 -3.75 -7.92 0.83
N LEU A 64 -4.51 -7.17 0.03
CA LEU A 64 -5.05 -5.88 0.46
C LEU A 64 -6.54 -5.98 0.73
N ASP A 65 -6.96 -5.52 1.90
CA ASP A 65 -8.37 -5.56 2.28
C ASP A 65 -8.85 -4.18 2.75
N ILE A 66 -10.15 -3.94 2.61
CA ILE A 66 -10.73 -2.67 3.02
C ILE A 66 -11.08 -2.69 4.51
N GLU A 67 -10.94 -1.54 5.15
CA GLU A 67 -11.24 -1.43 6.58
C GLU A 67 -11.76 -0.02 6.91
N GLY A 68 -12.84 0.02 7.69
CA GLY A 68 -13.42 1.30 8.07
C GLY A 68 -14.51 1.75 7.10
N ASP A 69 -15.41 2.59 7.60
CA ASP A 69 -16.51 3.10 6.79
C ASP A 69 -16.00 4.02 5.68
N ASP A 70 -14.75 4.46 5.80
CA ASP A 70 -14.15 5.35 4.82
C ASP A 70 -13.52 4.56 3.67
N ASN A 71 -13.42 3.24 3.84
CA ASN A 71 -12.84 2.39 2.81
C ASN A 71 -11.35 2.68 2.64
N ILE A 72 -10.57 2.25 3.61
CA ILE A 72 -9.13 2.46 3.58
C ILE A 72 -8.39 1.17 3.24
N PRO A 73 -7.66 1.15 2.10
CA PRO A 73 -6.91 -0.03 1.68
C PRO A 73 -5.81 -0.41 2.66
N VAL A 74 -6.08 -1.44 3.46
CA VAL A 74 -5.11 -1.91 4.46
C VAL A 74 -4.47 -3.22 4.03
N LEU A 75 -3.15 -3.19 3.83
CA LEU A 75 -2.41 -4.38 3.41
C LEU A 75 -2.05 -5.24 4.62
N ARG A 76 -2.57 -6.46 4.64
CA ARG A 76 -2.32 -7.38 5.74
C ARG A 76 -1.55 -8.61 5.27
N ALA A 77 -0.49 -8.97 5.99
CA ALA A 77 0.33 -10.13 5.65
C ALA A 77 1.24 -10.53 6.81
N GLU A 78 1.55 -11.81 6.88
CA GLU A 78 2.41 -12.34 7.94
C GLU A 78 3.88 -12.06 7.61
N LEU A 79 4.47 -11.13 8.35
CA LEU A 79 5.87 -10.77 8.14
C LEU A 79 6.79 -11.56 9.05
N ASN A 80 8.03 -11.77 8.60
CA ASN A 80 9.02 -12.51 9.38
C ASN A 80 9.97 -11.54 10.09
N PRO A 81 9.83 -11.40 11.42
CA PRO A 81 10.68 -10.49 12.20
C PRO A 81 12.09 -11.05 12.41
N MET A 82 13.00 -10.20 12.86
CA MET A 82 14.37 -10.59 13.11
C MET A 82 14.50 -11.37 14.41
N ASP A 83 13.53 -11.19 15.30
CA ASP A 83 13.53 -11.88 16.59
C ASP A 83 13.08 -13.32 16.43
N GLY A 84 12.22 -13.57 15.45
CA GLY A 84 11.72 -14.90 15.22
C GLY A 84 10.21 -15.00 15.35
N ASP A 85 9.64 -16.07 14.80
CA ASP A 85 8.20 -16.28 14.85
C ASP A 85 7.46 -15.18 14.09
N PRO A 86 7.05 -15.44 12.84
CA PRO A 86 6.34 -14.47 12.01
C PRO A 86 5.13 -13.89 12.72
N VAL A 87 4.78 -12.65 12.39
CA VAL A 87 3.64 -11.97 12.99
C VAL A 87 2.79 -11.28 11.94
N GLU A 88 1.48 -11.32 12.11
CA GLU A 88 0.55 -10.69 11.18
C GLU A 88 0.73 -9.18 11.19
N ALA A 89 1.14 -8.63 10.05
CA ALA A 89 1.34 -7.19 9.91
C ALA A 89 0.25 -6.56 9.07
N ASN A 90 -0.17 -5.36 9.43
CA ASN A 90 -1.20 -4.64 8.69
C ASN A 90 -0.85 -3.17 8.54
N VAL A 91 -0.77 -2.71 7.30
CA VAL A 91 -0.44 -1.31 7.02
C VAL A 91 -1.45 -0.67 6.08
N ASN A 92 -1.88 0.54 6.41
CA ASN A 92 -2.85 1.25 5.59
C ASN A 92 -2.13 2.11 4.55
N LEU A 93 -2.20 1.69 3.28
CA LEU A 93 -1.55 2.42 2.19
C LEU A 93 -1.89 3.90 2.25
N SER A 94 -3.14 4.21 2.61
CA SER A 94 -3.58 5.60 2.71
C SER A 94 -2.77 6.37 3.74
N GLU A 95 -2.00 5.65 4.56
CA GLU A 95 -1.18 6.28 5.59
C GLU A 95 -0.17 7.23 4.98
N ARG A 96 0.54 6.77 3.94
CA ARG A 96 1.54 7.59 3.28
C ARG A 96 1.51 7.40 1.77
N ILE A 97 0.32 7.30 1.20
CA ILE A 97 0.19 7.13 -0.24
C ILE A 97 -0.70 8.22 -0.82
N GLY A 98 -0.14 9.04 -1.71
CA GLY A 98 -0.90 10.11 -2.31
C GLY A 98 -1.01 9.98 -3.81
N ASN A 99 -1.60 10.97 -4.46
CA ASN A 99 -1.77 10.98 -5.91
C ASN A 99 -1.39 12.34 -6.49
N ASP A 100 -0.23 12.40 -7.14
CA ASP A 100 0.24 13.63 -7.74
C ASP A 100 -0.12 13.70 -9.22
N CYS A 101 -0.95 14.67 -9.58
CA CYS A 101 -1.37 14.84 -10.97
C CYS A 101 -2.01 13.57 -11.50
N GLY A 102 -2.64 12.82 -10.61
CA GLY A 102 -3.29 11.59 -11.01
C GLY A 102 -2.38 10.38 -10.89
N THR A 103 -1.08 10.62 -10.77
CA THR A 103 -0.11 9.56 -10.64
C THR A 103 0.06 9.13 -9.19
N LEU A 104 0.41 7.87 -8.98
CA LEU A 104 0.62 7.34 -7.64
C LEU A 104 1.94 7.82 -7.05
N ILE A 105 1.89 8.34 -5.83
CA ILE A 105 3.09 8.83 -5.15
C ILE A 105 3.12 8.38 -3.69
N PHE A 106 4.27 8.59 -3.05
CA PHE A 106 4.43 8.20 -1.66
C PHE A 106 4.81 9.41 -0.81
N LEU A 107 4.22 9.51 0.39
CA LEU A 107 4.50 10.62 1.28
C LEU A 107 5.93 10.55 1.81
N ALA A 108 6.80 11.41 1.29
CA ALA A 108 8.20 11.44 1.70
C ALA A 108 8.56 12.81 2.28
N MET A 1 -1.36 13.20 4.09
CA MET A 1 -2.28 12.03 4.21
C MET A 1 -2.48 11.35 2.86
N GLY A 2 -2.69 10.04 2.89
CA GLY A 2 -2.90 9.31 1.65
C GLY A 2 -4.36 9.30 1.24
N ASN A 3 -4.92 10.48 1.12
CA ASN A 3 -6.31 10.66 0.71
C ASN A 3 -6.55 10.04 -0.67
N PHE A 4 -5.48 9.74 -1.40
CA PHE A 4 -5.59 9.19 -2.74
C PHE A 4 -6.63 8.07 -2.80
N HIS A 5 -6.75 7.32 -1.70
CA HIS A 5 -7.69 6.22 -1.63
C HIS A 5 -9.13 6.76 -1.76
N GLU A 6 -9.38 7.91 -1.17
CA GLU A 6 -10.69 8.52 -1.21
C GLU A 6 -10.94 9.23 -2.54
N SER A 7 -9.85 9.59 -3.22
CA SER A 7 -9.95 10.28 -4.51
C SER A 7 -9.51 9.37 -5.66
N SER A 8 -9.42 8.07 -5.39
CA SER A 8 -9.02 7.11 -6.41
C SER A 8 -10.01 5.95 -6.49
N ASN A 9 -10.01 5.26 -7.63
CA ASN A 9 -10.90 4.12 -7.82
C ASN A 9 -10.10 2.86 -8.16
N ASN A 10 -10.72 1.71 -7.96
CA ASN A 10 -10.09 0.44 -8.24
C ASN A 10 -8.81 0.27 -7.42
N ILE A 11 -8.95 0.31 -6.10
CA ILE A 11 -7.80 0.16 -5.21
C ILE A 11 -7.66 -1.30 -4.76
N TRP A 12 -6.54 -1.92 -5.13
CA TRP A 12 -6.29 -3.31 -4.77
C TRP A 12 -4.80 -3.64 -4.89
N LEU A 13 -4.48 -4.92 -4.72
CA LEU A 13 -3.09 -5.37 -4.81
C LEU A 13 -2.98 -6.60 -5.70
N GLU A 14 -1.86 -6.69 -6.43
CA GLU A 14 -1.62 -7.81 -7.32
C GLU A 14 -0.37 -8.56 -6.91
N ASP A 15 -0.52 -9.86 -6.62
CA ASP A 15 0.60 -10.70 -6.22
C ASP A 15 1.22 -10.18 -4.92
N GLY A 16 0.48 -9.35 -4.20
CA GLY A 16 0.97 -8.81 -2.94
C GLY A 16 2.26 -8.01 -3.10
N HIS A 17 2.24 -7.03 -4.00
CA HIS A 17 3.42 -6.20 -4.22
C HIS A 17 3.14 -5.07 -5.22
N ILE A 18 2.19 -5.28 -6.13
CA ILE A 18 1.85 -4.27 -7.12
C ILE A 18 0.52 -3.59 -6.77
N LEU A 19 0.51 -2.26 -6.84
CA LEU A 19 -0.69 -1.48 -6.54
C LEU A 19 -1.24 -0.82 -7.79
N HIS A 20 -2.56 -0.77 -7.89
CA HIS A 20 -3.22 -0.15 -9.04
C HIS A 20 -4.40 0.69 -8.57
N ALA A 21 -4.53 1.89 -9.13
CA ALA A 21 -5.61 2.79 -8.76
C ALA A 21 -5.76 3.93 -9.76
N GLU A 22 -6.97 4.46 -9.88
CA GLU A 22 -7.26 5.55 -10.79
C GLU A 22 -7.42 6.86 -10.03
N CYS A 23 -6.36 7.66 -10.00
CA CYS A 23 -6.39 8.93 -9.30
C CYS A 23 -6.54 10.10 -10.28
N GLY A 24 -7.43 11.03 -9.94
CA GLY A 24 -7.65 12.18 -10.81
C GLY A 24 -6.54 13.20 -10.71
N ASN A 25 -6.65 14.27 -11.49
CA ASN A 25 -5.64 15.33 -11.48
C ASN A 25 -6.21 16.62 -10.88
N GLY A 26 -7.51 16.81 -11.04
CA GLY A 26 -8.16 18.01 -10.51
C GLY A 26 -9.17 18.59 -11.47
N GLU A 27 -8.95 18.36 -12.77
CA GLU A 27 -9.87 18.88 -13.78
C GLU A 27 -11.20 18.14 -13.74
N GLY A 28 -11.16 16.88 -13.33
CA GLY A 28 -12.38 16.08 -13.25
C GLY A 28 -12.21 14.70 -13.85
N ASP A 29 -11.09 14.47 -14.53
CA ASP A 29 -10.83 13.18 -15.15
C ASP A 29 -9.97 12.30 -14.24
N TYR A 30 -9.98 11.00 -14.51
CA TYR A 30 -9.20 10.04 -13.72
C TYR A 30 -7.96 9.60 -14.49
N VAL A 31 -6.96 9.12 -13.77
CA VAL A 31 -5.72 8.66 -14.37
C VAL A 31 -5.22 7.38 -13.72
N GLU A 32 -5.18 6.29 -14.50
CA GLU A 32 -4.72 5.01 -14.00
C GLU A 32 -3.24 5.06 -13.63
N SER A 33 -2.93 4.64 -12.41
CA SER A 33 -1.55 4.64 -11.93
C SER A 33 -1.29 3.40 -11.07
N THR A 34 -0.01 3.07 -10.92
CA THR A 34 0.37 1.90 -10.12
C THR A 34 1.65 2.18 -9.33
N LEU A 35 1.75 1.59 -8.15
CA LEU A 35 2.92 1.77 -7.30
C LEU A 35 3.45 0.42 -6.82
N ASP A 36 4.76 0.29 -6.77
CA ASP A 36 5.40 -0.95 -6.32
C ASP A 36 5.80 -0.85 -4.86
N LEU A 37 5.31 -1.78 -4.06
CA LEU A 37 5.62 -1.82 -2.64
C LEU A 37 6.88 -2.62 -2.38
N ASP A 38 7.14 -3.59 -3.26
CA ASP A 38 8.32 -4.43 -3.14
C ASP A 38 9.58 -3.58 -3.13
N TYR A 39 9.44 -2.31 -3.48
CA TYR A 39 10.58 -1.39 -3.49
C TYR A 39 10.28 -0.12 -2.70
N TYR A 40 9.11 -0.05 -2.08
CA TYR A 40 8.72 1.11 -1.29
C TYR A 40 8.48 0.73 0.16
N ILE A 41 8.10 -0.53 0.40
CA ILE A 41 7.85 -1.01 1.76
C ILE A 41 8.76 -2.19 2.09
N GLY A 42 9.23 -2.23 3.33
CA GLY A 42 10.12 -3.31 3.76
C GLY A 42 9.65 -3.97 5.04
N ASN A 43 10.37 -4.99 5.47
CA ASN A 43 10.02 -5.72 6.70
C ASN A 43 10.81 -5.17 7.88
N ASP A 44 10.12 -4.48 8.78
CA ASP A 44 10.76 -3.92 9.97
C ASP A 44 10.28 -4.64 11.23
N ASP A 45 11.08 -5.59 11.70
CA ASP A 45 10.74 -6.34 12.91
C ASP A 45 9.36 -7.02 12.76
N GLY A 46 9.16 -7.67 11.63
CA GLY A 46 7.90 -8.35 11.38
C GLY A 46 6.75 -7.38 11.17
N SER A 47 7.08 -6.12 10.90
CA SER A 47 6.06 -5.09 10.69
C SER A 47 6.33 -4.33 9.38
N PHE A 48 5.31 -3.63 8.90
CA PHE A 48 5.44 -2.86 7.67
C PHE A 48 6.15 -1.53 7.91
N SER A 49 7.00 -1.14 6.96
CA SER A 49 7.74 0.10 7.09
C SER A 49 7.63 0.93 5.81
N TRP A 50 7.24 2.20 5.97
CA TRP A 50 7.10 3.10 4.83
C TRP A 50 8.46 3.58 4.35
N GLY A 51 8.79 3.24 3.10
CA GLY A 51 10.06 3.65 2.54
C GLY A 51 11.06 2.50 2.47
N GLY A 52 10.59 1.28 2.72
CA GLY A 52 11.47 0.13 2.67
C GLY A 52 11.39 -0.59 1.34
N GLU A 53 11.62 -1.91 1.36
CA GLU A 53 11.57 -2.71 0.14
C GLU A 53 11.84 -4.18 0.45
N ASN A 54 11.40 -5.04 -0.46
CA ASN A 54 11.58 -6.48 -0.29
C ASN A 54 10.81 -7.00 0.91
N PHE A 55 9.70 -6.33 1.24
CA PHE A 55 8.87 -6.73 2.37
C PHE A 55 8.29 -8.12 2.16
N SER A 56 7.91 -8.41 0.92
CA SER A 56 7.34 -9.71 0.58
C SER A 56 8.38 -10.81 0.75
N GLY A 57 9.65 -10.46 0.62
CA GLY A 57 10.71 -11.44 0.77
C GLY A 57 10.61 -12.22 2.08
N SER A 58 10.01 -11.61 3.08
CA SER A 58 9.85 -12.24 4.38
C SER A 58 8.38 -12.24 4.80
N ALA A 59 7.48 -12.24 3.83
CA ALA A 59 6.05 -12.24 4.09
C ALA A 59 5.36 -13.35 3.31
N SER A 60 4.13 -13.68 3.72
CA SER A 60 3.35 -14.72 3.06
C SER A 60 1.90 -14.29 2.88
N ASN A 61 1.26 -14.79 1.82
CA ASN A 61 -0.12 -14.47 1.52
C ASN A 61 -0.43 -13.00 1.77
N ILE A 62 0.24 -12.12 1.03
CA ILE A 62 0.05 -10.69 1.17
C ILE A 62 -1.11 -10.21 0.30
N THR A 63 -2.12 -9.60 0.94
CA THR A 63 -3.29 -9.11 0.23
C THR A 63 -3.80 -7.80 0.84
N LEU A 64 -4.52 -7.03 0.03
CA LEU A 64 -5.08 -5.77 0.50
C LEU A 64 -6.58 -5.88 0.76
N ASP A 65 -7.00 -5.42 1.93
CA ASP A 65 -8.41 -5.47 2.30
C ASP A 65 -8.91 -4.11 2.76
N ILE A 66 -10.21 -3.88 2.62
CA ILE A 66 -10.81 -2.61 3.01
C ILE A 66 -11.16 -2.63 4.50
N GLU A 67 -11.04 -1.48 5.15
CA GLU A 67 -11.35 -1.36 6.57
C GLU A 67 -11.85 0.04 6.90
N GLY A 68 -13.01 0.11 7.53
CA GLY A 68 -13.58 1.40 7.89
C GLY A 68 -14.70 1.82 6.95
N ASP A 69 -15.54 2.75 7.41
CA ASP A 69 -16.65 3.24 6.61
C ASP A 69 -16.15 4.13 5.46
N ASP A 70 -14.91 4.61 5.58
CA ASP A 70 -14.32 5.47 4.57
C ASP A 70 -13.67 4.65 3.44
N ASN A 71 -13.60 3.34 3.63
CA ASN A 71 -12.98 2.45 2.65
C ASN A 71 -11.50 2.72 2.54
N ILE A 72 -10.76 2.27 3.54
CA ILE A 72 -9.31 2.46 3.55
C ILE A 72 -8.58 1.17 3.19
N PRO A 73 -7.69 1.22 2.18
CA PRO A 73 -6.93 0.06 1.73
C PRO A 73 -5.87 -0.37 2.75
N VAL A 74 -6.16 -1.41 3.51
CA VAL A 74 -5.23 -1.91 4.52
C VAL A 74 -4.58 -3.22 4.07
N LEU A 75 -3.26 -3.19 3.92
CA LEU A 75 -2.51 -4.36 3.50
C LEU A 75 -2.10 -5.21 4.70
N ARG A 76 -2.61 -6.44 4.75
CA ARG A 76 -2.29 -7.35 5.85
C ARG A 76 -1.54 -8.58 5.35
N ALA A 77 -0.48 -8.94 6.07
CA ALA A 77 0.33 -10.10 5.70
C ALA A 77 1.26 -10.50 6.84
N GLU A 78 1.52 -11.80 6.97
CA GLU A 78 2.39 -12.31 8.01
C GLU A 78 3.85 -12.01 7.69
N LEU A 79 4.44 -11.08 8.43
CA LEU A 79 5.83 -10.69 8.23
C LEU A 79 6.76 -11.46 9.16
N ASN A 80 8.00 -11.66 8.72
CA ASN A 80 9.00 -12.37 9.50
C ASN A 80 9.96 -11.39 10.17
N PRO A 81 9.89 -11.26 11.51
CA PRO A 81 10.77 -10.34 12.25
C PRO A 81 12.19 -10.87 12.36
N MET A 82 13.10 -10.00 12.79
CA MET A 82 14.50 -10.37 12.95
C MET A 82 14.71 -11.20 14.22
N ASP A 83 13.79 -11.06 15.17
CA ASP A 83 13.88 -11.80 16.42
C ASP A 83 13.48 -13.26 16.21
N GLY A 84 12.44 -13.48 15.41
CA GLY A 84 11.98 -14.84 15.14
C GLY A 84 10.48 -14.96 15.18
N ASP A 85 9.94 -15.99 14.54
CA ASP A 85 8.51 -16.22 14.51
C ASP A 85 7.79 -15.07 13.80
N PRO A 86 7.21 -15.33 12.61
CA PRO A 86 6.49 -14.31 11.84
C PRO A 86 5.22 -13.84 12.54
N VAL A 87 4.91 -12.56 12.40
CA VAL A 87 3.72 -11.99 13.01
C VAL A 87 2.82 -11.33 11.97
N GLU A 88 1.54 -11.20 12.30
CA GLU A 88 0.57 -10.59 11.40
C GLU A 88 0.77 -9.09 11.33
N ALA A 89 1.19 -8.59 10.16
CA ALA A 89 1.41 -7.17 9.97
C ALA A 89 0.30 -6.55 9.13
N ASN A 90 -0.05 -5.31 9.44
CA ASN A 90 -1.10 -4.61 8.72
C ASN A 90 -0.74 -3.15 8.52
N VAL A 91 -0.71 -2.71 7.26
CA VAL A 91 -0.38 -1.33 6.94
C VAL A 91 -1.41 -0.72 6.00
N ASN A 92 -1.84 0.50 6.31
CA ASN A 92 -2.82 1.19 5.50
C ASN A 92 -2.12 2.07 4.46
N LEU A 93 -2.18 1.66 3.20
CA LEU A 93 -1.54 2.40 2.12
C LEU A 93 -1.91 3.88 2.17
N SER A 94 -3.16 4.15 2.51
CA SER A 94 -3.64 5.53 2.62
C SER A 94 -2.85 6.33 3.65
N GLU A 95 -2.08 5.63 4.48
CA GLU A 95 -1.29 6.28 5.51
C GLU A 95 -0.25 7.23 4.91
N ARG A 96 0.45 6.75 3.89
CA ARG A 96 1.48 7.56 3.23
C ARG A 96 1.47 7.37 1.72
N ILE A 97 0.27 7.27 1.15
CA ILE A 97 0.14 7.10 -0.29
C ILE A 97 -0.76 8.18 -0.88
N GLY A 98 -0.20 9.00 -1.75
CA GLY A 98 -0.97 10.08 -2.35
C GLY A 98 -1.08 9.95 -3.86
N ASN A 99 -1.72 10.93 -4.48
CA ASN A 99 -1.90 10.94 -5.94
C ASN A 99 -1.53 12.31 -6.51
N ASP A 100 -0.36 12.38 -7.13
CA ASP A 100 0.11 13.63 -7.73
C ASP A 100 -0.27 13.70 -9.20
N CYS A 101 -1.09 14.68 -9.55
CA CYS A 101 -1.53 14.86 -10.93
C CYS A 101 -2.13 13.59 -11.49
N GLY A 102 -2.75 12.80 -10.61
CA GLY A 102 -3.36 11.55 -11.03
C GLY A 102 -2.41 10.37 -10.91
N THR A 103 -1.12 10.65 -10.77
CA THR A 103 -0.11 9.61 -10.65
C THR A 103 0.04 9.16 -9.20
N LEU A 104 0.41 7.89 -9.01
CA LEU A 104 0.58 7.35 -7.67
C LEU A 104 1.90 7.83 -7.07
N ILE A 105 1.81 8.40 -5.87
CA ILE A 105 2.99 8.90 -5.17
C ILE A 105 3.03 8.42 -3.73
N PHE A 106 4.13 8.72 -3.03
CA PHE A 106 4.30 8.31 -1.65
C PHE A 106 4.61 9.51 -0.77
N LEU A 107 3.99 9.55 0.41
CA LEU A 107 4.21 10.65 1.35
C LEU A 107 5.64 10.64 1.89
N ALA A 108 6.48 11.51 1.35
CA ALA A 108 7.88 11.60 1.78
C ALA A 108 8.23 13.02 2.20
N MET A 1 -1.22 13.13 4.01
CA MET A 1 -2.22 12.02 4.10
C MET A 1 -2.42 11.33 2.76
N GLY A 2 -2.63 10.03 2.78
CA GLY A 2 -2.84 9.29 1.56
C GLY A 2 -4.30 9.28 1.14
N ASN A 3 -4.85 10.47 0.99
CA ASN A 3 -6.23 10.65 0.57
C ASN A 3 -6.48 10.02 -0.79
N PHE A 4 -5.40 9.72 -1.51
CA PHE A 4 -5.51 9.14 -2.85
C PHE A 4 -6.56 8.03 -2.89
N HIS A 5 -6.68 7.29 -1.80
CA HIS A 5 -7.65 6.21 -1.73
C HIS A 5 -9.07 6.74 -1.81
N GLU A 6 -9.31 7.88 -1.16
CA GLU A 6 -10.63 8.50 -1.17
C GLU A 6 -10.89 9.23 -2.49
N SER A 7 -9.82 9.58 -3.19
CA SER A 7 -9.94 10.29 -4.46
C SER A 7 -9.55 9.38 -5.63
N SER A 8 -9.51 8.07 -5.39
CA SER A 8 -9.15 7.11 -6.43
C SER A 8 -10.13 5.96 -6.46
N ASN A 9 -10.19 5.26 -7.59
CA ASN A 9 -11.08 4.13 -7.77
C ASN A 9 -10.30 2.88 -8.13
N ASN A 10 -10.91 1.72 -7.90
CA ASN A 10 -10.27 0.45 -8.21
C ASN A 10 -8.98 0.28 -7.42
N ILE A 11 -9.08 0.33 -6.09
CA ILE A 11 -7.91 0.18 -5.23
C ILE A 11 -7.74 -1.29 -4.82
N TRP A 12 -6.62 -1.88 -5.23
CA TRP A 12 -6.33 -3.27 -4.90
C TRP A 12 -4.85 -3.58 -5.09
N LEU A 13 -4.44 -4.77 -4.66
CA LEU A 13 -3.05 -5.19 -4.78
C LEU A 13 -2.93 -6.45 -5.62
N GLU A 14 -1.84 -6.54 -6.40
CA GLU A 14 -1.60 -7.69 -7.25
C GLU A 14 -0.36 -8.46 -6.78
N ASP A 15 -0.56 -9.72 -6.42
CA ASP A 15 0.54 -10.56 -5.96
C ASP A 15 1.18 -9.99 -4.69
N GLY A 16 0.46 -9.08 -4.02
CA GLY A 16 0.97 -8.48 -2.81
C GLY A 16 2.27 -7.73 -3.01
N HIS A 17 2.26 -6.76 -3.92
CA HIS A 17 3.45 -5.96 -4.19
C HIS A 17 3.16 -4.86 -5.21
N ILE A 18 2.23 -5.11 -6.12
CA ILE A 18 1.86 -4.12 -7.14
C ILE A 18 0.57 -3.42 -6.76
N LEU A 19 0.61 -2.09 -6.75
CA LEU A 19 -0.57 -1.29 -6.42
C LEU A 19 -1.15 -0.62 -7.66
N HIS A 20 -2.48 -0.62 -7.75
CA HIS A 20 -3.16 0.00 -8.89
C HIS A 20 -4.36 0.81 -8.40
N ALA A 21 -4.48 2.03 -8.90
CA ALA A 21 -5.59 2.90 -8.51
C ALA A 21 -5.76 4.04 -9.51
N GLU A 22 -7.02 4.38 -9.80
CA GLU A 22 -7.33 5.46 -10.72
C GLU A 22 -7.48 6.78 -10.00
N CYS A 23 -6.42 7.58 -10.00
CA CYS A 23 -6.43 8.88 -9.33
C CYS A 23 -6.56 10.02 -10.33
N GLY A 24 -7.47 10.94 -10.06
CA GLY A 24 -7.67 12.07 -10.95
C GLY A 24 -6.57 13.09 -10.84
N ASN A 25 -6.69 14.19 -11.60
CA ASN A 25 -5.70 15.25 -11.57
C ASN A 25 -6.29 16.54 -11.03
N GLY A 26 -7.56 16.79 -11.35
CA GLY A 26 -8.23 18.00 -10.89
C GLY A 26 -9.26 18.50 -11.88
N GLU A 27 -9.04 18.20 -13.15
CA GLU A 27 -9.95 18.62 -14.21
C GLU A 27 -11.32 17.94 -14.06
N GLY A 28 -11.30 16.73 -13.51
CA GLY A 28 -12.53 15.99 -13.32
C GLY A 28 -12.44 14.57 -13.84
N ASP A 29 -11.32 14.24 -14.48
CA ASP A 29 -11.12 12.91 -15.04
C ASP A 29 -10.21 12.08 -14.14
N TYR A 30 -10.19 10.76 -14.37
CA TYR A 30 -9.36 9.86 -13.59
C TYR A 30 -8.15 9.39 -14.39
N VAL A 31 -7.10 8.99 -13.68
CA VAL A 31 -5.88 8.52 -14.34
C VAL A 31 -5.36 7.25 -13.68
N GLU A 32 -5.38 6.15 -14.44
CA GLU A 32 -4.92 4.87 -13.94
C GLU A 32 -3.42 4.89 -13.66
N SER A 33 -3.07 4.73 -12.40
CA SER A 33 -1.66 4.73 -11.99
C SER A 33 -1.36 3.49 -11.15
N THR A 34 -0.07 3.26 -10.90
CA THR A 34 0.34 2.11 -10.11
C THR A 34 1.63 2.38 -9.34
N LEU A 35 1.79 1.71 -8.21
CA LEU A 35 2.98 1.88 -7.37
C LEU A 35 3.48 0.52 -6.87
N ASP A 36 4.80 0.38 -6.79
CA ASP A 36 5.39 -0.86 -6.32
C ASP A 36 5.84 -0.74 -4.88
N LEU A 37 5.35 -1.64 -4.04
CA LEU A 37 5.70 -1.65 -2.63
C LEU A 37 6.95 -2.45 -2.39
N ASP A 38 7.19 -3.44 -3.25
CA ASP A 38 8.36 -4.29 -3.14
C ASP A 38 9.64 -3.46 -3.16
N TYR A 39 9.51 -2.18 -3.47
CA TYR A 39 10.68 -1.30 -3.52
C TYR A 39 10.46 -0.02 -2.71
N TYR A 40 9.28 0.11 -2.09
CA TYR A 40 8.97 1.28 -1.28
C TYR A 40 8.54 0.89 0.13
N ILE A 41 8.47 -0.41 0.41
CA ILE A 41 8.08 -0.89 1.72
C ILE A 41 8.91 -2.11 2.12
N GLY A 42 9.35 -2.13 3.38
CA GLY A 42 10.15 -3.24 3.86
C GLY A 42 9.60 -3.86 5.13
N ASN A 43 10.29 -4.88 5.63
CA ASN A 43 9.86 -5.56 6.85
C ASN A 43 10.70 -5.11 8.04
N ASP A 44 10.06 -4.39 8.97
CA ASP A 44 10.75 -3.92 10.17
C ASP A 44 10.23 -4.63 11.41
N ASP A 45 10.96 -5.65 11.85
CA ASP A 45 10.57 -6.41 13.03
C ASP A 45 9.20 -7.06 12.84
N GLY A 46 9.01 -7.69 11.69
CA GLY A 46 7.75 -8.33 11.39
C GLY A 46 6.62 -7.34 11.19
N SER A 47 6.98 -6.08 10.93
CA SER A 47 5.98 -5.03 10.72
C SER A 47 6.25 -4.28 9.42
N PHE A 48 5.26 -3.55 8.94
CA PHE A 48 5.39 -2.79 7.70
C PHE A 48 6.14 -1.48 7.95
N SER A 49 6.99 -1.11 7.01
CA SER A 49 7.77 0.12 7.12
C SER A 49 7.66 0.95 5.84
N TRP A 50 7.27 2.22 5.99
CA TRP A 50 7.13 3.11 4.84
C TRP A 50 8.50 3.58 4.36
N GLY A 51 8.83 3.25 3.12
CA GLY A 51 10.11 3.65 2.57
C GLY A 51 11.11 2.50 2.51
N GLY A 52 10.63 1.28 2.77
CA GLY A 52 11.51 0.12 2.73
C GLY A 52 11.46 -0.59 1.40
N GLU A 53 11.66 -1.90 1.42
CA GLU A 53 11.65 -2.69 0.19
C GLU A 53 11.88 -4.17 0.49
N ASN A 54 11.44 -5.04 -0.42
CA ASN A 54 11.60 -6.47 -0.25
C ASN A 54 10.81 -6.98 0.95
N PHE A 55 9.73 -6.28 1.28
CA PHE A 55 8.89 -6.66 2.40
C PHE A 55 8.29 -8.05 2.19
N SER A 56 7.84 -8.31 0.97
CA SER A 56 7.24 -9.60 0.63
C SER A 56 8.29 -10.71 0.66
N GLY A 57 9.56 -10.33 0.44
CA GLY A 57 10.64 -11.31 0.46
C GLY A 57 10.61 -12.19 1.69
N SER A 58 10.05 -11.66 2.78
CA SER A 58 9.97 -12.41 4.03
C SER A 58 8.53 -12.42 4.55
N ALA A 59 7.57 -12.31 3.63
CA ALA A 59 6.16 -12.31 4.01
C ALA A 59 5.39 -13.34 3.20
N SER A 60 4.21 -13.73 3.71
CA SER A 60 3.38 -14.72 3.05
C SER A 60 1.95 -14.21 2.91
N ASN A 61 1.25 -14.72 1.89
CA ASN A 61 -0.14 -14.33 1.62
C ASN A 61 -0.37 -12.84 1.86
N ILE A 62 0.27 -12.01 1.05
CA ILE A 62 0.13 -10.56 1.17
C ILE A 62 -0.99 -10.04 0.26
N THR A 63 -2.03 -9.51 0.87
CA THR A 63 -3.17 -8.98 0.12
C THR A 63 -3.70 -7.69 0.75
N LEU A 64 -4.38 -6.88 -0.04
CA LEU A 64 -4.93 -5.61 0.44
C LEU A 64 -6.45 -5.72 0.64
N ASP A 65 -6.91 -5.34 1.81
CA ASP A 65 -8.34 -5.39 2.13
C ASP A 65 -8.83 -4.06 2.67
N ILE A 66 -10.12 -3.78 2.49
CA ILE A 66 -10.72 -2.55 2.96
C ILE A 66 -11.13 -2.67 4.42
N GLU A 67 -11.00 -1.56 5.16
CA GLU A 67 -11.36 -1.55 6.57
C GLU A 67 -11.82 -0.16 7.00
N GLY A 68 -12.92 -0.10 7.74
CA GLY A 68 -13.44 1.17 8.20
C GLY A 68 -14.60 1.67 7.38
N ASP A 69 -15.35 2.61 7.91
CA ASP A 69 -16.50 3.17 7.21
C ASP A 69 -16.06 4.11 6.07
N ASP A 70 -14.77 4.44 6.04
CA ASP A 70 -14.24 5.32 5.01
C ASP A 70 -13.63 4.52 3.86
N ASN A 71 -13.49 3.22 4.05
CA ASN A 71 -12.92 2.36 3.02
C ASN A 71 -11.45 2.68 2.81
N ILE A 72 -10.61 2.19 3.71
CA ILE A 72 -9.18 2.43 3.63
C ILE A 72 -8.43 1.16 3.28
N PRO A 73 -7.73 1.13 2.12
CA PRO A 73 -6.97 -0.04 1.69
C PRO A 73 -5.89 -0.43 2.69
N VAL A 74 -6.16 -1.47 3.47
CA VAL A 74 -5.22 -1.95 4.47
C VAL A 74 -4.55 -3.25 4.03
N LEU A 75 -3.24 -3.20 3.84
CA LEU A 75 -2.48 -4.37 3.41
C LEU A 75 -2.10 -5.22 4.62
N ARG A 76 -2.61 -6.45 4.66
CA ARG A 76 -2.34 -7.36 5.77
C ARG A 76 -1.61 -8.60 5.28
N ALA A 77 -0.53 -8.97 5.97
CA ALA A 77 0.26 -10.14 5.61
C ALA A 77 1.20 -10.53 6.74
N GLU A 78 1.52 -11.82 6.82
CA GLU A 78 2.42 -12.32 7.84
C GLU A 78 3.87 -11.98 7.50
N LEU A 79 4.51 -11.21 8.38
CA LEU A 79 5.89 -10.80 8.17
C LEU A 79 6.84 -11.55 9.09
N ASN A 80 8.06 -11.78 8.63
CA ASN A 80 9.07 -12.48 9.41
C ASN A 80 9.94 -11.49 10.17
N PRO A 81 9.76 -11.38 11.50
CA PRO A 81 10.54 -10.45 12.33
C PRO A 81 11.95 -10.95 12.57
N MET A 82 12.81 -10.06 13.09
CA MET A 82 14.19 -10.40 13.37
C MET A 82 14.29 -11.23 14.65
N ASP A 83 13.29 -11.11 15.51
CA ASP A 83 13.26 -11.87 16.77
C ASP A 83 12.92 -13.33 16.52
N GLY A 84 12.08 -13.57 15.52
CA GLY A 84 11.68 -14.93 15.20
C GLY A 84 10.18 -15.11 15.21
N ASP A 85 9.70 -16.15 14.52
CA ASP A 85 8.28 -16.44 14.45
C ASP A 85 7.53 -15.31 13.74
N PRO A 86 7.14 -15.53 12.47
CA PRO A 86 6.42 -14.52 11.69
C PRO A 86 5.22 -13.95 12.44
N VAL A 87 4.90 -12.68 12.17
CA VAL A 87 3.78 -12.03 12.82
C VAL A 87 2.88 -11.34 11.80
N GLU A 88 1.58 -11.29 12.10
CA GLU A 88 0.61 -10.66 11.21
C GLU A 88 0.84 -9.15 11.15
N ALA A 89 1.24 -8.65 9.99
CA ALA A 89 1.48 -7.23 9.80
C ALA A 89 0.36 -6.59 8.98
N ASN A 90 -0.02 -5.38 9.36
CA ASN A 90 -1.08 -4.67 8.67
C ASN A 90 -0.72 -3.19 8.49
N VAL A 91 -0.78 -2.72 7.25
CA VAL A 91 -0.45 -1.33 6.95
C VAL A 91 -1.45 -0.73 5.96
N ASN A 92 -1.88 0.49 6.25
CA ASN A 92 -2.85 1.19 5.39
C ASN A 92 -2.11 2.05 4.37
N LEU A 93 -2.13 1.62 3.11
CA LEU A 93 -1.46 2.36 2.04
C LEU A 93 -1.83 3.84 2.08
N SER A 94 -3.08 4.13 2.40
CA SER A 94 -3.57 5.50 2.49
C SER A 94 -2.79 6.30 3.54
N GLU A 95 -2.05 5.60 4.38
CA GLU A 95 -1.27 6.25 5.43
C GLU A 95 -0.23 7.21 4.84
N ARG A 96 0.49 6.73 3.82
CA ARG A 96 1.51 7.54 3.20
C ARG A 96 1.53 7.37 1.68
N ILE A 97 0.34 7.25 1.09
CA ILE A 97 0.23 7.09 -0.36
C ILE A 97 -0.67 8.17 -0.95
N GLY A 98 -0.11 9.00 -1.82
CA GLY A 98 -0.89 10.06 -2.43
C GLY A 98 -0.98 9.92 -3.94
N ASN A 99 -1.63 10.90 -4.56
CA ASN A 99 -1.81 10.89 -6.01
C ASN A 99 -1.51 12.28 -6.60
N ASP A 100 -0.32 12.42 -7.18
CA ASP A 100 0.09 13.69 -7.77
C ASP A 100 -0.27 13.75 -9.25
N CYS A 101 -1.14 14.68 -9.61
CA CYS A 101 -1.57 14.84 -10.99
C CYS A 101 -2.11 13.53 -11.56
N GLY A 102 -2.70 12.72 -10.69
CA GLY A 102 -3.25 11.44 -11.12
C GLY A 102 -2.25 10.30 -10.97
N THR A 103 -0.98 10.64 -10.80
CA THR A 103 0.07 9.64 -10.64
C THR A 103 0.20 9.23 -9.18
N LEU A 104 0.44 7.93 -8.97
CA LEU A 104 0.59 7.40 -7.62
C LEU A 104 1.93 7.82 -7.02
N ILE A 105 1.86 8.46 -5.85
CA ILE A 105 3.07 8.93 -5.17
C ILE A 105 3.11 8.44 -3.73
N PHE A 106 4.21 8.72 -3.05
CA PHE A 106 4.39 8.31 -1.66
C PHE A 106 4.79 9.50 -0.79
N LEU A 107 4.22 9.58 0.40
CA LEU A 107 4.52 10.67 1.32
C LEU A 107 5.95 10.58 1.83
N ALA A 108 6.80 11.48 1.34
CA ALA A 108 8.21 11.51 1.75
C ALA A 108 8.60 12.88 2.29
N MET A 1 -1.11 12.85 4.40
CA MET A 1 -2.20 11.84 4.39
C MET A 1 -2.43 11.27 3.00
N GLY A 2 -2.74 9.97 2.93
CA GLY A 2 -2.98 9.34 1.65
C GLY A 2 -4.44 9.31 1.27
N ASN A 3 -5.00 10.50 1.12
CA ASN A 3 -6.39 10.66 0.73
C ASN A 3 -6.65 10.04 -0.64
N PHE A 4 -5.57 9.76 -1.38
CA PHE A 4 -5.69 9.20 -2.71
C PHE A 4 -6.70 8.06 -2.75
N HIS A 5 -6.79 7.31 -1.66
CA HIS A 5 -7.72 6.20 -1.57
C HIS A 5 -9.16 6.68 -1.71
N GLU A 6 -9.43 7.87 -1.16
CA GLU A 6 -10.76 8.45 -1.22
C GLU A 6 -11.02 9.12 -2.57
N SER A 7 -9.93 9.51 -3.24
CA SER A 7 -10.04 10.16 -4.54
C SER A 7 -9.57 9.25 -5.68
N SER A 8 -9.41 7.96 -5.38
CA SER A 8 -8.96 7.01 -6.38
C SER A 8 -9.94 5.84 -6.48
N ASN A 9 -9.93 5.16 -7.63
CA ASN A 9 -10.81 4.03 -7.85
C ASN A 9 -9.99 2.78 -8.19
N ASN A 10 -10.61 1.62 -8.02
CA ASN A 10 -9.95 0.34 -8.29
C ASN A 10 -8.68 0.19 -7.46
N ILE A 11 -8.83 0.28 -6.14
CA ILE A 11 -7.70 0.14 -5.22
C ILE A 11 -7.56 -1.31 -4.78
N TRP A 12 -6.43 -1.92 -5.13
CA TRP A 12 -6.18 -3.32 -4.77
C TRP A 12 -4.69 -3.66 -4.90
N LEU A 13 -4.37 -4.93 -4.73
CA LEU A 13 -2.99 -5.38 -4.83
C LEU A 13 -2.87 -6.63 -5.70
N GLU A 14 -1.81 -6.69 -6.50
CA GLU A 14 -1.58 -7.83 -7.38
C GLU A 14 -0.35 -8.61 -6.93
N ASP A 15 -0.55 -9.90 -6.64
CA ASP A 15 0.54 -10.76 -6.19
C ASP A 15 1.17 -10.23 -4.90
N GLY A 16 0.44 -9.35 -4.22
CA GLY A 16 0.96 -8.79 -2.97
C GLY A 16 2.26 -8.02 -3.15
N HIS A 17 2.25 -7.03 -4.03
CA HIS A 17 3.43 -6.21 -4.27
C HIS A 17 3.16 -5.09 -5.25
N ILE A 18 2.23 -5.31 -6.18
CA ILE A 18 1.88 -4.29 -7.17
C ILE A 18 0.58 -3.59 -6.81
N LEU A 19 0.60 -2.26 -6.86
CA LEU A 19 -0.58 -1.46 -6.55
C LEU A 19 -1.13 -0.79 -7.80
N HIS A 20 -2.45 -0.80 -7.94
CA HIS A 20 -3.11 -0.19 -9.09
C HIS A 20 -4.36 0.58 -8.66
N ALA A 21 -4.49 1.80 -9.17
CA ALA A 21 -5.63 2.65 -8.85
C ALA A 21 -5.67 3.86 -9.79
N GLU A 22 -6.88 4.28 -10.16
CA GLU A 22 -7.03 5.44 -11.04
C GLU A 22 -7.34 6.69 -10.25
N CYS A 23 -6.37 7.58 -10.14
CA CYS A 23 -6.53 8.83 -9.40
C CYS A 23 -6.77 10.01 -10.35
N GLY A 24 -7.55 10.98 -9.90
CA GLY A 24 -7.83 12.14 -10.71
C GLY A 24 -6.74 13.19 -10.63
N ASN A 25 -6.82 14.20 -11.50
CA ASN A 25 -5.83 15.27 -11.51
C ASN A 25 -6.42 16.55 -10.94
N GLY A 26 -7.73 16.70 -11.05
CA GLY A 26 -8.40 17.89 -10.55
C GLY A 26 -9.08 18.70 -11.64
N GLU A 27 -9.21 18.10 -12.82
CA GLU A 27 -9.85 18.75 -13.95
C GLU A 27 -11.18 18.10 -14.30
N GLY A 28 -11.31 16.82 -13.95
CA GLY A 28 -12.54 16.10 -14.23
C GLY A 28 -12.28 14.71 -14.81
N ASP A 29 -11.02 14.40 -15.09
CA ASP A 29 -10.66 13.11 -15.65
C ASP A 29 -9.82 12.30 -14.67
N TYR A 30 -9.74 11.00 -14.89
CA TYR A 30 -8.96 10.12 -14.02
C TYR A 30 -7.72 9.61 -14.74
N VAL A 31 -6.72 9.20 -13.96
CA VAL A 31 -5.47 8.69 -14.52
C VAL A 31 -5.05 7.39 -13.86
N GLU A 32 -4.88 6.35 -14.66
CA GLU A 32 -4.47 5.05 -14.15
C GLU A 32 -3.02 5.08 -13.68
N SER A 33 -2.82 4.81 -12.39
CA SER A 33 -1.48 4.81 -11.82
C SER A 33 -1.19 3.50 -11.09
N THR A 34 0.08 3.23 -10.84
CA THR A 34 0.49 2.02 -10.15
C THR A 34 1.75 2.25 -9.32
N LEU A 35 1.80 1.65 -8.14
CA LEU A 35 2.95 1.81 -7.26
C LEU A 35 3.47 0.45 -6.79
N ASP A 36 4.79 0.29 -6.77
CA ASP A 36 5.42 -0.95 -6.34
C ASP A 36 5.83 -0.86 -4.87
N LEU A 37 5.35 -1.81 -4.08
CA LEU A 37 5.67 -1.85 -2.66
C LEU A 37 6.94 -2.63 -2.42
N ASP A 38 7.23 -3.58 -3.31
CA ASP A 38 8.43 -4.39 -3.19
C ASP A 38 9.67 -3.52 -3.16
N TYR A 39 9.51 -2.24 -3.49
CA TYR A 39 10.64 -1.32 -3.48
C TYR A 39 10.32 -0.05 -2.67
N TYR A 40 9.13 -0.01 -2.06
CA TYR A 40 8.71 1.12 -1.26
C TYR A 40 8.48 0.73 0.20
N ILE A 41 8.13 -0.54 0.42
CA ILE A 41 7.88 -1.05 1.76
C ILE A 41 8.81 -2.22 2.08
N GLY A 42 9.27 -2.28 3.32
CA GLY A 42 10.16 -3.35 3.73
C GLY A 42 9.69 -4.04 5.01
N ASN A 43 10.42 -5.08 5.40
CA ASN A 43 10.09 -5.83 6.61
C ASN A 43 10.87 -5.31 7.81
N ASP A 44 10.17 -4.63 8.71
CA ASP A 44 10.81 -4.09 9.91
C ASP A 44 10.29 -4.79 11.16
N ASP A 45 11.06 -5.78 11.63
CA ASP A 45 10.68 -6.53 12.82
C ASP A 45 9.30 -7.16 12.65
N GLY A 46 9.07 -7.78 11.50
CA GLY A 46 7.80 -8.40 11.23
C GLY A 46 6.67 -7.39 11.07
N SER A 47 7.04 -6.14 10.81
CA SER A 47 6.07 -5.07 10.64
C SER A 47 6.32 -4.30 9.34
N PHE A 48 5.33 -3.55 8.90
CA PHE A 48 5.44 -2.77 7.68
C PHE A 48 6.16 -1.45 7.93
N SER A 49 7.02 -1.06 6.99
CA SER A 49 7.78 0.17 7.11
C SER A 49 7.68 1.00 5.84
N TRP A 50 7.26 2.26 5.99
CA TRP A 50 7.12 3.16 4.85
C TRP A 50 8.48 3.62 4.35
N GLY A 51 8.81 3.29 3.11
CA GLY A 51 10.09 3.67 2.55
C GLY A 51 11.07 2.53 2.49
N GLY A 52 10.59 1.31 2.73
CA GLY A 52 11.45 0.15 2.69
C GLY A 52 11.40 -0.56 1.36
N GLU A 53 11.65 -1.86 1.36
CA GLU A 53 11.63 -2.65 0.14
C GLU A 53 11.90 -4.12 0.42
N ASN A 54 11.47 -4.99 -0.49
CA ASN A 54 11.67 -6.43 -0.35
C ASN A 54 10.89 -6.97 0.85
N PHE A 55 9.77 -6.33 1.17
CA PHE A 55 8.94 -6.75 2.28
C PHE A 55 8.38 -8.15 2.05
N SER A 56 7.95 -8.41 0.81
CA SER A 56 7.41 -9.71 0.45
C SER A 56 8.47 -10.80 0.54
N GLY A 57 9.74 -10.41 0.43
CA GLY A 57 10.83 -11.36 0.50
C GLY A 57 10.73 -12.26 1.72
N SER A 58 10.07 -11.77 2.77
CA SER A 58 9.91 -12.54 4.00
C SER A 58 8.47 -12.49 4.49
N ALA A 59 7.54 -12.34 3.56
CA ALA A 59 6.12 -12.28 3.90
C ALA A 59 5.34 -13.41 3.24
N SER A 60 4.12 -13.63 3.69
CA SER A 60 3.26 -14.67 3.13
C SER A 60 1.82 -14.18 2.99
N ASN A 61 1.11 -14.73 1.99
CA ASN A 61 -0.28 -14.36 1.74
C ASN A 61 -0.52 -12.87 1.93
N ILE A 62 0.14 -12.06 1.09
CA ILE A 62 0.00 -10.61 1.17
C ILE A 62 -1.18 -10.13 0.33
N THR A 63 -2.17 -9.54 1.00
CA THR A 63 -3.36 -9.04 0.32
C THR A 63 -3.86 -7.75 0.96
N LEU A 64 -4.65 -6.98 0.20
CA LEU A 64 -5.19 -5.73 0.70
C LEU A 64 -6.66 -5.86 1.06
N ASP A 65 -7.04 -5.32 2.21
CA ASP A 65 -8.43 -5.39 2.67
C ASP A 65 -8.94 -4.00 3.05
N ILE A 66 -10.25 -3.82 2.97
CA ILE A 66 -10.88 -2.54 3.31
C ILE A 66 -11.22 -2.50 4.79
N GLU A 67 -10.82 -1.41 5.46
CA GLU A 67 -11.09 -1.25 6.87
C GLU A 67 -11.59 0.16 7.16
N GLY A 68 -12.51 0.27 8.11
CA GLY A 68 -13.06 1.56 8.48
C GLY A 68 -14.28 1.93 7.64
N ASP A 69 -15.13 2.78 8.19
CA ASP A 69 -16.34 3.21 7.49
C ASP A 69 -15.99 4.11 6.30
N ASP A 70 -14.74 4.56 6.23
CA ASP A 70 -14.30 5.43 5.15
C ASP A 70 -13.72 4.61 3.99
N ASN A 71 -13.57 3.30 4.19
CA ASN A 71 -13.03 2.42 3.17
C ASN A 71 -11.56 2.74 2.92
N ILE A 72 -10.72 2.27 3.83
CA ILE A 72 -9.28 2.51 3.73
C ILE A 72 -8.54 1.25 3.29
N PRO A 73 -7.88 1.28 2.12
CA PRO A 73 -7.14 0.12 1.60
C PRO A 73 -5.95 -0.22 2.47
N VAL A 74 -6.08 -1.27 3.28
CA VAL A 74 -5.01 -1.69 4.16
C VAL A 74 -4.42 -3.03 3.73
N LEU A 75 -3.10 -3.11 3.70
CA LEU A 75 -2.41 -4.33 3.30
C LEU A 75 -2.03 -5.16 4.52
N ARG A 76 -2.37 -6.46 4.47
CA ARG A 76 -2.06 -7.36 5.57
C ARG A 76 -1.26 -8.56 5.10
N ALA A 77 -0.25 -8.94 5.87
CA ALA A 77 0.60 -10.08 5.52
C ALA A 77 1.44 -10.52 6.71
N GLU A 78 1.78 -11.81 6.73
CA GLU A 78 2.59 -12.36 7.81
C GLU A 78 4.07 -12.11 7.54
N LEU A 79 4.64 -11.13 8.24
CA LEU A 79 6.04 -10.79 8.08
C LEU A 79 6.93 -11.54 9.05
N ASN A 80 8.14 -11.86 8.60
CA ASN A 80 9.10 -12.58 9.42
C ASN A 80 10.02 -11.61 10.15
N PRO A 81 9.84 -11.44 11.48
CA PRO A 81 10.64 -10.53 12.29
C PRO A 81 12.03 -11.09 12.58
N MET A 82 12.93 -10.22 13.04
CA MET A 82 14.28 -10.63 13.37
C MET A 82 14.32 -11.38 14.70
N ASP A 83 13.32 -11.16 15.54
CA ASP A 83 13.24 -11.82 16.83
C ASP A 83 12.88 -13.29 16.67
N GLY A 84 11.92 -13.57 15.81
CA GLY A 84 11.51 -14.94 15.58
C GLY A 84 10.00 -15.10 15.52
N ASP A 85 9.54 -16.13 14.81
CA ASP A 85 8.11 -16.39 14.67
C ASP A 85 7.42 -15.26 13.90
N PRO A 86 6.96 -15.55 12.67
CA PRO A 86 6.27 -14.54 11.84
C PRO A 86 5.14 -13.86 12.59
N VAL A 87 4.90 -12.59 12.26
CA VAL A 87 3.84 -11.82 12.90
C VAL A 87 2.95 -11.15 11.86
N GLU A 88 1.64 -11.18 12.10
CA GLU A 88 0.69 -10.57 11.18
C GLU A 88 0.87 -9.05 11.14
N ALA A 89 1.31 -8.56 9.99
CA ALA A 89 1.52 -7.12 9.81
C ALA A 89 0.42 -6.50 8.97
N ASN A 90 0.00 -5.30 9.34
CA ASN A 90 -1.06 -4.60 8.61
C ASN A 90 -0.72 -3.12 8.46
N VAL A 91 -0.67 -2.65 7.22
CA VAL A 91 -0.37 -1.25 6.94
C VAL A 91 -1.38 -0.65 5.97
N ASN A 92 -1.89 0.51 6.32
CA ASN A 92 -2.87 1.21 5.48
C ASN A 92 -2.16 2.09 4.46
N LEU A 93 -2.18 1.66 3.20
CA LEU A 93 -1.55 2.41 2.12
C LEU A 93 -1.94 3.89 2.16
N SER A 94 -3.20 4.13 2.48
CA SER A 94 -3.72 5.50 2.56
C SER A 94 -2.95 6.32 3.60
N GLU A 95 -2.16 5.65 4.44
CA GLU A 95 -1.40 6.33 5.47
C GLU A 95 -0.36 7.27 4.88
N ARG A 96 0.37 6.79 3.87
CA ARG A 96 1.40 7.60 3.23
C ARG A 96 1.40 7.43 1.71
N ILE A 97 0.20 7.33 1.14
CA ILE A 97 0.08 7.17 -0.30
C ILE A 97 -0.82 8.25 -0.89
N GLY A 98 -0.25 9.08 -1.77
CA GLY A 98 -1.02 10.15 -2.37
C GLY A 98 -1.13 10.02 -3.88
N ASN A 99 -1.83 10.96 -4.50
CA ASN A 99 -2.00 10.96 -5.95
C ASN A 99 -1.73 12.34 -6.53
N ASP A 100 -0.55 12.51 -7.11
CA ASP A 100 -0.17 13.79 -7.71
C ASP A 100 -0.54 13.85 -9.19
N CYS A 101 -1.44 14.78 -9.52
CA CYS A 101 -1.88 14.94 -10.90
C CYS A 101 -2.39 13.62 -11.48
N GLY A 102 -2.95 12.78 -10.61
CA GLY A 102 -3.46 11.49 -11.05
C GLY A 102 -2.44 10.39 -10.92
N THR A 103 -1.17 10.76 -10.75
CA THR A 103 -0.10 9.78 -10.61
C THR A 103 0.05 9.35 -9.16
N LEU A 104 0.36 8.07 -8.95
CA LEU A 104 0.54 7.54 -7.60
C LEU A 104 1.84 8.02 -7.00
N ILE A 105 1.76 8.56 -5.79
CA ILE A 105 2.94 9.06 -5.08
C ILE A 105 2.95 8.61 -3.62
N PHE A 106 4.08 8.83 -2.95
CA PHE A 106 4.22 8.44 -1.56
C PHE A 106 4.51 9.65 -0.69
N LEU A 107 3.88 9.71 0.48
CA LEU A 107 4.08 10.82 1.41
C LEU A 107 5.49 10.81 1.98
N ALA A 108 6.31 11.74 1.51
CA ALA A 108 7.69 11.83 1.98
C ALA A 108 7.99 13.22 2.52
N MET A 1 -1.36 12.93 4.50
CA MET A 1 -2.37 11.85 4.50
C MET A 1 -2.58 11.29 3.11
N GLY A 2 -2.81 9.98 3.04
CA GLY A 2 -3.02 9.33 1.75
C GLY A 2 -4.47 9.34 1.33
N ASN A 3 -5.00 10.54 1.15
CA ASN A 3 -6.37 10.73 0.72
C ASN A 3 -6.61 10.11 -0.65
N PHE A 4 -5.52 9.79 -1.36
CA PHE A 4 -5.62 9.22 -2.69
C PHE A 4 -6.67 8.11 -2.75
N HIS A 5 -6.81 7.38 -1.66
CA HIS A 5 -7.78 6.31 -1.59
C HIS A 5 -9.20 6.85 -1.76
N GLU A 6 -9.44 8.04 -1.23
CA GLU A 6 -10.76 8.66 -1.32
C GLU A 6 -10.96 9.32 -2.68
N SER A 7 -9.87 9.67 -3.35
CA SER A 7 -9.94 10.30 -4.66
C SER A 7 -9.47 9.35 -5.76
N SER A 8 -9.39 8.06 -5.44
CA SER A 8 -8.96 7.07 -6.42
C SER A 8 -9.93 5.89 -6.45
N ASN A 9 -9.98 5.20 -7.59
CA ASN A 9 -10.86 4.06 -7.76
C ASN A 9 -10.05 2.81 -8.10
N ASN A 10 -10.64 1.65 -7.88
CA ASN A 10 -9.99 0.38 -8.16
C ASN A 10 -8.72 0.23 -7.32
N ILE A 11 -8.86 0.29 -6.00
CA ILE A 11 -7.73 0.15 -5.09
C ILE A 11 -7.57 -1.30 -4.65
N TRP A 12 -6.44 -1.90 -5.01
CA TRP A 12 -6.17 -3.29 -4.65
C TRP A 12 -4.68 -3.61 -4.78
N LEU A 13 -4.34 -4.89 -4.63
CA LEU A 13 -2.95 -5.33 -4.73
C LEU A 13 -2.84 -6.58 -5.59
N GLU A 14 -1.73 -6.69 -6.33
CA GLU A 14 -1.49 -7.83 -7.19
C GLU A 14 -0.23 -8.58 -6.76
N ASP A 15 -0.40 -9.86 -6.45
CA ASP A 15 0.71 -10.70 -6.02
C ASP A 15 1.34 -10.15 -4.74
N GLY A 16 0.61 -9.29 -4.04
CA GLY A 16 1.11 -8.73 -2.80
C GLY A 16 2.38 -7.93 -2.99
N HIS A 17 2.35 -6.94 -3.89
CA HIS A 17 3.52 -6.11 -4.14
C HIS A 17 3.20 -5.00 -5.14
N ILE A 18 2.29 -5.26 -6.06
CA ILE A 18 1.91 -4.27 -7.07
C ILE A 18 0.56 -3.64 -6.74
N LEU A 19 0.52 -2.31 -6.74
CA LEU A 19 -0.71 -1.58 -6.45
C LEU A 19 -1.24 -0.89 -7.70
N HIS A 20 -2.56 -0.92 -7.86
CA HIS A 20 -3.21 -0.30 -9.02
C HIS A 20 -4.42 0.51 -8.58
N ALA A 21 -4.54 1.70 -9.12
CA ALA A 21 -5.66 2.58 -8.80
C ALA A 21 -5.72 3.76 -9.77
N GLU A 22 -6.92 4.22 -10.09
CA GLU A 22 -7.09 5.34 -11.00
C GLU A 22 -7.35 6.63 -10.24
N CYS A 23 -6.35 7.51 -10.22
CA CYS A 23 -6.47 8.78 -9.52
C CYS A 23 -6.57 9.95 -10.51
N GLY A 24 -7.49 10.86 -10.23
CA GLY A 24 -7.68 12.00 -11.11
C GLY A 24 -6.62 13.07 -10.87
N ASN A 25 -6.65 14.12 -11.70
CA ASN A 25 -5.68 15.21 -11.58
C ASN A 25 -6.38 16.50 -11.15
N GLY A 26 -7.58 16.71 -11.66
CA GLY A 26 -8.32 17.92 -11.33
C GLY A 26 -9.13 18.44 -12.49
N GLU A 27 -8.70 18.11 -13.71
CA GLU A 27 -9.40 18.55 -14.91
C GLU A 27 -10.78 17.92 -15.00
N GLY A 28 -10.93 16.74 -14.42
CA GLY A 28 -12.19 16.04 -14.46
C GLY A 28 -12.07 14.62 -14.98
N ASP A 29 -10.85 14.22 -15.33
CA ASP A 29 -10.60 12.88 -15.85
C ASP A 29 -9.79 12.06 -14.86
N TYR A 30 -9.79 10.74 -15.06
CA TYR A 30 -9.05 9.84 -14.18
C TYR A 30 -7.77 9.35 -14.84
N VAL A 31 -6.81 8.92 -14.02
CA VAL A 31 -5.54 8.44 -14.53
C VAL A 31 -5.11 7.16 -13.82
N GLU A 32 -5.05 6.06 -14.56
CA GLU A 32 -4.65 4.78 -14.00
C GLU A 32 -3.18 4.80 -13.59
N SER A 33 -2.93 4.66 -12.29
CA SER A 33 -1.57 4.66 -11.77
C SER A 33 -1.31 3.41 -10.94
N THR A 34 -0.03 3.09 -10.75
CA THR A 34 0.35 1.91 -9.97
C THR A 34 1.62 2.18 -9.17
N LEU A 35 1.68 1.62 -7.96
CA LEU A 35 2.84 1.81 -7.10
C LEU A 35 3.39 0.46 -6.63
N ASP A 36 4.72 0.36 -6.62
CA ASP A 36 5.39 -0.86 -6.20
C ASP A 36 5.80 -0.77 -4.74
N LEU A 37 5.34 -1.72 -3.94
CA LEU A 37 5.67 -1.74 -2.52
C LEU A 37 6.95 -2.51 -2.27
N ASP A 38 7.24 -3.47 -3.16
CA ASP A 38 8.44 -4.27 -3.04
C ASP A 38 9.69 -3.39 -3.03
N TYR A 39 9.51 -2.11 -3.39
CA TYR A 39 10.63 -1.17 -3.40
C TYR A 39 10.31 0.10 -2.61
N TYR A 40 9.12 0.14 -2.00
CA TYR A 40 8.72 1.29 -1.20
C TYR A 40 8.46 0.90 0.26
N ILE A 41 8.18 -0.38 0.49
CA ILE A 41 7.92 -0.88 1.83
C ILE A 41 8.82 -2.07 2.15
N GLY A 42 9.29 -2.13 3.39
CA GLY A 42 10.16 -3.22 3.80
C GLY A 42 9.66 -3.92 5.05
N ASN A 43 10.39 -4.95 5.47
CA ASN A 43 10.03 -5.72 6.67
C ASN A 43 10.81 -5.24 7.88
N ASP A 44 10.12 -4.55 8.79
CA ASP A 44 10.74 -4.05 10.00
C ASP A 44 10.22 -4.79 11.23
N ASP A 45 10.97 -5.78 11.69
CA ASP A 45 10.59 -6.56 12.86
C ASP A 45 9.17 -7.11 12.72
N GLY A 46 8.94 -7.86 11.65
CA GLY A 46 7.63 -8.43 11.41
C GLY A 46 6.56 -7.37 11.26
N SER A 47 6.96 -6.13 10.99
CA SER A 47 6.02 -5.04 10.81
C SER A 47 6.28 -4.30 9.50
N PHE A 48 5.30 -3.50 9.08
CA PHE A 48 5.42 -2.74 7.84
C PHE A 48 6.16 -1.43 8.08
N SER A 49 6.99 -1.04 7.11
CA SER A 49 7.74 0.19 7.20
C SER A 49 7.60 1.03 5.93
N TRP A 50 7.20 2.29 6.10
CA TRP A 50 7.02 3.19 4.97
C TRP A 50 8.37 3.68 4.46
N GLY A 51 8.68 3.35 3.20
CA GLY A 51 9.93 3.78 2.61
C GLY A 51 10.95 2.65 2.54
N GLY A 52 10.50 1.43 2.80
CA GLY A 52 11.40 0.28 2.75
C GLY A 52 11.36 -0.42 1.42
N GLU A 53 11.62 -1.73 1.44
CA GLU A 53 11.62 -2.53 0.21
C GLU A 53 11.91 -3.99 0.51
N ASN A 54 11.47 -4.87 -0.39
CA ASN A 54 11.68 -6.31 -0.24
C ASN A 54 10.88 -6.85 0.95
N PHE A 55 9.77 -6.18 1.26
CA PHE A 55 8.91 -6.60 2.37
C PHE A 55 8.34 -7.99 2.11
N SER A 56 7.87 -8.22 0.88
CA SER A 56 7.30 -9.51 0.51
C SER A 56 8.35 -10.61 0.56
N GLY A 57 9.61 -10.23 0.37
CA GLY A 57 10.69 -11.20 0.41
C GLY A 57 10.67 -12.05 1.65
N SER A 58 10.10 -11.52 2.73
CA SER A 58 10.01 -12.23 3.99
C SER A 58 8.59 -12.26 4.52
N ALA A 59 7.62 -12.19 3.62
CA ALA A 59 6.20 -12.20 3.99
C ALA A 59 5.45 -13.31 3.27
N SER A 60 4.23 -13.59 3.72
CA SER A 60 3.42 -14.64 3.11
C SER A 60 1.97 -14.18 2.98
N ASN A 61 1.27 -14.69 1.96
CA ASN A 61 -0.13 -14.36 1.71
C ASN A 61 -0.40 -12.88 1.97
N ILE A 62 0.21 -12.01 1.17
CA ILE A 62 0.04 -10.58 1.31
C ILE A 62 -1.15 -10.09 0.47
N THR A 63 -2.14 -9.53 1.14
CA THR A 63 -3.33 -9.03 0.45
C THR A 63 -3.82 -7.72 1.07
N LEU A 64 -4.58 -6.96 0.29
CA LEU A 64 -5.11 -5.68 0.75
C LEU A 64 -6.61 -5.77 1.00
N ASP A 65 -7.04 -5.33 2.19
CA ASP A 65 -8.45 -5.35 2.55
C ASP A 65 -8.91 -3.99 3.05
N ILE A 66 -10.21 -3.72 2.89
CA ILE A 66 -10.78 -2.45 3.34
C ILE A 66 -11.14 -2.51 4.82
N GLU A 67 -10.98 -1.38 5.49
CA GLU A 67 -11.28 -1.29 6.93
C GLU A 67 -11.77 0.10 7.29
N GLY A 68 -12.82 0.15 8.09
CA GLY A 68 -13.38 1.43 8.50
C GLY A 68 -14.58 1.84 7.66
N ASP A 69 -15.27 2.89 8.09
CA ASP A 69 -16.43 3.39 7.37
C ASP A 69 -16.03 4.29 6.20
N ASP A 70 -14.75 4.66 6.16
CA ASP A 70 -14.24 5.51 5.09
C ASP A 70 -13.63 4.69 3.95
N ASN A 71 -13.54 3.38 4.15
CA ASN A 71 -12.98 2.49 3.13
C ASN A 71 -11.50 2.80 2.92
N ILE A 72 -10.67 2.32 3.83
CA ILE A 72 -9.24 2.54 3.76
C ILE A 72 -8.50 1.25 3.39
N PRO A 73 -7.82 1.21 2.23
CA PRO A 73 -7.08 0.02 1.78
C PRO A 73 -5.98 -0.36 2.76
N VAL A 74 -6.24 -1.40 3.56
CA VAL A 74 -5.27 -1.88 4.54
C VAL A 74 -4.60 -3.15 4.06
N LEU A 75 -3.27 -3.12 3.96
CA LEU A 75 -2.50 -4.28 3.53
C LEU A 75 -2.09 -5.13 4.72
N ARG A 76 -2.60 -6.36 4.76
CA ARG A 76 -2.29 -7.29 5.84
C ARG A 76 -1.55 -8.51 5.33
N ALA A 77 -0.51 -8.91 6.04
CA ALA A 77 0.29 -10.08 5.65
C ALA A 77 1.21 -10.52 6.78
N GLU A 78 1.59 -11.79 6.75
CA GLU A 78 2.48 -12.34 7.77
C GLU A 78 3.93 -12.02 7.46
N LEU A 79 4.50 -11.08 8.20
CA LEU A 79 5.89 -10.68 7.99
C LEU A 79 6.83 -11.48 8.88
N ASN A 80 8.02 -11.77 8.36
CA ASN A 80 9.02 -12.53 9.10
C ASN A 80 9.97 -11.59 9.84
N PRO A 81 9.87 -11.52 11.17
CA PRO A 81 10.73 -10.65 11.98
C PRO A 81 12.14 -11.20 12.11
N MET A 82 13.04 -10.36 12.62
CA MET A 82 14.43 -10.75 12.80
C MET A 82 14.57 -11.70 13.99
N ASP A 83 13.63 -11.62 14.93
CA ASP A 83 13.65 -12.46 16.11
C ASP A 83 13.21 -13.88 15.77
N GLY A 84 12.29 -14.00 14.83
CA GLY A 84 11.79 -15.30 14.43
C GLY A 84 10.28 -15.39 14.48
N ASP A 85 9.73 -16.39 13.81
CA ASP A 85 8.28 -16.59 13.77
C ASP A 85 7.59 -15.42 13.08
N PRO A 86 6.79 -15.69 12.03
CA PRO A 86 6.08 -14.64 11.29
C PRO A 86 5.05 -13.93 12.14
N VAL A 87 4.95 -12.62 11.97
CA VAL A 87 3.99 -11.81 12.73
C VAL A 87 2.98 -11.15 11.80
N GLU A 88 1.72 -11.13 12.22
CA GLU A 88 0.66 -10.52 11.43
C GLU A 88 0.87 -9.01 11.33
N ALA A 89 1.26 -8.55 10.14
CA ALA A 89 1.49 -7.13 9.92
C ALA A 89 0.37 -6.51 9.10
N ASN A 90 -0.01 -5.29 9.47
CA ASN A 90 -1.09 -4.59 8.76
C ASN A 90 -0.74 -3.11 8.59
N VAL A 91 -0.72 -2.65 7.35
CA VAL A 91 -0.40 -1.26 7.06
C VAL A 91 -1.42 -0.65 6.10
N ASN A 92 -1.91 0.53 6.45
CA ASN A 92 -2.89 1.22 5.62
C ASN A 92 -2.18 2.09 4.57
N LEU A 93 -2.26 1.66 3.31
CA LEU A 93 -1.63 2.39 2.21
C LEU A 93 -1.98 3.88 2.27
N SER A 94 -3.23 4.17 2.62
CA SER A 94 -3.70 5.55 2.72
C SER A 94 -2.88 6.33 3.76
N GLU A 95 -2.12 5.62 4.58
CA GLU A 95 -1.31 6.26 5.61
C GLU A 95 -0.31 7.23 5.00
N ARG A 96 0.41 6.78 3.98
CA ARG A 96 1.41 7.60 3.33
C ARG A 96 1.39 7.43 1.81
N ILE A 97 0.20 7.32 1.24
CA ILE A 97 0.07 7.16 -0.20
C ILE A 97 -0.83 8.25 -0.79
N GLY A 98 -0.26 9.06 -1.66
CA GLY A 98 -1.05 10.13 -2.28
C GLY A 98 -1.14 9.99 -3.79
N ASN A 99 -1.78 10.97 -4.42
CA ASN A 99 -1.94 10.96 -5.86
C ASN A 99 -1.69 12.36 -6.44
N ASP A 100 -0.52 12.54 -7.05
CA ASP A 100 -0.15 13.82 -7.63
C ASP A 100 -0.46 13.85 -9.13
N CYS A 101 -1.37 14.73 -9.51
CA CYS A 101 -1.77 14.86 -10.91
C CYS A 101 -2.27 13.54 -11.47
N GLY A 102 -2.86 12.73 -10.60
CA GLY A 102 -3.36 11.43 -11.03
C GLY A 102 -2.35 10.32 -10.86
N THR A 103 -1.08 10.69 -10.68
CA THR A 103 -0.02 9.71 -10.51
C THR A 103 0.12 9.30 -9.06
N LEU A 104 0.42 8.01 -8.84
CA LEU A 104 0.57 7.49 -7.48
C LEU A 104 1.87 7.98 -6.85
N ILE A 105 1.76 8.57 -5.66
CA ILE A 105 2.93 9.06 -4.96
C ILE A 105 2.95 8.59 -3.50
N PHE A 106 4.03 8.89 -2.80
CA PHE A 106 4.17 8.48 -1.41
C PHE A 106 4.46 9.68 -0.52
N LEU A 107 3.83 9.72 0.65
CA LEU A 107 4.02 10.82 1.59
C LEU A 107 5.43 10.81 2.16
N ALA A 108 6.33 11.59 1.56
CA ALA A 108 7.71 11.67 2.01
C ALA A 108 8.05 13.07 2.49
N MET A 1 -1.23 12.58 4.64
CA MET A 1 -2.52 11.85 4.57
C MET A 1 -2.73 11.26 3.17
N GLY A 2 -2.79 9.93 3.09
CA GLY A 2 -3.00 9.28 1.81
C GLY A 2 -4.45 9.28 1.38
N ASN A 3 -4.97 10.48 1.19
CA ASN A 3 -6.34 10.67 0.76
C ASN A 3 -6.58 10.04 -0.61
N PHE A 4 -5.49 9.72 -1.32
CA PHE A 4 -5.58 9.16 -2.66
C PHE A 4 -6.62 8.04 -2.72
N HIS A 5 -6.75 7.30 -1.62
CA HIS A 5 -7.72 6.21 -1.56
C HIS A 5 -9.15 6.74 -1.68
N GLU A 6 -9.40 7.89 -1.07
CA GLU A 6 -10.73 8.49 -1.11
C GLU A 6 -10.98 9.19 -2.44
N SER A 7 -9.91 9.53 -3.15
CA SER A 7 -10.03 10.21 -4.44
C SER A 7 -9.58 9.32 -5.58
N SER A 8 -9.47 8.01 -5.33
CA SER A 8 -9.05 7.07 -6.36
C SER A 8 -10.03 5.92 -6.47
N ASN A 9 -10.04 5.27 -7.64
CA ASN A 9 -10.93 4.15 -7.88
C ASN A 9 -10.12 2.90 -8.23
N ASN A 10 -10.75 1.74 -8.06
CA ASN A 10 -10.11 0.47 -8.35
C ASN A 10 -8.83 0.31 -7.52
N ILE A 11 -8.98 0.38 -6.20
CA ILE A 11 -7.84 0.25 -5.30
C ILE A 11 -7.67 -1.20 -4.87
N TRP A 12 -6.55 -1.81 -5.22
CA TRP A 12 -6.27 -3.20 -4.87
C TRP A 12 -4.78 -3.50 -5.00
N LEU A 13 -4.43 -4.78 -4.87
CA LEU A 13 -3.05 -5.21 -4.98
C LEU A 13 -2.92 -6.50 -5.79
N GLU A 14 -1.85 -6.59 -6.58
CA GLU A 14 -1.60 -7.76 -7.41
C GLU A 14 -0.38 -8.52 -6.91
N ASP A 15 -0.56 -9.79 -6.60
CA ASP A 15 0.53 -10.63 -6.10
C ASP A 15 1.12 -10.06 -4.83
N GLY A 16 0.38 -9.18 -4.16
CA GLY A 16 0.86 -8.58 -2.93
C GLY A 16 2.15 -7.81 -3.11
N HIS A 17 2.15 -6.84 -4.02
CA HIS A 17 3.32 -6.02 -4.27
C HIS A 17 3.04 -4.93 -5.30
N ILE A 18 2.15 -5.21 -6.25
CA ILE A 18 1.80 -4.24 -7.28
C ILE A 18 0.44 -3.60 -6.98
N LEU A 19 0.42 -2.27 -6.94
CA LEU A 19 -0.81 -1.54 -6.66
C LEU A 19 -1.34 -0.86 -7.92
N HIS A 20 -2.66 -0.85 -8.08
CA HIS A 20 -3.29 -0.22 -9.22
C HIS A 20 -4.51 0.58 -8.80
N ALA A 21 -4.63 1.80 -9.32
CA ALA A 21 -5.74 2.67 -8.98
C ALA A 21 -5.79 3.87 -9.93
N GLU A 22 -7.00 4.33 -10.26
CA GLU A 22 -7.14 5.48 -11.14
C GLU A 22 -7.48 6.73 -10.34
N CYS A 23 -6.51 7.64 -10.27
CA CYS A 23 -6.69 8.89 -9.53
C CYS A 23 -6.87 10.06 -10.48
N GLY A 24 -7.73 11.00 -10.11
CA GLY A 24 -7.98 12.16 -10.94
C GLY A 24 -7.00 13.28 -10.65
N ASN A 25 -6.98 14.30 -11.50
CA ASN A 25 -6.08 15.43 -11.33
C ASN A 25 -6.86 16.69 -11.00
N GLY A 26 -8.02 16.85 -11.63
CA GLY A 26 -8.85 18.02 -11.40
C GLY A 26 -9.46 18.54 -12.68
N GLU A 27 -8.83 18.21 -13.80
CA GLU A 27 -9.31 18.64 -15.11
C GLU A 27 -10.69 18.05 -15.40
N GLY A 28 -10.99 16.91 -14.79
CA GLY A 28 -12.25 16.24 -15.00
C GLY A 28 -12.09 14.82 -15.49
N ASP A 29 -10.84 14.37 -15.59
CA ASP A 29 -10.55 13.01 -16.05
C ASP A 29 -9.71 12.27 -15.03
N TYR A 30 -9.66 10.95 -15.17
CA TYR A 30 -8.88 10.12 -14.25
C TYR A 30 -7.60 9.61 -14.91
N VAL A 31 -6.63 9.25 -14.09
CA VAL A 31 -5.34 8.76 -14.60
C VAL A 31 -4.95 7.45 -13.93
N GLU A 32 -4.87 6.38 -14.73
CA GLU A 32 -4.51 5.07 -14.21
C GLU A 32 -3.06 5.07 -13.71
N SER A 33 -2.89 4.85 -12.41
CA SER A 33 -1.56 4.82 -11.81
C SER A 33 -1.31 3.50 -11.08
N THR A 34 -0.05 3.24 -10.79
CA THR A 34 0.33 2.01 -10.10
C THR A 34 1.58 2.24 -9.25
N LEU A 35 1.58 1.68 -8.05
CA LEU A 35 2.71 1.82 -7.13
C LEU A 35 3.25 0.47 -6.70
N ASP A 36 4.57 0.35 -6.67
CA ASP A 36 5.22 -0.90 -6.26
C ASP A 36 5.66 -0.81 -4.81
N LEU A 37 5.20 -1.76 -4.00
CA LEU A 37 5.56 -1.79 -2.59
C LEU A 37 6.84 -2.58 -2.38
N ASP A 38 7.09 -3.54 -3.27
CA ASP A 38 8.27 -4.37 -3.19
C ASP A 38 9.54 -3.52 -3.20
N TYR A 39 9.37 -2.24 -3.52
CA TYR A 39 10.51 -1.32 -3.55
C TYR A 39 10.24 -0.05 -2.75
N TYR A 40 9.06 0.04 -2.13
CA TYR A 40 8.69 1.20 -1.32
C TYR A 40 8.46 0.81 0.13
N ILE A 41 8.10 -0.45 0.37
CA ILE A 41 7.85 -0.94 1.72
C ILE A 41 8.75 -2.12 2.06
N GLY A 42 9.20 -2.17 3.31
CA GLY A 42 10.06 -3.25 3.75
C GLY A 42 9.57 -3.91 5.02
N ASN A 43 10.28 -4.93 5.46
CA ASN A 43 9.91 -5.65 6.68
C ASN A 43 10.83 -5.28 7.84
N ASP A 44 10.28 -4.56 8.81
CA ASP A 44 11.05 -4.13 9.98
C ASP A 44 10.56 -4.85 11.23
N ASP A 45 11.28 -5.91 11.61
CA ASP A 45 10.93 -6.68 12.80
C ASP A 45 9.52 -7.26 12.68
N GLY A 46 9.22 -7.82 11.51
CA GLY A 46 7.90 -8.40 11.28
C GLY A 46 6.82 -7.35 11.17
N SER A 47 7.22 -6.10 10.93
CA SER A 47 6.27 -5.01 10.79
C SER A 47 6.51 -4.23 9.50
N PHE A 48 5.44 -3.66 8.95
CA PHE A 48 5.54 -2.88 7.73
C PHE A 48 6.27 -1.57 7.97
N SER A 49 7.09 -1.16 7.00
CA SER A 49 7.85 0.07 7.11
C SER A 49 7.71 0.92 5.86
N TRP A 50 7.30 2.17 6.04
CA TRP A 50 7.13 3.09 4.92
C TRP A 50 8.47 3.56 4.38
N GLY A 51 8.74 3.27 3.12
CA GLY A 51 10.00 3.66 2.52
C GLY A 51 11.00 2.53 2.44
N GLY A 52 10.53 1.30 2.68
CA GLY A 52 11.42 0.16 2.62
C GLY A 52 11.34 -0.55 1.28
N GLU A 53 11.54 -1.86 1.29
CA GLU A 53 11.51 -2.64 0.06
C GLU A 53 11.76 -4.12 0.34
N ASN A 54 11.31 -4.97 -0.59
CA ASN A 54 11.48 -6.41 -0.45
C ASN A 54 10.74 -6.93 0.77
N PHE A 55 9.64 -6.27 1.13
CA PHE A 55 8.84 -6.68 2.28
C PHE A 55 8.29 -8.08 2.08
N SER A 56 7.88 -8.38 0.86
CA SER A 56 7.34 -9.69 0.53
C SER A 56 8.41 -10.78 0.62
N GLY A 57 9.67 -10.37 0.48
CA GLY A 57 10.77 -11.33 0.55
C GLY A 57 10.68 -12.23 1.76
N SER A 58 10.05 -11.74 2.82
CA SER A 58 9.89 -12.51 4.05
C SER A 58 8.44 -12.47 4.53
N ALA A 59 7.51 -12.33 3.59
CA ALA A 59 6.09 -12.28 3.92
C ALA A 59 5.32 -13.37 3.19
N SER A 60 4.14 -13.70 3.70
CA SER A 60 3.31 -14.73 3.09
C SER A 60 1.87 -14.25 2.91
N ASN A 61 1.21 -14.77 1.88
CA ASN A 61 -0.18 -14.41 1.56
C ASN A 61 -0.44 -12.92 1.81
N ILE A 62 0.23 -12.07 1.04
CA ILE A 62 0.06 -10.62 1.17
C ILE A 62 -1.12 -10.14 0.33
N THR A 63 -2.10 -9.55 1.00
CA THR A 63 -3.30 -9.05 0.32
C THR A 63 -3.77 -7.74 0.93
N LEU A 64 -4.57 -6.99 0.16
CA LEU A 64 -5.10 -5.71 0.62
C LEU A 64 -6.57 -5.84 0.99
N ASP A 65 -6.93 -5.32 2.17
CA ASP A 65 -8.30 -5.37 2.63
C ASP A 65 -8.79 -4.00 3.07
N ILE A 66 -10.11 -3.79 3.00
CA ILE A 66 -10.70 -2.53 3.39
C ILE A 66 -10.95 -2.49 4.90
N GLU A 67 -10.77 -1.32 5.50
CA GLU A 67 -10.98 -1.16 6.94
C GLU A 67 -11.59 0.20 7.25
N GLY A 68 -12.41 0.25 8.29
CA GLY A 68 -13.05 1.49 8.68
C GLY A 68 -14.26 1.81 7.84
N ASP A 69 -15.09 2.72 8.33
CA ASP A 69 -16.31 3.11 7.61
C ASP A 69 -15.98 4.02 6.43
N ASP A 70 -14.70 4.43 6.33
CA ASP A 70 -14.27 5.31 5.24
C ASP A 70 -13.69 4.51 4.08
N ASN A 71 -13.57 3.20 4.27
CA ASN A 71 -13.02 2.33 3.23
C ASN A 71 -11.55 2.66 2.98
N ILE A 72 -10.70 2.15 3.86
CA ILE A 72 -9.26 2.40 3.74
C ILE A 72 -8.52 1.13 3.31
N PRO A 73 -7.86 1.16 2.14
CA PRO A 73 -7.11 0.01 1.64
C PRO A 73 -5.91 -0.31 2.52
N VAL A 74 -6.03 -1.36 3.32
CA VAL A 74 -4.96 -1.76 4.22
C VAL A 74 -4.37 -3.12 3.82
N LEU A 75 -3.05 -3.18 3.74
CA LEU A 75 -2.35 -4.40 3.37
C LEU A 75 -2.04 -5.25 4.60
N ARG A 76 -2.37 -6.54 4.52
CA ARG A 76 -2.13 -7.45 5.63
C ARG A 76 -1.41 -8.71 5.16
N ALA A 77 -0.36 -9.08 5.88
CA ALA A 77 0.43 -10.27 5.54
C ALA A 77 1.35 -10.67 6.69
N GLU A 78 1.63 -11.96 6.80
CA GLU A 78 2.51 -12.47 7.84
C GLU A 78 3.96 -12.17 7.52
N LEU A 79 4.55 -11.23 8.26
CA LEU A 79 5.95 -10.85 8.05
C LEU A 79 6.87 -11.67 8.95
N ASN A 80 8.09 -11.91 8.48
CA ASN A 80 9.07 -12.68 9.23
C ASN A 80 10.03 -11.75 9.97
N PRO A 81 9.84 -11.58 11.30
CA PRO A 81 10.71 -10.71 12.10
C PRO A 81 12.05 -11.35 12.41
N MET A 82 13.00 -10.53 12.84
CA MET A 82 14.34 -11.01 13.17
C MET A 82 14.47 -11.33 14.66
N ASP A 83 13.37 -11.17 15.40
CA ASP A 83 13.38 -11.43 16.84
C ASP A 83 12.86 -12.83 17.14
N GLY A 84 11.70 -13.16 16.57
CA GLY A 84 11.10 -14.47 16.79
C GLY A 84 10.61 -15.11 15.51
N ASP A 85 9.34 -15.52 15.52
CA ASP A 85 8.73 -16.15 14.37
C ASP A 85 7.79 -15.19 13.65
N PRO A 86 7.43 -15.51 12.40
CA PRO A 86 6.52 -14.71 11.59
C PRO A 86 5.36 -14.12 12.39
N VAL A 87 4.95 -12.91 12.02
CA VAL A 87 3.86 -12.24 12.70
C VAL A 87 2.93 -11.56 11.70
N GLU A 88 1.67 -11.34 12.11
CA GLU A 88 0.69 -10.70 11.25
C GLU A 88 0.92 -9.19 11.20
N ALA A 89 1.32 -8.70 10.03
CA ALA A 89 1.56 -7.27 9.84
C ALA A 89 0.46 -6.63 9.01
N ASN A 90 0.07 -5.43 9.39
CA ASN A 90 -0.99 -4.71 8.68
C ASN A 90 -0.64 -3.23 8.55
N VAL A 91 -0.59 -2.74 7.31
CA VAL A 91 -0.28 -1.34 7.05
C VAL A 91 -1.29 -0.72 6.08
N ASN A 92 -1.83 0.43 6.45
CA ASN A 92 -2.80 1.12 5.62
C ASN A 92 -2.09 2.01 4.60
N LEU A 93 -2.15 1.62 3.32
CA LEU A 93 -1.52 2.38 2.25
C LEU A 93 -1.90 3.85 2.31
N SER A 94 -3.16 4.12 2.65
CA SER A 94 -3.66 5.48 2.75
C SER A 94 -2.87 6.29 3.80
N GLU A 95 -2.10 5.59 4.62
CA GLU A 95 -1.31 6.25 5.66
C GLU A 95 -0.27 7.20 5.05
N ARG A 96 0.43 6.73 4.03
CA ARG A 96 1.47 7.54 3.38
C ARG A 96 1.44 7.37 1.87
N ILE A 97 0.24 7.27 1.30
CA ILE A 97 0.11 7.12 -0.15
C ILE A 97 -0.80 8.21 -0.72
N GLY A 98 -0.23 9.03 -1.60
CA GLY A 98 -1.01 10.11 -2.19
C GLY A 98 -1.09 10.01 -3.70
N ASN A 99 -1.76 10.97 -4.31
CA ASN A 99 -1.91 11.00 -5.77
C ASN A 99 -1.63 12.39 -6.32
N ASP A 100 -0.44 12.56 -6.91
CA ASP A 100 -0.06 13.85 -7.48
C ASP A 100 -0.41 13.93 -8.94
N CYS A 101 -1.30 14.86 -9.29
CA CYS A 101 -1.73 15.04 -10.67
C CYS A 101 -2.27 13.75 -11.25
N GLY A 102 -2.84 12.90 -10.40
CA GLY A 102 -3.38 11.63 -10.85
C GLY A 102 -2.38 10.51 -10.73
N THR A 103 -1.11 10.85 -10.56
CA THR A 103 -0.06 9.85 -10.43
C THR A 103 0.10 9.39 -8.98
N LEU A 104 0.38 8.11 -8.79
CA LEU A 104 0.55 7.56 -7.46
C LEU A 104 1.87 8.01 -6.84
N ILE A 105 1.80 8.55 -5.62
CA ILE A 105 3.00 9.03 -4.94
C ILE A 105 3.00 8.57 -3.47
N PHE A 106 4.12 8.79 -2.80
CA PHE A 106 4.26 8.40 -1.40
C PHE A 106 4.58 9.63 -0.53
N LEU A 107 3.95 9.70 0.63
CA LEU A 107 4.16 10.81 1.55
C LEU A 107 5.57 10.77 2.12
N ALA A 108 6.46 11.58 1.55
CA ALA A 108 7.84 11.65 2.00
C ALA A 108 8.24 13.08 2.36
N MET A 1 -1.94 13.30 4.29
CA MET A 1 -2.31 11.86 4.37
C MET A 1 -2.52 11.27 2.97
N GLY A 2 -2.72 9.96 2.91
CA GLY A 2 -2.93 9.29 1.64
C GLY A 2 -4.37 9.30 1.22
N ASN A 3 -4.92 10.48 1.04
CA ASN A 3 -6.29 10.67 0.62
C ASN A 3 -6.53 10.05 -0.76
N PHE A 4 -5.44 9.74 -1.47
CA PHE A 4 -5.54 9.16 -2.81
C PHE A 4 -6.58 8.05 -2.87
N HIS A 5 -6.72 7.32 -1.77
CA HIS A 5 -7.68 6.22 -1.70
C HIS A 5 -9.11 6.76 -1.84
N GLU A 6 -9.35 7.95 -1.28
CA GLU A 6 -10.68 8.56 -1.34
C GLU A 6 -10.91 9.22 -2.69
N SER A 7 -9.83 9.60 -3.37
CA SER A 7 -9.93 10.24 -4.66
C SER A 7 -9.49 9.31 -5.80
N SER A 8 -9.40 8.02 -5.49
CA SER A 8 -9.00 7.03 -6.50
C SER A 8 -9.96 5.85 -6.52
N ASN A 9 -10.03 5.18 -7.66
CA ASN A 9 -10.91 4.03 -7.82
C ASN A 9 -10.10 2.79 -8.22
N ASN A 10 -10.68 1.62 -7.99
CA ASN A 10 -10.01 0.36 -8.33
C ASN A 10 -8.72 0.20 -7.53
N ILE A 11 -8.83 0.28 -6.21
CA ILE A 11 -7.68 0.14 -5.33
C ILE A 11 -7.54 -1.30 -4.85
N TRP A 12 -6.44 -1.94 -5.23
CA TRP A 12 -6.20 -3.32 -4.84
C TRP A 12 -4.71 -3.66 -4.90
N LEU A 13 -4.38 -4.93 -4.70
CA LEU A 13 -3.00 -5.38 -4.73
C LEU A 13 -2.84 -6.61 -5.63
N GLU A 14 -1.76 -6.63 -6.40
CA GLU A 14 -1.49 -7.74 -7.30
C GLU A 14 -0.25 -8.51 -6.87
N ASP A 15 -0.44 -9.79 -6.54
CA ASP A 15 0.65 -10.65 -6.10
C ASP A 15 1.30 -10.11 -4.83
N GLY A 16 0.58 -9.22 -4.13
CA GLY A 16 1.11 -8.65 -2.90
C GLY A 16 2.42 -7.90 -3.10
N HIS A 17 2.41 -6.92 -4.00
CA HIS A 17 3.61 -6.12 -4.27
C HIS A 17 3.32 -5.00 -5.26
N ILE A 18 2.38 -5.23 -6.18
CA ILE A 18 2.03 -4.23 -7.17
C ILE A 18 0.73 -3.52 -6.80
N LEU A 19 0.74 -2.19 -6.87
CA LEU A 19 -0.43 -1.39 -6.55
C LEU A 19 -1.01 -0.72 -7.79
N HIS A 20 -2.33 -0.68 -7.88
CA HIS A 20 -3.01 -0.05 -9.01
C HIS A 20 -4.19 0.79 -8.54
N ALA A 21 -4.30 2.00 -9.06
CA ALA A 21 -5.38 2.89 -8.70
C ALA A 21 -5.47 4.09 -9.64
N GLU A 22 -6.69 4.44 -10.02
CA GLU A 22 -6.92 5.57 -10.92
C GLU A 22 -7.21 6.84 -10.12
N CYS A 23 -6.23 7.74 -10.09
CA CYS A 23 -6.39 8.99 -9.35
C CYS A 23 -6.60 10.16 -10.30
N GLY A 24 -7.52 11.06 -9.93
CA GLY A 24 -7.79 12.22 -10.76
C GLY A 24 -6.73 13.29 -10.64
N ASN A 25 -6.85 14.32 -11.46
CA ASN A 25 -5.89 15.43 -11.44
C ASN A 25 -6.53 16.72 -10.93
N GLY A 26 -7.85 16.83 -11.11
CA GLY A 26 -8.55 18.02 -10.67
C GLY A 26 -9.21 18.77 -11.81
N GLU A 27 -9.37 18.11 -12.94
CA GLU A 27 -10.00 18.72 -14.11
C GLU A 27 -11.34 18.07 -14.41
N GLY A 28 -11.53 16.84 -13.95
CA GLY A 28 -12.77 16.13 -14.19
C GLY A 28 -12.57 14.73 -14.74
N ASP A 29 -11.30 14.35 -14.93
CA ASP A 29 -10.98 13.03 -15.45
C ASP A 29 -10.06 12.27 -14.50
N TYR A 30 -9.96 10.96 -14.69
CA TYR A 30 -9.11 10.13 -13.84
C TYR A 30 -7.89 9.65 -14.62
N VAL A 31 -6.84 9.28 -13.88
CA VAL A 31 -5.61 8.81 -14.49
C VAL A 31 -5.11 7.53 -13.82
N GLU A 32 -5.11 6.44 -14.58
CA GLU A 32 -4.65 5.16 -14.06
C GLU A 32 -3.17 5.21 -13.69
N SER A 33 -2.85 4.72 -12.50
CA SER A 33 -1.46 4.71 -12.03
C SER A 33 -1.19 3.46 -11.21
N THR A 34 0.10 3.18 -10.98
CA THR A 34 0.49 2.00 -10.21
C THR A 34 1.79 2.27 -9.45
N LEU A 35 1.91 1.65 -8.27
CA LEU A 35 3.10 1.82 -7.45
C LEU A 35 3.59 0.46 -6.94
N ASP A 36 4.91 0.29 -6.93
CA ASP A 36 5.52 -0.94 -6.47
C ASP A 36 5.90 -0.85 -5.00
N LEU A 37 5.38 -1.77 -4.20
CA LEU A 37 5.67 -1.79 -2.77
C LEU A 37 6.93 -2.59 -2.49
N ASP A 38 7.21 -3.55 -3.37
CA ASP A 38 8.40 -4.39 -3.21
C ASP A 38 9.66 -3.54 -3.17
N TYR A 39 9.53 -2.27 -3.53
CA TYR A 39 10.66 -1.35 -3.51
C TYR A 39 10.36 -0.07 -2.74
N TYR A 40 9.16 0.00 -2.15
CA TYR A 40 8.76 1.17 -1.38
C TYR A 40 8.48 0.81 0.08
N ILE A 41 8.14 -0.45 0.32
CA ILE A 41 7.85 -0.91 1.67
C ILE A 41 8.74 -2.11 2.04
N GLY A 42 9.14 -2.16 3.31
CA GLY A 42 9.98 -3.25 3.77
C GLY A 42 9.47 -3.88 5.05
N ASN A 43 10.17 -4.91 5.52
CA ASN A 43 9.78 -5.60 6.74
C ASN A 43 10.65 -5.17 7.92
N ASP A 44 10.05 -4.45 8.86
CA ASP A 44 10.76 -3.97 10.03
C ASP A 44 10.27 -4.68 11.30
N ASP A 45 11.00 -5.71 11.72
CA ASP A 45 10.64 -6.46 12.92
C ASP A 45 9.24 -7.06 12.78
N GLY A 46 9.01 -7.75 11.66
CA GLY A 46 7.71 -8.35 11.43
C GLY A 46 6.62 -7.33 11.25
N SER A 47 7.01 -6.09 10.95
CA SER A 47 6.04 -5.01 10.75
C SER A 47 6.30 -4.29 9.44
N PHE A 48 5.31 -3.54 8.97
CA PHE A 48 5.43 -2.79 7.73
C PHE A 48 6.19 -1.49 7.94
N SER A 49 7.01 -1.11 6.96
CA SER A 49 7.78 0.12 7.05
C SER A 49 7.64 0.94 5.78
N TRP A 50 7.24 2.20 5.94
CA TRP A 50 7.06 3.09 4.79
C TRP A 50 8.42 3.56 4.27
N GLY A 51 8.71 3.22 3.02
CA GLY A 51 9.97 3.61 2.42
C GLY A 51 10.98 2.47 2.39
N GLY A 52 10.50 1.26 2.64
CA GLY A 52 11.38 0.10 2.62
C GLY A 52 11.37 -0.60 1.29
N GLU A 53 11.55 -1.92 1.32
CA GLU A 53 11.56 -2.72 0.10
C GLU A 53 11.77 -4.20 0.40
N ASN A 54 11.32 -5.05 -0.51
CA ASN A 54 11.45 -6.50 -0.36
C ASN A 54 10.67 -6.99 0.86
N PHE A 55 9.60 -6.29 1.19
CA PHE A 55 8.76 -6.66 2.32
C PHE A 55 8.19 -8.06 2.13
N SER A 56 7.79 -8.37 0.91
CA SER A 56 7.21 -9.67 0.58
C SER A 56 8.28 -10.76 0.63
N GLY A 57 9.53 -10.37 0.43
CA GLY A 57 10.62 -11.33 0.45
C GLY A 57 10.61 -12.21 1.68
N SER A 58 10.03 -11.70 2.76
CA SER A 58 9.96 -12.43 4.01
C SER A 58 8.54 -12.43 4.57
N ALA A 59 7.56 -12.37 3.68
CA ALA A 59 6.15 -12.36 4.08
C ALA A 59 5.37 -13.43 3.34
N SER A 60 4.14 -13.70 3.80
CA SER A 60 3.30 -14.69 3.18
C SER A 60 1.86 -14.20 3.08
N ASN A 61 1.12 -14.75 2.11
CA ASN A 61 -0.28 -14.37 1.90
C ASN A 61 -0.50 -12.86 2.06
N ILE A 62 0.14 -12.08 1.20
CA ILE A 62 0.03 -10.63 1.25
C ILE A 62 -1.13 -10.14 0.40
N THR A 63 -2.15 -9.56 1.04
CA THR A 63 -3.31 -9.06 0.32
C THR A 63 -3.80 -7.75 0.93
N LEU A 64 -4.57 -6.99 0.16
CA LEU A 64 -5.10 -5.70 0.62
C LEU A 64 -6.58 -5.82 0.94
N ASP A 65 -6.96 -5.35 2.12
CA ASP A 65 -8.35 -5.39 2.55
C ASP A 65 -8.82 -4.03 3.04
N ILE A 66 -10.12 -3.78 2.94
CA ILE A 66 -10.71 -2.51 3.36
C ILE A 66 -10.98 -2.52 4.87
N GLU A 67 -10.80 -1.37 5.50
CA GLU A 67 -11.03 -1.24 6.94
C GLU A 67 -11.76 0.05 7.25
N GLY A 68 -12.61 0.02 8.27
CA GLY A 68 -13.36 1.20 8.66
C GLY A 68 -14.47 1.53 7.69
N ASP A 69 -15.38 2.40 8.11
CA ASP A 69 -16.50 2.80 7.26
C ASP A 69 -16.07 3.78 6.18
N ASP A 70 -14.82 4.24 6.26
CA ASP A 70 -14.28 5.18 5.28
C ASP A 70 -13.69 4.47 4.07
N ASN A 71 -13.55 3.14 4.17
CA ASN A 71 -13.00 2.34 3.09
C ASN A 71 -11.52 2.69 2.87
N ILE A 72 -10.68 2.22 3.77
CA ILE A 72 -9.25 2.47 3.68
C ILE A 72 -8.49 1.20 3.29
N PRO A 73 -7.80 1.22 2.14
CA PRO A 73 -7.03 0.06 1.66
C PRO A 73 -5.91 -0.32 2.63
N VAL A 74 -6.14 -1.37 3.41
CA VAL A 74 -5.15 -1.84 4.38
C VAL A 74 -4.50 -3.13 3.93
N LEU A 75 -3.17 -3.13 3.87
CA LEU A 75 -2.42 -4.31 3.46
C LEU A 75 -2.05 -5.17 4.66
N ARG A 76 -2.57 -6.39 4.70
CA ARG A 76 -2.29 -7.30 5.80
C ARG A 76 -1.56 -8.55 5.31
N ALA A 77 -0.49 -8.92 6.01
CA ALA A 77 0.29 -10.08 5.64
C ALA A 77 1.24 -10.49 6.78
N GLU A 78 1.53 -11.79 6.87
CA GLU A 78 2.42 -12.30 7.89
C GLU A 78 3.87 -11.99 7.54
N LEU A 79 4.51 -11.16 8.37
CA LEU A 79 5.90 -10.78 8.14
C LEU A 79 6.83 -11.54 9.07
N ASN A 80 8.03 -11.83 8.59
CA ASN A 80 9.03 -12.55 9.37
C ASN A 80 9.95 -11.58 10.10
N PRO A 81 9.79 -11.44 11.43
CA PRO A 81 10.62 -10.53 12.24
C PRO A 81 12.02 -11.08 12.47
N MET A 82 12.90 -10.21 12.96
CA MET A 82 14.28 -10.59 13.24
C MET A 82 14.37 -11.38 14.55
N ASP A 83 13.37 -11.20 15.42
CA ASP A 83 13.35 -11.89 16.70
C ASP A 83 13.07 -13.38 16.51
N GLY A 84 11.97 -13.69 15.82
CA GLY A 84 11.62 -15.07 15.58
C GLY A 84 10.12 -15.26 15.41
N ASP A 85 9.74 -16.23 14.58
CA ASP A 85 8.34 -16.51 14.32
C ASP A 85 7.65 -15.34 13.64
N PRO A 86 7.08 -15.55 12.44
CA PRO A 86 6.39 -14.48 11.70
C PRO A 86 5.30 -13.81 12.53
N VAL A 87 4.90 -12.62 12.11
CA VAL A 87 3.86 -11.87 12.82
C VAL A 87 2.90 -11.21 11.83
N GLU A 88 1.63 -11.14 12.22
CA GLU A 88 0.61 -10.53 11.37
C GLU A 88 0.83 -9.02 11.28
N ALA A 89 1.24 -8.55 10.11
CA ALA A 89 1.47 -7.13 9.90
C ALA A 89 0.35 -6.50 9.07
N ASN A 90 -0.03 -5.29 9.44
CA ASN A 90 -1.10 -4.57 8.73
C ASN A 90 -0.75 -3.10 8.55
N VAL A 91 -0.71 -2.65 7.31
CA VAL A 91 -0.39 -1.27 7.00
C VAL A 91 -1.40 -0.65 6.04
N ASN A 92 -1.88 0.53 6.38
CA ASN A 92 -2.85 1.23 5.55
C ASN A 92 -2.15 2.08 4.50
N LEU A 93 -2.22 1.64 3.25
CA LEU A 93 -1.59 2.36 2.14
C LEU A 93 -1.92 3.84 2.19
N SER A 94 -3.16 4.16 2.54
CA SER A 94 -3.62 5.53 2.63
C SER A 94 -2.81 6.33 3.66
N GLU A 95 -2.05 5.61 4.49
CA GLU A 95 -1.24 6.27 5.51
C GLU A 95 -0.21 7.22 4.90
N ARG A 96 0.49 6.74 3.87
CA ARG A 96 1.51 7.57 3.22
C ARG A 96 1.48 7.38 1.70
N ILE A 97 0.29 7.28 1.14
CA ILE A 97 0.16 7.11 -0.31
C ILE A 97 -0.74 8.19 -0.89
N GLY A 98 -0.17 9.01 -1.77
CA GLY A 98 -0.94 10.08 -2.37
C GLY A 98 -1.04 9.97 -3.88
N ASN A 99 -1.67 10.95 -4.50
CA ASN A 99 -1.84 10.97 -5.95
C ASN A 99 -1.50 12.34 -6.52
N ASP A 100 -0.33 12.45 -7.14
CA ASP A 100 0.11 13.71 -7.72
C ASP A 100 -0.28 13.79 -9.19
N CYS A 101 -1.13 14.77 -9.53
CA CYS A 101 -1.58 14.96 -10.90
C CYS A 101 -2.17 13.68 -11.47
N GLY A 102 -2.78 12.87 -10.59
CA GLY A 102 -3.38 11.62 -11.01
C GLY A 102 -2.42 10.45 -10.91
N THR A 103 -1.13 10.74 -10.77
CA THR A 103 -0.11 9.70 -10.67
C THR A 103 0.05 9.25 -9.22
N LEU A 104 0.34 7.97 -9.03
CA LEU A 104 0.53 7.41 -7.70
C LEU A 104 1.86 7.87 -7.09
N ILE A 105 1.80 8.40 -5.87
CA ILE A 105 2.99 8.87 -5.18
C ILE A 105 3.01 8.41 -3.73
N PHE A 106 4.12 8.67 -3.04
CA PHE A 106 4.26 8.29 -1.65
C PHE A 106 4.59 9.50 -0.77
N LEU A 107 3.97 9.57 0.39
CA LEU A 107 4.19 10.67 1.31
C LEU A 107 5.61 10.62 1.88
N ALA A 108 6.50 11.41 1.29
CA ALA A 108 7.89 11.46 1.74
C ALA A 108 8.26 12.85 2.26
N MET A 1 -1.51 13.26 4.21
CA MET A 1 -2.29 12.00 4.33
C MET A 1 -2.55 11.37 2.96
N GLY A 2 -2.62 10.04 2.93
CA GLY A 2 -2.86 9.35 1.68
C GLY A 2 -4.32 9.32 1.31
N ASN A 3 -4.88 10.50 1.11
CA ASN A 3 -6.27 10.66 0.73
C ASN A 3 -6.53 10.02 -0.63
N PHE A 4 -5.46 9.72 -1.37
CA PHE A 4 -5.58 9.14 -2.70
C PHE A 4 -6.60 8.00 -2.71
N HIS A 5 -6.68 7.27 -1.61
CA HIS A 5 -7.63 6.16 -1.50
C HIS A 5 -9.06 6.66 -1.63
N GLU A 6 -9.31 7.86 -1.11
CA GLU A 6 -10.64 8.45 -1.16
C GLU A 6 -10.90 9.09 -2.52
N SER A 7 -9.84 9.46 -3.22
CA SER A 7 -9.96 10.09 -4.53
C SER A 7 -9.48 9.16 -5.65
N SER A 8 -9.32 7.88 -5.32
CA SER A 8 -8.88 6.89 -6.31
C SER A 8 -9.83 5.71 -6.38
N ASN A 9 -9.86 5.06 -7.53
CA ASN A 9 -10.73 3.90 -7.74
C ASN A 9 -9.90 2.67 -8.11
N ASN A 10 -10.49 1.50 -7.92
CA ASN A 10 -9.82 0.24 -8.22
C ASN A 10 -8.55 0.08 -7.38
N ILE A 11 -8.72 0.13 -6.06
CA ILE A 11 -7.59 -0.02 -5.14
C ILE A 11 -7.43 -1.48 -4.73
N TRP A 12 -6.29 -2.06 -5.09
CA TRP A 12 -6.02 -3.46 -4.75
C TRP A 12 -4.53 -3.78 -4.90
N LEU A 13 -4.19 -5.06 -4.75
CA LEU A 13 -2.81 -5.49 -4.86
C LEU A 13 -2.68 -6.69 -5.80
N GLU A 14 -1.54 -6.79 -6.47
CA GLU A 14 -1.28 -7.90 -7.39
C GLU A 14 -0.04 -8.68 -6.97
N ASP A 15 -0.23 -9.93 -6.61
CA ASP A 15 0.86 -10.80 -6.18
C ASP A 15 1.49 -10.29 -4.87
N GLY A 16 0.80 -9.37 -4.20
CA GLY A 16 1.30 -8.85 -2.94
C GLY A 16 2.55 -8.01 -3.10
N HIS A 17 2.51 -7.00 -3.97
CA HIS A 17 3.66 -6.13 -4.18
C HIS A 17 3.33 -5.00 -5.16
N ILE A 18 2.48 -5.29 -6.13
CA ILE A 18 2.10 -4.27 -7.12
C ILE A 18 0.77 -3.61 -6.75
N LEU A 19 0.75 -2.29 -6.80
CA LEU A 19 -0.44 -1.52 -6.47
C LEU A 19 -1.01 -0.85 -7.71
N HIS A 20 -2.34 -0.89 -7.85
CA HIS A 20 -3.00 -0.27 -9.00
C HIS A 20 -4.24 0.50 -8.56
N ALA A 21 -4.40 1.70 -9.09
CA ALA A 21 -5.54 2.55 -8.76
C ALA A 21 -5.60 3.74 -9.71
N GLU A 22 -6.82 4.17 -10.03
CA GLU A 22 -7.01 5.31 -10.91
C GLU A 22 -7.37 6.56 -10.13
N CYS A 23 -6.44 7.50 -10.07
CA CYS A 23 -6.66 8.75 -9.35
C CYS A 23 -6.92 9.90 -10.31
N GLY A 24 -7.69 10.89 -9.84
CA GLY A 24 -8.02 12.03 -10.68
C GLY A 24 -7.02 13.16 -10.51
N ASN A 25 -7.10 14.15 -11.39
CA ASN A 25 -6.20 15.31 -11.34
C ASN A 25 -6.94 16.55 -10.88
N GLY A 26 -8.24 16.61 -11.17
CA GLY A 26 -9.03 17.75 -10.77
C GLY A 26 -9.77 18.37 -11.95
N GLU A 27 -9.27 18.12 -13.15
CA GLU A 27 -9.89 18.67 -14.36
C GLU A 27 -11.24 18.00 -14.62
N GLY A 28 -11.40 16.77 -14.15
CA GLY A 28 -12.64 16.05 -14.34
C GLY A 28 -12.43 14.64 -14.87
N ASP A 29 -11.17 14.28 -15.13
CA ASP A 29 -10.85 12.95 -15.65
C ASP A 29 -9.97 12.19 -14.65
N TYR A 30 -9.94 10.88 -14.79
CA TYR A 30 -9.14 10.03 -13.91
C TYR A 30 -7.90 9.51 -14.63
N VAL A 31 -6.89 9.13 -13.87
CA VAL A 31 -5.65 8.61 -14.44
C VAL A 31 -5.19 7.34 -13.73
N GLU A 32 -5.05 6.26 -14.50
CA GLU A 32 -4.61 4.98 -13.95
C GLU A 32 -3.13 5.03 -13.59
N SER A 33 -2.82 4.63 -12.36
CA SER A 33 -1.44 4.62 -11.89
C SER A 33 -1.16 3.37 -11.08
N THR A 34 0.13 3.13 -10.80
CA THR A 34 0.53 1.95 -10.03
C THR A 34 1.80 2.25 -9.24
N LEU A 35 1.93 1.61 -8.08
CA LEU A 35 3.10 1.79 -7.22
C LEU A 35 3.62 0.46 -6.73
N ASP A 36 4.94 0.30 -6.73
CA ASP A 36 5.58 -0.92 -6.27
C ASP A 36 5.98 -0.81 -4.82
N LEU A 37 5.50 -1.74 -4.01
CA LEU A 37 5.81 -1.75 -2.58
C LEU A 37 7.07 -2.54 -2.31
N ASP A 38 7.36 -3.50 -3.19
CA ASP A 38 8.55 -4.33 -3.05
C ASP A 38 9.80 -3.46 -3.04
N TYR A 39 9.65 -2.19 -3.40
CA TYR A 39 10.78 -1.27 -3.41
C TYR A 39 10.48 0.01 -2.63
N TYR A 40 9.29 0.09 -2.04
CA TYR A 40 8.89 1.26 -1.26
C TYR A 40 8.62 0.88 0.20
N ILE A 41 8.28 -0.39 0.43
CA ILE A 41 8.00 -0.86 1.78
C ILE A 41 8.88 -2.06 2.14
N GLY A 42 9.29 -2.12 3.40
CA GLY A 42 10.14 -3.23 3.85
C GLY A 42 9.60 -3.87 5.11
N ASN A 43 10.30 -4.91 5.57
CA ASN A 43 9.89 -5.62 6.78
C ASN A 43 10.77 -5.23 7.96
N ASP A 44 10.17 -4.51 8.91
CA ASP A 44 10.89 -4.07 10.11
C ASP A 44 10.37 -4.79 11.35
N ASP A 45 11.06 -5.84 11.76
CA ASP A 45 10.67 -6.60 12.93
C ASP A 45 9.29 -7.21 12.74
N GLY A 46 9.06 -7.79 11.56
CA GLY A 46 7.78 -8.40 11.27
C GLY A 46 6.67 -7.38 11.12
N SER A 47 7.04 -6.12 10.88
CA SER A 47 6.08 -5.05 10.72
C SER A 47 6.32 -4.27 9.42
N PHE A 48 5.30 -3.58 8.95
CA PHE A 48 5.40 -2.79 7.72
C PHE A 48 6.14 -1.48 7.98
N SER A 49 6.98 -1.08 7.03
CA SER A 49 7.74 0.16 7.15
C SER A 49 7.63 0.99 5.88
N TRP A 50 7.26 2.26 6.05
CA TRP A 50 7.12 3.17 4.91
C TRP A 50 8.49 3.64 4.43
N GLY A 51 8.81 3.30 3.18
CA GLY A 51 10.09 3.69 2.62
C GLY A 51 11.08 2.55 2.56
N GLY A 52 10.60 1.34 2.81
CA GLY A 52 11.47 0.18 2.78
C GLY A 52 11.45 -0.53 1.43
N GLU A 53 11.68 -1.84 1.45
CA GLU A 53 11.68 -2.62 0.22
C GLU A 53 11.93 -4.09 0.51
N ASN A 54 11.49 -4.96 -0.40
CA ASN A 54 11.66 -6.40 -0.25
C ASN A 54 10.85 -6.92 0.93
N PHE A 55 9.77 -6.22 1.25
CA PHE A 55 8.91 -6.63 2.36
C PHE A 55 8.35 -8.03 2.13
N SER A 56 7.91 -8.28 0.90
CA SER A 56 7.35 -9.59 0.54
C SER A 56 8.41 -10.68 0.66
N GLY A 57 9.68 -10.28 0.69
CA GLY A 57 10.76 -11.24 0.81
C GLY A 57 10.51 -12.27 1.89
N SER A 58 9.99 -11.81 3.03
CA SER A 58 9.70 -12.69 4.15
C SER A 58 8.23 -12.61 4.54
N ALA A 59 7.37 -12.38 3.55
CA ALA A 59 5.94 -12.28 3.80
C ALA A 59 5.18 -13.34 3.01
N SER A 60 3.97 -13.64 3.45
CA SER A 60 3.14 -14.64 2.77
C SER A 60 1.70 -14.15 2.63
N ASN A 61 1.04 -14.62 1.57
CA ASN A 61 -0.34 -14.25 1.29
C ASN A 61 -0.61 -12.77 1.58
N ILE A 62 0.10 -11.90 0.87
CA ILE A 62 -0.05 -10.46 1.05
C ILE A 62 -1.22 -9.94 0.23
N THR A 63 -2.21 -9.35 0.89
CA THR A 63 -3.38 -8.83 0.20
C THR A 63 -3.87 -7.54 0.85
N LEU A 64 -4.61 -6.74 0.09
CA LEU A 64 -5.14 -5.47 0.58
C LEU A 64 -6.64 -5.58 0.82
N ASP A 65 -7.08 -5.16 2.00
CA ASP A 65 -8.49 -5.21 2.36
C ASP A 65 -8.97 -3.86 2.88
N ILE A 66 -10.26 -3.59 2.74
CA ILE A 66 -10.85 -2.34 3.19
C ILE A 66 -11.21 -2.43 4.67
N GLU A 67 -11.02 -1.33 5.38
CA GLU A 67 -11.33 -1.28 6.82
C GLU A 67 -11.77 0.12 7.22
N GLY A 68 -12.81 0.18 8.06
CA GLY A 68 -13.31 1.46 8.52
C GLY A 68 -14.53 1.92 7.74
N ASP A 69 -15.14 3.00 8.18
CA ASP A 69 -16.33 3.54 7.53
C ASP A 69 -15.94 4.41 6.33
N ASP A 70 -14.69 4.86 6.29
CA ASP A 70 -14.21 5.68 5.21
C ASP A 70 -13.63 4.84 4.07
N ASN A 71 -13.56 3.53 4.28
CA ASN A 71 -13.02 2.63 3.26
C ASN A 71 -11.55 2.90 3.02
N ILE A 72 -10.72 2.45 3.94
CA ILE A 72 -9.28 2.65 3.84
C ILE A 72 -8.58 1.36 3.43
N PRO A 73 -7.91 1.37 2.25
CA PRO A 73 -7.20 0.18 1.75
C PRO A 73 -6.04 -0.22 2.66
N VAL A 74 -6.25 -1.26 3.46
CA VAL A 74 -5.22 -1.74 4.37
C VAL A 74 -4.57 -3.02 3.86
N LEU A 75 -3.24 -3.05 3.86
CA LEU A 75 -2.49 -4.21 3.40
C LEU A 75 -2.10 -5.09 4.57
N ARG A 76 -2.62 -6.31 4.60
CA ARG A 76 -2.33 -7.25 5.67
C ARG A 76 -1.55 -8.45 5.15
N ALA A 77 -0.50 -8.83 5.87
CA ALA A 77 0.33 -9.97 5.49
C ALA A 77 1.25 -10.39 6.63
N GLU A 78 1.49 -11.69 6.74
CA GLU A 78 2.35 -12.23 7.79
C GLU A 78 3.82 -11.96 7.47
N LEU A 79 4.44 -11.11 8.28
CA LEU A 79 5.85 -10.76 8.08
C LEU A 79 6.75 -11.54 9.02
N ASN A 80 7.97 -11.82 8.55
CA ASN A 80 8.94 -12.56 9.35
C ASN A 80 9.88 -11.60 10.07
N PRO A 81 9.76 -11.47 11.40
CA PRO A 81 10.60 -10.57 12.19
C PRO A 81 12.01 -11.11 12.36
N MET A 82 12.93 -10.24 12.76
CA MET A 82 14.32 -10.64 12.95
C MET A 82 14.49 -11.50 14.21
N ASP A 83 13.54 -11.37 15.14
CA ASP A 83 13.58 -12.14 16.37
C ASP A 83 13.15 -13.58 16.14
N GLY A 84 12.13 -13.76 15.30
CA GLY A 84 11.63 -15.08 15.00
C GLY A 84 10.12 -15.16 15.03
N ASP A 85 9.57 -16.21 14.41
CA ASP A 85 8.12 -16.39 14.36
C ASP A 85 7.45 -15.23 13.64
N PRO A 86 6.88 -15.47 12.44
CA PRO A 86 6.21 -14.43 11.66
C PRO A 86 4.95 -13.91 12.35
N VAL A 87 4.72 -12.61 12.23
CA VAL A 87 3.55 -12.00 12.84
C VAL A 87 2.69 -11.28 11.80
N GLU A 88 1.38 -11.30 12.01
CA GLU A 88 0.45 -10.65 11.09
C GLU A 88 0.66 -9.14 11.08
N ALA A 89 1.11 -8.61 9.94
CA ALA A 89 1.34 -7.18 9.81
C ALA A 89 0.25 -6.53 8.97
N ASN A 90 -0.14 -5.32 9.34
CA ASN A 90 -1.17 -4.59 8.62
C ASN A 90 -0.80 -3.12 8.48
N VAL A 91 -0.73 -2.64 7.24
CA VAL A 91 -0.40 -1.25 6.97
C VAL A 91 -1.41 -0.61 6.01
N ASN A 92 -1.88 0.57 6.37
CA ASN A 92 -2.84 1.28 5.54
C ASN A 92 -2.11 2.15 4.51
N LEU A 93 -2.17 1.73 3.25
CA LEU A 93 -1.52 2.46 2.17
C LEU A 93 -1.86 3.94 2.22
N SER A 94 -3.12 4.23 2.56
CA SER A 94 -3.58 5.61 2.66
C SER A 94 -2.78 6.41 3.69
N GLU A 95 -2.02 5.70 4.52
CA GLU A 95 -1.21 6.34 5.55
C GLU A 95 -0.18 7.28 4.94
N ARG A 96 0.52 6.80 3.91
CA ARG A 96 1.54 7.60 3.24
C ARG A 96 1.52 7.42 1.73
N ILE A 97 0.32 7.31 1.16
CA ILE A 97 0.18 7.14 -0.27
C ILE A 97 -0.72 8.21 -0.85
N GLY A 98 -0.17 9.03 -1.75
CA GLY A 98 -0.95 10.10 -2.36
C GLY A 98 -1.05 9.96 -3.86
N ASN A 99 -1.74 10.91 -4.48
CA ASN A 99 -1.92 10.90 -5.94
C ASN A 99 -1.60 12.28 -6.52
N ASP A 100 -0.43 12.39 -7.13
CA ASP A 100 0.00 13.65 -7.73
C ASP A 100 -0.41 13.72 -9.20
N CYS A 101 -1.27 14.69 -9.52
CA CYS A 101 -1.74 14.87 -10.89
C CYS A 101 -2.33 13.57 -11.44
N GLY A 102 -2.89 12.76 -10.55
CA GLY A 102 -3.48 11.50 -10.97
C GLY A 102 -2.50 10.34 -10.85
N THR A 103 -1.21 10.65 -10.74
CA THR A 103 -0.18 9.63 -10.62
C THR A 103 0.01 9.20 -9.16
N LEU A 104 0.32 7.93 -8.96
CA LEU A 104 0.53 7.40 -7.61
C LEU A 104 1.85 7.89 -7.03
N ILE A 105 1.81 8.39 -5.81
CA ILE A 105 3.00 8.88 -5.13
C ILE A 105 3.03 8.43 -3.68
N PHE A 106 4.15 8.73 -3.00
CA PHE A 106 4.30 8.36 -1.60
C PHE A 106 4.61 9.59 -0.75
N LEU A 107 4.00 9.66 0.43
CA LEU A 107 4.19 10.79 1.34
C LEU A 107 5.62 10.79 1.89
N ALA A 108 6.45 11.68 1.35
CA ALA A 108 7.83 11.78 1.80
C ALA A 108 8.14 13.19 2.29
N MET A 1 -1.99 13.23 4.37
CA MET A 1 -2.26 11.77 4.43
C MET A 1 -2.49 11.20 3.03
N GLY A 2 -2.71 9.90 2.95
CA GLY A 2 -2.94 9.26 1.67
C GLY A 2 -4.40 9.29 1.26
N ASN A 3 -4.90 10.49 1.07
CA ASN A 3 -6.27 10.71 0.65
C ASN A 3 -6.52 10.09 -0.72
N PHE A 4 -5.45 9.75 -1.44
CA PHE A 4 -5.56 9.19 -2.78
C PHE A 4 -6.62 8.10 -2.83
N HIS A 5 -6.77 7.36 -1.73
CA HIS A 5 -7.75 6.30 -1.66
C HIS A 5 -9.17 6.85 -1.81
N GLU A 6 -9.39 8.05 -1.27
CA GLU A 6 -10.70 8.68 -1.35
C GLU A 6 -10.92 9.34 -2.71
N SER A 7 -9.83 9.68 -3.39
CA SER A 7 -9.91 10.31 -4.70
C SER A 7 -9.46 9.36 -5.80
N SER A 8 -9.42 8.07 -5.50
CA SER A 8 -9.01 7.07 -6.48
C SER A 8 -10.03 5.92 -6.55
N ASN A 9 -10.04 5.22 -7.67
CA ASN A 9 -10.96 4.10 -7.86
C ASN A 9 -10.18 2.82 -8.18
N ASN A 10 -10.83 1.69 -7.96
CA ASN A 10 -10.22 0.39 -8.22
C ASN A 10 -8.92 0.24 -7.41
N ILE A 11 -9.04 0.31 -6.09
CA ILE A 11 -7.87 0.18 -5.21
C ILE A 11 -7.71 -1.26 -4.75
N TRP A 12 -6.60 -1.88 -5.12
CA TRP A 12 -6.32 -3.26 -4.75
C TRP A 12 -4.84 -3.59 -4.91
N LEU A 13 -4.48 -4.85 -4.72
CA LEU A 13 -3.10 -5.28 -4.85
C LEU A 13 -2.99 -6.52 -5.72
N GLU A 14 -1.87 -6.62 -6.44
CA GLU A 14 -1.63 -7.77 -7.32
C GLU A 14 -0.39 -8.54 -6.87
N ASP A 15 -0.59 -9.80 -6.53
CA ASP A 15 0.51 -10.66 -6.08
C ASP A 15 1.15 -10.12 -4.80
N GLY A 16 0.44 -9.22 -4.11
CA GLY A 16 0.94 -8.64 -2.88
C GLY A 16 2.24 -7.87 -3.06
N HIS A 17 2.22 -6.88 -3.95
CA HIS A 17 3.40 -6.06 -4.20
C HIS A 17 3.09 -4.92 -5.18
N ILE A 18 2.20 -5.19 -6.13
CA ILE A 18 1.83 -4.19 -7.12
C ILE A 18 0.53 -3.49 -6.74
N LEU A 19 0.53 -2.17 -6.79
CA LEU A 19 -0.66 -1.38 -6.44
C LEU A 19 -1.23 -0.70 -7.68
N HIS A 20 -2.56 -0.73 -7.79
CA HIS A 20 -3.23 -0.10 -8.92
C HIS A 20 -4.40 0.76 -8.45
N ALA A 21 -4.52 1.97 -9.00
CA ALA A 21 -5.58 2.88 -8.63
C ALA A 21 -5.71 4.02 -9.63
N GLU A 22 -6.94 4.45 -9.87
CA GLU A 22 -7.20 5.54 -10.81
C GLU A 22 -7.38 6.86 -10.08
N CYS A 23 -6.32 7.66 -10.02
CA CYS A 23 -6.37 8.94 -9.34
C CYS A 23 -6.52 10.08 -10.34
N GLY A 24 -7.46 10.98 -10.06
CA GLY A 24 -7.69 12.10 -10.95
C GLY A 24 -6.67 13.21 -10.76
N ASN A 25 -6.83 14.30 -11.51
CA ASN A 25 -5.91 15.42 -11.42
C ASN A 25 -6.63 16.66 -10.88
N GLY A 26 -7.87 16.84 -11.31
CA GLY A 26 -8.65 17.98 -10.88
C GLY A 26 -9.64 18.44 -11.93
N GLU A 27 -9.30 18.18 -13.19
CA GLU A 27 -10.16 18.56 -14.30
C GLU A 27 -11.47 17.80 -14.26
N GLY A 28 -11.44 16.59 -13.71
CA GLY A 28 -12.63 15.78 -13.62
C GLY A 28 -12.43 14.38 -14.18
N ASP A 29 -11.25 14.12 -14.74
CA ASP A 29 -10.95 12.82 -15.31
C ASP A 29 -10.03 12.02 -14.39
N TYR A 30 -9.91 10.73 -14.65
CA TYR A 30 -9.07 9.85 -13.84
C TYR A 30 -7.79 9.47 -14.60
N VAL A 31 -6.77 9.08 -13.86
CA VAL A 31 -5.50 8.70 -14.45
C VAL A 31 -4.99 7.38 -13.87
N GLU A 32 -4.78 6.40 -14.74
CA GLU A 32 -4.29 5.10 -14.32
C GLU A 32 -2.85 5.19 -13.81
N SER A 33 -2.64 4.73 -12.58
CA SER A 33 -1.31 4.76 -11.98
C SER A 33 -1.09 3.54 -11.09
N THR A 34 0.16 3.17 -10.88
CA THR A 34 0.50 2.03 -10.05
C THR A 34 1.78 2.27 -9.25
N LEU A 35 1.85 1.71 -8.06
CA LEU A 35 3.02 1.86 -7.20
C LEU A 35 3.52 0.51 -6.72
N ASP A 36 4.83 0.32 -6.75
CA ASP A 36 5.44 -0.93 -6.30
C ASP A 36 5.87 -0.83 -4.85
N LEU A 37 5.37 -1.74 -4.04
CA LEU A 37 5.71 -1.76 -2.62
C LEU A 37 6.96 -2.59 -2.37
N ASP A 38 7.18 -3.57 -3.25
CA ASP A 38 8.34 -4.44 -3.14
C ASP A 38 9.63 -3.61 -3.15
N TYR A 39 9.51 -2.34 -3.53
CA TYR A 39 10.67 -1.46 -3.58
C TYR A 39 10.43 -0.17 -2.79
N TYR A 40 9.26 -0.05 -2.17
CA TYR A 40 8.92 1.14 -1.40
C TYR A 40 8.65 0.79 0.07
N ILE A 41 8.31 -0.47 0.33
CA ILE A 41 8.03 -0.92 1.69
C ILE A 41 8.88 -2.13 2.06
N GLY A 42 9.33 -2.16 3.30
CA GLY A 42 10.16 -3.26 3.77
C GLY A 42 9.64 -3.88 5.04
N ASN A 43 10.32 -4.92 5.51
CA ASN A 43 9.93 -5.61 6.74
C ASN A 43 10.83 -5.22 7.90
N ASP A 44 10.27 -4.49 8.86
CA ASP A 44 11.03 -4.04 10.02
C ASP A 44 10.54 -4.74 11.28
N ASP A 45 11.24 -5.79 11.70
CA ASP A 45 10.86 -6.53 12.90
C ASP A 45 9.48 -7.14 12.75
N GLY A 46 9.21 -7.72 11.58
CA GLY A 46 7.91 -8.32 11.32
C GLY A 46 6.81 -7.29 11.18
N SER A 47 7.19 -6.04 10.92
CA SER A 47 6.21 -4.97 10.76
C SER A 47 6.45 -4.21 9.45
N PHE A 48 5.39 -3.59 8.93
CA PHE A 48 5.49 -2.84 7.69
C PHE A 48 6.24 -1.53 7.91
N SER A 49 7.07 -1.16 6.94
CA SER A 49 7.85 0.07 7.03
C SER A 49 7.73 0.90 5.76
N TRP A 50 7.33 2.16 5.91
CA TRP A 50 7.17 3.05 4.77
C TRP A 50 8.53 3.54 4.28
N GLY A 51 8.85 3.19 3.03
CA GLY A 51 10.13 3.62 2.46
C GLY A 51 11.13 2.47 2.38
N GLY A 52 10.66 1.25 2.64
CA GLY A 52 11.55 0.10 2.59
C GLY A 52 11.48 -0.62 1.27
N GLU A 53 11.66 -1.93 1.30
CA GLU A 53 11.61 -2.74 0.08
C GLU A 53 11.85 -4.22 0.39
N ASN A 54 11.41 -5.08 -0.51
CA ASN A 54 11.57 -6.52 -0.34
C ASN A 54 10.78 -7.02 0.88
N PHE A 55 9.70 -6.31 1.20
CA PHE A 55 8.87 -6.68 2.34
C PHE A 55 8.28 -8.08 2.14
N SER A 56 7.85 -8.36 0.92
CA SER A 56 7.27 -9.66 0.60
C SER A 56 8.33 -10.76 0.67
N GLY A 57 9.59 -10.39 0.48
CA GLY A 57 10.67 -11.36 0.53
C GLY A 57 10.62 -12.23 1.78
N SER A 58 10.03 -11.69 2.85
CA SER A 58 9.93 -12.42 4.11
C SER A 58 8.48 -12.45 4.60
N ALA A 59 7.54 -12.32 3.67
CA ALA A 59 6.13 -12.33 4.02
C ALA A 59 5.38 -13.40 3.21
N SER A 60 4.14 -13.66 3.60
CA SER A 60 3.32 -14.66 2.92
C SER A 60 1.88 -14.18 2.76
N ASN A 61 1.21 -14.66 1.72
CA ASN A 61 -0.18 -14.30 1.44
C ASN A 61 -0.44 -12.82 1.72
N ILE A 62 0.25 -11.95 0.98
CA ILE A 62 0.10 -10.51 1.14
C ILE A 62 -1.03 -9.98 0.27
N THR A 63 -2.08 -9.46 0.90
CA THR A 63 -3.22 -8.92 0.17
C THR A 63 -3.73 -7.64 0.82
N LEU A 64 -4.44 -6.83 0.03
CA LEU A 64 -4.98 -5.57 0.52
C LEU A 64 -6.49 -5.67 0.70
N ASP A 65 -6.97 -5.29 1.89
CA ASP A 65 -8.39 -5.33 2.19
C ASP A 65 -8.88 -4.00 2.73
N ILE A 66 -10.18 -3.72 2.55
CA ILE A 66 -10.77 -2.47 3.01
C ILE A 66 -11.19 -2.60 4.48
N GLU A 67 -11.06 -1.51 5.22
CA GLU A 67 -11.43 -1.50 6.63
C GLU A 67 -11.82 -0.09 7.08
N GLY A 68 -12.98 0.01 7.73
CA GLY A 68 -13.45 1.30 8.20
C GLY A 68 -14.60 1.83 7.37
N ASP A 69 -15.36 2.76 7.95
CA ASP A 69 -16.50 3.36 7.25
C ASP A 69 -16.05 4.27 6.11
N ASP A 70 -14.76 4.59 6.08
CA ASP A 70 -14.21 5.45 5.05
C ASP A 70 -13.61 4.65 3.90
N ASN A 71 -13.49 3.33 4.09
CA ASN A 71 -12.92 2.45 3.07
C ASN A 71 -11.45 2.76 2.86
N ILE A 72 -10.62 2.26 3.78
CA ILE A 72 -9.18 2.49 3.70
C ILE A 72 -8.43 1.20 3.35
N PRO A 73 -7.78 1.15 2.18
CA PRO A 73 -7.03 -0.03 1.75
C PRO A 73 -5.94 -0.43 2.74
N VAL A 74 -6.22 -1.47 3.53
CA VAL A 74 -5.26 -1.94 4.53
C VAL A 74 -4.60 -3.22 4.08
N LEU A 75 -3.28 -3.18 3.91
CA LEU A 75 -2.51 -4.34 3.48
C LEU A 75 -2.11 -5.19 4.68
N ARG A 76 -2.60 -6.42 4.71
CA ARG A 76 -2.29 -7.34 5.81
C ARG A 76 -1.56 -8.57 5.31
N ALA A 77 -0.47 -8.93 5.98
CA ALA A 77 0.32 -10.10 5.60
C ALA A 77 1.29 -10.49 6.70
N GLU A 78 1.48 -11.79 6.89
CA GLU A 78 2.40 -12.28 7.91
C GLU A 78 3.84 -11.95 7.54
N LEU A 79 4.51 -11.22 8.43
CA LEU A 79 5.90 -10.83 8.19
C LEU A 79 6.85 -11.61 9.10
N ASN A 80 8.07 -11.83 8.62
CA ASN A 80 9.08 -12.55 9.39
C ASN A 80 9.99 -11.58 10.13
N PRO A 81 9.82 -11.43 11.46
CA PRO A 81 10.64 -10.53 12.27
C PRO A 81 12.03 -11.07 12.53
N MET A 82 12.92 -10.20 12.99
CA MET A 82 14.29 -10.59 13.29
C MET A 82 14.37 -11.36 14.60
N ASP A 83 13.38 -11.17 15.46
CA ASP A 83 13.34 -11.84 16.75
C ASP A 83 13.00 -13.32 16.58
N GLY A 84 11.99 -13.60 15.76
CA GLY A 84 11.58 -14.97 15.51
C GLY A 84 10.08 -15.14 15.47
N ASP A 85 9.62 -16.18 14.79
CA ASP A 85 8.19 -16.44 14.65
C ASP A 85 7.49 -15.31 13.91
N PRO A 86 7.07 -15.55 12.66
CA PRO A 86 6.38 -14.53 11.85
C PRO A 86 5.21 -13.90 12.58
N VAL A 87 4.96 -12.63 12.30
CA VAL A 87 3.87 -11.91 12.94
C VAL A 87 2.98 -11.22 11.91
N GLU A 88 1.67 -11.26 12.14
CA GLU A 88 0.72 -10.64 11.22
C GLU A 88 0.90 -9.13 11.20
N ALA A 89 1.31 -8.61 10.05
CA ALA A 89 1.52 -7.17 9.90
C ALA A 89 0.39 -6.55 9.07
N ASN A 90 0.01 -5.32 9.43
CA ASN A 90 -1.05 -4.62 8.73
C ASN A 90 -0.69 -3.15 8.53
N VAL A 91 -0.66 -2.71 7.29
CA VAL A 91 -0.34 -1.32 6.97
C VAL A 91 -1.35 -0.71 6.01
N ASN A 92 -1.85 0.47 6.35
CA ASN A 92 -2.83 1.15 5.52
C ASN A 92 -2.13 2.01 4.47
N LEU A 93 -2.19 1.57 3.21
CA LEU A 93 -1.56 2.30 2.11
C LEU A 93 -1.90 3.78 2.17
N SER A 94 -3.15 4.08 2.51
CA SER A 94 -3.61 5.47 2.61
C SER A 94 -2.80 6.25 3.64
N GLU A 95 -2.04 5.53 4.47
CA GLU A 95 -1.24 6.18 5.51
C GLU A 95 -0.21 7.14 4.89
N ARG A 96 0.48 6.68 3.86
CA ARG A 96 1.50 7.49 3.20
C ARG A 96 1.47 7.31 1.69
N ILE A 97 0.27 7.23 1.13
CA ILE A 97 0.12 7.07 -0.32
C ILE A 97 -0.77 8.17 -0.88
N GLY A 98 -0.22 8.99 -1.76
CA GLY A 98 -0.98 10.07 -2.36
C GLY A 98 -1.10 9.95 -3.86
N ASN A 99 -1.71 10.96 -4.48
CA ASN A 99 -1.89 10.98 -5.93
C ASN A 99 -1.55 12.36 -6.49
N ASP A 100 -0.37 12.48 -7.09
CA ASP A 100 0.06 13.74 -7.67
C ASP A 100 -0.33 13.83 -9.15
N CYS A 101 -1.18 14.80 -9.47
CA CYS A 101 -1.63 15.00 -10.84
C CYS A 101 -2.21 13.71 -11.41
N GLY A 102 -2.79 12.89 -10.54
CA GLY A 102 -3.37 11.64 -10.97
C GLY A 102 -2.41 10.48 -10.88
N THR A 103 -1.12 10.78 -10.73
CA THR A 103 -0.09 9.75 -10.62
C THR A 103 0.06 9.30 -9.17
N LEU A 104 0.38 8.02 -8.99
CA LEU A 104 0.57 7.47 -7.66
C LEU A 104 1.88 7.95 -7.04
N ILE A 105 1.79 8.47 -5.82
CA ILE A 105 2.97 8.97 -5.12
C ILE A 105 2.98 8.51 -3.66
N PHE A 106 4.08 8.77 -2.98
CA PHE A 106 4.22 8.37 -1.58
C PHE A 106 4.55 9.59 -0.71
N LEU A 107 3.92 9.66 0.46
CA LEU A 107 4.15 10.76 1.38
C LEU A 107 5.56 10.72 1.95
N ALA A 108 6.45 11.51 1.38
CA ALA A 108 7.84 11.55 1.83
C ALA A 108 8.21 12.95 2.34
#